data_9BRW
#
_entry.id   9BRW
#
_cell.length_a   98.825
_cell.length_b   119.858
_cell.length_c   125.390
_cell.angle_alpha   90.00
_cell.angle_beta   90.00
_cell.angle_gamma   90.00
#
_symmetry.space_group_name_H-M   'P 21 21 21'
#
loop_
_entity.id
_entity.type
_entity.pdbx_description
1 polymer 'Papain-like protease nsp3'
2 non-polymer N-(2-chlorophenyl)-1-methyl-1H-pyrazolo[3,4-d]pyrimidin-4-amine
3 non-polymer 'ZINC ION'
4 non-polymer 'CHLORIDE ION'
5 water water
#
_entity_poly.entity_id   1
_entity_poly.type   'polypeptide(L)'
_entity_poly.pdbx_seq_one_letter_code
;MREVRTIKVFTTVDNINLHTQVVDMSMTYGQQFGPTYLDGADVTKIKPHNSHEGKTFYVLPNDDTLRVEAFEYYHTTDPS
FLGRYMSALNHTKKWKYPQVNGLTSIKWADNNSYLATALLTLQQIELKFNPPALQDAYYRARAGEAANFCALILAYCNKT
VGELGDVRETMSYLFQHANLDSCKRVLNVVCKTCGQQQTTLKGVEAVMYMGTLSYEQFKKGVQIPCTCGKQATKYLVQQE
SPFVMMSAPPAQYELKHGTFTCASEYTGNYQSGHYKHITSKETLYCIDGALLTKSSEYKGPITDVFYKENSYTTTIKPLE
HHH
;
_entity_poly.pdbx_strand_id   A,B,C,D
#
loop_
_chem_comp.id
_chem_comp.type
_chem_comp.name
_chem_comp.formula
A1ARL non-polymer N-(2-chlorophenyl)-1-methyl-1H-pyrazolo[3,4-d]pyrimidin-4-amine 'C12 H10 Cl N5'
CL non-polymer 'CHLORIDE ION' 'Cl -1'
ZN non-polymer 'ZINC ION' 'Zn 2'
#
# COMPACT_ATOMS: atom_id res chain seq x y z
N ARG A 2 12.15 -28.38 -38.16
CA ARG A 2 12.63 -29.78 -38.05
C ARG A 2 13.54 -29.94 -36.83
N GLU A 3 14.34 -28.92 -36.48
CA GLU A 3 14.93 -28.84 -35.14
C GLU A 3 14.20 -27.79 -34.32
N VAL A 4 13.73 -28.20 -33.13
CA VAL A 4 12.88 -27.35 -32.29
C VAL A 4 13.52 -27.19 -30.90
N ARG A 5 13.60 -25.94 -30.40
CA ARG A 5 14.02 -25.67 -29.02
C ARG A 5 12.76 -25.38 -28.21
N THR A 6 12.65 -25.96 -27.01
CA THR A 6 11.43 -25.82 -26.19
C THR A 6 11.83 -25.44 -24.78
N ILE A 7 10.99 -24.62 -24.12
CA ILE A 7 11.12 -24.39 -22.68
C ILE A 7 9.79 -24.74 -22.01
N LYS A 8 9.87 -24.97 -20.69
CA LYS A 8 8.68 -25.09 -19.84
C LYS A 8 8.36 -23.76 -19.18
N VAL A 9 7.08 -23.34 -19.30
CA VAL A 9 6.58 -22.17 -18.60
C VAL A 9 5.25 -22.52 -17.93
N PHE A 10 4.72 -21.59 -17.11
CA PHE A 10 3.38 -21.74 -16.54
C PHE A 10 2.45 -20.66 -17.06
N THR A 11 1.21 -21.04 -17.41
CA THR A 11 0.18 -20.05 -17.72
C THR A 11 -0.79 -19.99 -16.56
N THR A 12 -1.48 -18.84 -16.42
CA THR A 12 -2.39 -18.64 -15.31
C THR A 12 -3.32 -17.51 -15.67
N VAL A 13 -4.43 -17.41 -14.92
CA VAL A 13 -5.27 -16.23 -14.91
C VAL A 13 -5.26 -15.63 -13.51
N ASP A 14 -4.85 -16.41 -12.50
CA ASP A 14 -5.04 -15.98 -11.12
C ASP A 14 -3.75 -15.91 -10.32
N ASN A 15 -2.68 -16.52 -10.85
CA ASN A 15 -1.36 -16.58 -10.22
C ASN A 15 -1.34 -17.54 -9.03
N ILE A 16 -2.37 -18.38 -8.91
CA ILE A 16 -2.46 -19.36 -7.85
C ILE A 16 -2.51 -20.74 -8.48
N ASN A 17 -3.35 -20.88 -9.50
CA ASN A 17 -3.34 -22.09 -10.30
C ASN A 17 -2.42 -21.92 -11.50
N LEU A 18 -1.25 -22.59 -11.46
CA LEU A 18 -0.29 -22.54 -12.55
C LEU A 18 -0.48 -23.76 -13.44
N HIS A 19 -0.54 -23.55 -14.76
CA HIS A 19 -0.76 -24.65 -15.69
C HIS A 19 0.49 -24.81 -16.56
N THR A 20 1.16 -25.98 -16.44
CA THR A 20 2.39 -26.29 -17.15
C THR A 20 2.18 -26.20 -18.66
N GLN A 21 3.08 -25.48 -19.34
CA GLN A 21 3.10 -25.49 -20.79
C GLN A 21 4.52 -25.81 -21.26
N VAL A 22 4.64 -26.46 -22.42
CA VAL A 22 5.90 -26.57 -23.13
C VAL A 22 5.75 -25.73 -24.39
N VAL A 23 6.63 -24.76 -24.59
CA VAL A 23 6.47 -23.86 -25.73
C VAL A 23 7.64 -24.02 -26.69
N ASP A 24 7.37 -23.69 -27.95
CA ASP A 24 8.37 -23.72 -29.01
C ASP A 24 8.97 -22.32 -29.10
N MET A 25 10.30 -22.25 -29.10
CA MET A 25 11.02 -20.99 -29.09
C MET A 25 11.00 -20.34 -30.47
N SER A 26 10.52 -21.05 -31.49
CA SER A 26 10.56 -20.51 -32.83
C SER A 26 9.33 -19.65 -33.11
N MET A 27 8.23 -19.86 -32.36
CA MET A 27 6.98 -19.15 -32.51
C MET A 27 6.75 -18.16 -31.38
N THR A 28 5.86 -17.17 -31.59
CA THR A 28 5.58 -16.19 -30.55
C THR A 28 4.69 -16.81 -29.48
N TYR A 29 4.65 -16.17 -28.30
CA TYR A 29 3.69 -16.54 -27.26
C TYR A 29 2.28 -16.39 -27.82
N GLY A 30 2.06 -15.28 -28.56
CA GLY A 30 0.83 -15.00 -29.28
C GLY A 30 0.33 -16.23 -30.05
N GLN A 31 1.18 -16.76 -30.94
CA GLN A 31 0.81 -17.92 -31.74
C GLN A 31 0.46 -19.11 -30.86
N GLN A 32 0.95 -19.14 -29.62
CA GLN A 32 0.80 -20.36 -28.83
C GLN A 32 -0.34 -20.26 -27.82
N PHE A 33 -0.58 -19.07 -27.26
CA PHE A 33 -1.48 -18.94 -26.12
C PHE A 33 -2.56 -17.91 -26.39
N GLY A 34 -2.42 -17.13 -27.46
CA GLY A 34 -3.16 -15.90 -27.64
C GLY A 34 -2.49 -14.77 -26.84
N PRO A 35 -3.20 -13.69 -26.48
CA PRO A 35 -2.57 -12.60 -25.72
C PRO A 35 -1.89 -13.12 -24.44
N THR A 36 -0.62 -12.77 -24.28
CA THR A 36 0.17 -13.27 -23.18
C THR A 36 0.87 -12.09 -22.51
N TYR A 37 0.97 -12.16 -21.17
CA TYR A 37 1.63 -11.12 -20.40
C TYR A 37 2.64 -11.73 -19.44
N LEU A 38 3.78 -11.03 -19.28
CA LEU A 38 4.78 -11.38 -18.27
C LEU A 38 4.95 -10.18 -17.35
N ASP A 39 4.42 -10.30 -16.14
CA ASP A 39 4.49 -9.23 -15.15
C ASP A 39 3.88 -7.94 -15.66
N GLY A 40 2.75 -8.02 -16.38
CA GLY A 40 2.12 -6.81 -16.89
C GLY A 40 2.50 -6.50 -18.34
N ALA A 41 3.76 -6.77 -18.70
CA ALA A 41 4.27 -6.49 -20.04
C ALA A 41 3.62 -7.43 -21.06
N ASP A 42 3.16 -6.85 -22.18
CA ASP A 42 2.53 -7.62 -23.24
C ASP A 42 3.61 -8.37 -24.04
N VAL A 43 3.62 -9.70 -23.95
CA VAL A 43 4.66 -10.46 -24.62
C VAL A 43 4.03 -11.27 -25.74
N THR A 44 2.84 -10.84 -26.19
CA THR A 44 2.08 -11.54 -27.23
C THR A 44 2.96 -11.75 -28.46
N LYS A 45 3.77 -10.73 -28.80
CA LYS A 45 4.55 -10.72 -30.05
C LYS A 45 6.04 -10.99 -29.79
N ILE A 46 6.40 -11.39 -28.56
CA ILE A 46 7.74 -11.84 -28.21
C ILE A 46 7.83 -13.37 -28.42
N LYS A 47 9.04 -13.85 -28.71
CA LYS A 47 9.31 -15.28 -28.83
C LYS A 47 9.92 -15.79 -27.52
N PRO A 48 9.58 -17.02 -27.05
CA PRO A 48 10.12 -17.54 -25.80
C PRO A 48 11.64 -17.46 -25.74
N HIS A 49 12.18 -17.16 -24.57
CA HIS A 49 13.62 -17.01 -24.45
C HIS A 49 14.07 -17.82 -23.25
N ASN A 50 15.36 -18.18 -23.25
CA ASN A 50 15.92 -19.09 -22.27
C ASN A 50 15.65 -18.57 -20.86
N SER A 51 15.68 -17.23 -20.71
CA SER A 51 15.51 -16.61 -19.40
C SER A 51 14.08 -16.76 -18.87
N HIS A 52 13.14 -17.15 -19.76
CA HIS A 52 11.73 -17.31 -19.46
C HIS A 52 11.43 -18.64 -18.81
N GLU A 53 12.39 -19.58 -18.82
CA GLU A 53 12.05 -20.92 -18.40
C GLU A 53 11.58 -20.87 -16.94
N GLY A 54 10.38 -21.42 -16.68
CA GLY A 54 9.89 -21.57 -15.31
C GLY A 54 9.10 -20.36 -14.79
N LYS A 55 9.03 -19.28 -15.57
CA LYS A 55 8.26 -18.12 -15.16
C LYS A 55 6.77 -18.36 -15.39
N THR A 56 5.95 -17.54 -14.74
CA THR A 56 4.50 -17.57 -14.88
C THR A 56 4.09 -16.48 -15.85
N PHE A 57 3.28 -16.85 -16.84
CA PHE A 57 2.66 -15.90 -17.75
C PHE A 57 1.16 -15.91 -17.55
N TYR A 58 0.57 -14.71 -17.58
CA TYR A 58 -0.89 -14.56 -17.63
C TYR A 58 -1.37 -14.69 -19.07
N VAL A 59 -2.55 -15.31 -19.23
CA VAL A 59 -3.21 -15.45 -20.51
C VAL A 59 -4.69 -15.10 -20.31
N LEU A 60 -5.41 -14.81 -21.41
CA LEU A 60 -6.85 -14.57 -21.31
C LEU A 60 -7.53 -15.90 -21.13
N PRO A 61 -8.67 -15.96 -20.40
CA PRO A 61 -9.35 -17.24 -20.14
C PRO A 61 -10.09 -17.74 -21.38
N ASN A 62 -9.48 -18.71 -22.07
CA ASN A 62 -9.93 -19.22 -23.36
C ASN A 62 -10.33 -20.69 -23.26
N ASP A 63 -10.36 -21.23 -22.04
CA ASP A 63 -10.93 -22.56 -21.80
C ASP A 63 -11.81 -22.53 -20.55
N ASP A 64 -12.54 -23.62 -20.30
CA ASP A 64 -13.51 -23.67 -19.22
C ASP A 64 -12.81 -23.55 -17.87
N THR A 65 -11.69 -24.27 -17.70
CA THR A 65 -10.97 -24.22 -16.43
C THR A 65 -10.57 -22.78 -16.11
N LEU A 66 -10.03 -22.08 -17.10
CA LEU A 66 -9.51 -20.73 -16.93
C LEU A 66 -10.64 -19.75 -16.63
N ARG A 67 -11.79 -19.91 -17.30
CA ARG A 67 -12.96 -19.07 -17.06
C ARG A 67 -13.42 -19.18 -15.61
N VAL A 68 -13.40 -20.41 -15.08
CA VAL A 68 -13.87 -20.66 -13.72
C VAL A 68 -12.89 -20.04 -12.74
N GLU A 69 -11.61 -20.31 -12.94
CA GLU A 69 -10.53 -19.75 -12.14
C GLU A 69 -10.59 -18.21 -12.17
N ALA A 70 -10.77 -17.63 -13.37
CA ALA A 70 -10.77 -16.18 -13.49
C ALA A 70 -11.94 -15.61 -12.69
N PHE A 71 -13.10 -16.27 -12.81
CA PHE A 71 -14.29 -15.78 -12.15
C PHE A 71 -14.14 -15.88 -10.63
N GLU A 72 -13.60 -17.03 -10.17
CA GLU A 72 -13.49 -17.26 -8.75
C GLU A 72 -12.50 -16.28 -8.13
N TYR A 73 -11.54 -15.79 -8.95
CA TYR A 73 -10.48 -14.96 -8.44
C TYR A 73 -10.92 -13.49 -8.47
N TYR A 74 -11.60 -13.07 -9.56
CA TYR A 74 -11.85 -11.66 -9.82
C TYR A 74 -13.31 -11.28 -9.57
N HIS A 75 -14.18 -12.30 -9.59
CA HIS A 75 -15.63 -12.09 -9.46
C HIS A 75 -16.16 -11.21 -10.59
N THR A 76 -15.59 -11.32 -11.79
CA THR A 76 -16.12 -10.57 -12.92
C THR A 76 -16.09 -11.48 -14.14
N THR A 77 -17.02 -11.24 -15.06
CA THR A 77 -16.97 -12.02 -16.30
C THR A 77 -16.56 -11.12 -17.45
N ASP A 78 -16.42 -9.80 -17.20
CA ASP A 78 -16.03 -8.82 -18.20
C ASP A 78 -14.82 -9.32 -19.01
N PRO A 79 -15.01 -9.63 -20.32
CA PRO A 79 -13.93 -10.18 -21.14
C PRO A 79 -12.71 -9.27 -21.28
N SER A 80 -12.88 -7.95 -21.07
CA SER A 80 -11.78 -6.99 -21.20
C SER A 80 -10.92 -6.88 -19.92
N PHE A 81 -11.41 -7.49 -18.83
CA PHE A 81 -10.88 -7.20 -17.51
C PHE A 81 -9.39 -7.50 -17.43
N LEU A 82 -9.03 -8.76 -17.75
CA LEU A 82 -7.67 -9.20 -17.56
C LEU A 82 -6.71 -8.32 -18.37
N GLY A 83 -7.12 -7.98 -19.60
CA GLY A 83 -6.35 -7.13 -20.49
C GLY A 83 -6.09 -5.75 -19.88
N ARG A 84 -7.16 -5.15 -19.34
CA ARG A 84 -7.09 -3.83 -18.73
C ARG A 84 -6.22 -3.86 -17.46
N TYR A 85 -6.31 -4.97 -16.67
CA TYR A 85 -5.55 -5.14 -15.46
C TYR A 85 -4.06 -5.20 -15.78
N MET A 86 -3.72 -6.08 -16.73
CA MET A 86 -2.35 -6.22 -17.19
C MET A 86 -1.79 -4.89 -17.68
N SER A 87 -2.58 -4.17 -18.47
CA SER A 87 -2.20 -2.87 -19.00
C SER A 87 -1.86 -1.90 -17.88
N ALA A 88 -2.74 -1.84 -16.87
CA ALA A 88 -2.56 -0.99 -15.73
C ALA A 88 -1.30 -1.44 -14.96
N LEU A 89 -1.15 -2.76 -14.77
CA LEU A 89 -0.06 -3.28 -13.96
C LEU A 89 1.28 -2.84 -14.54
N ASN A 90 1.36 -2.86 -15.87
CA ASN A 90 2.57 -2.51 -16.59
C ASN A 90 3.04 -1.11 -16.20
N HIS A 91 2.10 -0.21 -15.84
CA HIS A 91 2.44 1.14 -15.41
C HIS A 91 2.65 1.19 -13.90
N THR A 92 1.77 0.52 -13.12
CA THR A 92 1.79 0.71 -11.68
C THR A 92 3.04 0.09 -11.10
N LYS A 93 3.57 -0.96 -11.75
CA LYS A 93 4.73 -1.66 -11.22
C LYS A 93 5.96 -0.76 -11.28
N LYS A 94 5.84 0.37 -11.97
CA LYS A 94 6.96 1.29 -12.12
C LYS A 94 6.80 2.49 -11.19
N TRP A 95 5.68 2.56 -10.47
CA TRP A 95 5.47 3.67 -9.53
C TRP A 95 6.23 3.38 -8.23
N LYS A 96 6.44 4.42 -7.42
CA LYS A 96 7.07 4.28 -6.11
C LYS A 96 6.00 4.36 -5.03
N TYR A 97 6.13 3.48 -4.04
CA TYR A 97 5.18 3.43 -2.93
C TYR A 97 5.89 3.73 -1.61
N PRO A 98 6.23 5.00 -1.31
CA PRO A 98 6.92 5.33 -0.06
C PRO A 98 6.02 5.02 1.13
N GLN A 99 6.61 4.54 2.24
CA GLN A 99 5.94 4.60 3.53
C GLN A 99 5.95 6.06 4.02
N VAL A 100 4.76 6.58 4.30
CA VAL A 100 4.65 7.93 4.82
C VAL A 100 3.79 7.85 6.09
N ASN A 101 4.40 8.20 7.23
CA ASN A 101 3.72 8.19 8.52
C ASN A 101 3.12 6.81 8.81
N GLY A 102 3.82 5.73 8.42
CA GLY A 102 3.34 4.37 8.63
C GLY A 102 2.25 3.90 7.64
N LEU A 103 1.91 4.73 6.64
CA LEU A 103 0.95 4.35 5.61
C LEU A 103 1.66 4.22 4.26
N THR A 104 1.21 3.28 3.44
CA THR A 104 1.70 3.15 2.07
C THR A 104 1.03 4.22 1.23
N SER A 105 1.83 5.13 0.64
CA SER A 105 1.38 6.11 -0.31
C SER A 105 1.89 5.81 -1.73
N ILE A 106 1.67 6.76 -2.66
CA ILE A 106 2.24 6.68 -4.00
C ILE A 106 2.88 8.01 -4.35
N LYS A 107 4.14 7.97 -4.82
CA LYS A 107 4.76 9.18 -5.34
C LYS A 107 4.05 9.58 -6.64
N TRP A 108 3.82 10.90 -6.79
CA TRP A 108 3.01 11.38 -7.89
C TRP A 108 3.58 10.91 -9.24
N ALA A 109 2.68 10.42 -10.09
CA ALA A 109 2.96 10.04 -11.47
C ALA A 109 1.64 9.82 -12.18
N ASP A 110 1.55 10.18 -13.47
CA ASP A 110 0.41 9.82 -14.31
C ASP A 110 -0.93 10.22 -13.68
N ASN A 111 -1.02 11.40 -13.08
CA ASN A 111 -2.25 11.87 -12.48
C ASN A 111 -2.80 10.90 -11.44
N ASN A 112 -1.92 10.31 -10.63
CA ASN A 112 -2.40 9.29 -9.73
C ASN A 112 -2.83 9.84 -8.37
N SER A 113 -2.97 11.18 -8.21
CA SER A 113 -3.31 11.71 -6.91
C SER A 113 -4.59 11.10 -6.31
N TYR A 114 -5.55 10.76 -7.16
CA TYR A 114 -6.80 10.25 -6.63
C TYR A 114 -6.58 8.85 -6.09
N LEU A 115 -5.71 8.07 -6.73
CA LEU A 115 -5.43 6.71 -6.30
C LEU A 115 -4.61 6.72 -5.00
N ALA A 116 -3.68 7.67 -4.88
CA ALA A 116 -2.93 7.76 -3.64
C ALA A 116 -3.91 8.02 -2.51
N THR A 117 -4.86 8.95 -2.72
CA THR A 117 -5.79 9.33 -1.66
C THR A 117 -6.65 8.13 -1.32
N ALA A 118 -7.10 7.39 -2.31
CA ALA A 118 -7.98 6.26 -2.04
C ALA A 118 -7.21 5.17 -1.29
N LEU A 119 -5.97 4.91 -1.74
CA LEU A 119 -5.11 3.91 -1.13
C LEU A 119 -4.89 4.23 0.34
N LEU A 120 -4.58 5.50 0.67
CA LEU A 120 -4.36 5.90 2.04
C LEU A 120 -5.63 5.71 2.88
N THR A 121 -6.79 6.06 2.30
CA THR A 121 -8.07 5.95 2.99
C THR A 121 -8.34 4.48 3.32
N LEU A 122 -8.12 3.62 2.33
CA LEU A 122 -8.42 2.21 2.48
C LEU A 122 -7.60 1.60 3.62
N GLN A 123 -6.48 2.23 4.00
CA GLN A 123 -5.69 1.66 5.07
C GLN A 123 -6.20 2.12 6.43
N GLN A 124 -7.26 2.93 6.49
CA GLN A 124 -7.62 3.48 7.79
C GLN A 124 -9.07 3.20 8.19
N ILE A 125 -9.83 2.48 7.36
CA ILE A 125 -11.22 2.16 7.69
C ILE A 125 -11.37 0.65 7.55
N GLU A 126 -12.39 0.10 8.20
CA GLU A 126 -12.54 -1.35 8.28
C GLU A 126 -13.28 -1.86 7.05
N LEU A 127 -12.61 -2.67 6.24
CA LEU A 127 -13.24 -3.13 5.02
C LEU A 127 -12.65 -4.46 4.59
N LYS A 128 -13.52 -5.41 4.26
CA LYS A 128 -13.06 -6.68 3.71
C LYS A 128 -13.65 -6.81 2.30
N PHE A 129 -12.83 -7.20 1.33
CA PHE A 129 -13.28 -7.33 -0.04
C PHE A 129 -13.70 -8.78 -0.32
N ASN A 130 -14.73 -8.96 -1.16
CA ASN A 130 -15.20 -10.28 -1.52
C ASN A 130 -14.28 -10.94 -2.53
N PRO A 131 -13.86 -10.31 -3.67
CA PRO A 131 -13.04 -11.03 -4.64
C PRO A 131 -11.68 -11.35 -4.03
N PRO A 132 -11.24 -12.63 -4.05
CA PRO A 132 -9.90 -12.97 -3.57
C PRO A 132 -8.80 -12.07 -4.14
N ALA A 133 -8.92 -11.70 -5.43
CA ALA A 133 -7.92 -10.85 -6.04
C ALA A 133 -7.75 -9.55 -5.27
N LEU A 134 -8.88 -8.86 -4.99
CA LEU A 134 -8.84 -7.60 -4.28
C LEU A 134 -8.32 -7.75 -2.86
N GLN A 135 -8.77 -8.79 -2.13
CA GLN A 135 -8.41 -8.94 -0.73
C GLN A 135 -6.92 -9.27 -0.63
N ASP A 136 -6.46 -10.25 -1.43
CA ASP A 136 -5.04 -10.58 -1.50
C ASP A 136 -4.25 -9.31 -1.75
N ALA A 137 -4.64 -8.54 -2.78
CA ALA A 137 -3.87 -7.37 -3.19
C ALA A 137 -3.89 -6.32 -2.08
N TYR A 138 -5.01 -6.17 -1.35
CA TYR A 138 -5.12 -5.20 -0.28
C TYR A 138 -4.16 -5.54 0.85
N TYR A 139 -4.06 -6.83 1.21
CA TYR A 139 -3.14 -7.25 2.25
C TYR A 139 -1.70 -6.91 1.89
N ARG A 140 -1.31 -7.11 0.64
CA ARG A 140 0.04 -6.84 0.21
C ARG A 140 0.31 -5.34 0.17
N ALA A 141 -0.73 -4.56 -0.21
CA ALA A 141 -0.59 -3.11 -0.25
C ALA A 141 -0.40 -2.56 1.15
N ARG A 142 -1.12 -3.13 2.12
CA ARG A 142 -0.97 -2.76 3.52
C ARG A 142 0.46 -3.05 3.97
N ALA A 143 1.06 -4.09 3.38
CA ALA A 143 2.40 -4.47 3.78
C ALA A 143 3.45 -3.68 3.01
N GLY A 144 3.04 -2.89 2.01
CA GLY A 144 4.00 -2.05 1.29
C GLY A 144 4.10 -2.34 -0.22
N GLU A 145 3.68 -3.54 -0.67
CA GLU A 145 3.69 -3.86 -2.10
C GLU A 145 2.34 -3.48 -2.71
N ALA A 146 2.20 -2.24 -3.18
CA ALA A 146 0.86 -1.80 -3.57
C ALA A 146 0.58 -1.82 -5.08
N ALA A 147 1.55 -2.24 -5.90
CA ALA A 147 1.41 -2.13 -7.35
C ALA A 147 0.20 -2.90 -7.89
N ASN A 148 0.01 -4.15 -7.44
CA ASN A 148 -1.13 -4.94 -7.89
C ASN A 148 -2.47 -4.35 -7.48
N PHE A 149 -2.50 -3.92 -6.23
CA PHE A 149 -3.71 -3.34 -5.70
C PHE A 149 -4.14 -2.18 -6.59
N CYS A 150 -3.22 -1.26 -6.89
CA CYS A 150 -3.52 -0.09 -7.70
C CYS A 150 -3.99 -0.50 -9.08
N ALA A 151 -3.36 -1.52 -9.66
CA ALA A 151 -3.72 -1.97 -11.00
C ALA A 151 -5.14 -2.54 -10.99
N LEU A 152 -5.47 -3.27 -9.91
CA LEU A 152 -6.80 -3.84 -9.73
C LEU A 152 -7.84 -2.75 -9.52
N ILE A 153 -7.53 -1.74 -8.72
CA ILE A 153 -8.46 -0.62 -8.55
C ILE A 153 -8.76 0.01 -9.90
N LEU A 154 -7.73 0.24 -10.70
CA LEU A 154 -7.93 0.75 -12.06
C LEU A 154 -8.84 -0.17 -12.87
N ALA A 155 -8.57 -1.48 -12.86
CA ALA A 155 -9.31 -2.39 -13.70
C ALA A 155 -10.78 -2.45 -13.25
N TYR A 156 -11.02 -2.44 -11.93
CA TYR A 156 -12.39 -2.56 -11.42
C TYR A 156 -13.15 -1.26 -11.67
N CYS A 157 -12.48 -0.12 -11.67
CA CYS A 157 -13.21 1.13 -11.85
C CYS A 157 -13.29 1.55 -13.32
N ASN A 158 -12.76 0.69 -14.23
CA ASN A 158 -12.73 0.99 -15.65
CA ASN A 158 -12.73 0.99 -15.65
C ASN A 158 -12.06 2.35 -15.86
N LYS A 159 -10.85 2.52 -15.31
CA LYS A 159 -10.05 3.72 -15.47
C LYS A 159 -8.70 3.35 -16.08
N THR A 160 -8.20 4.24 -16.93
CA THR A 160 -6.95 3.99 -17.61
C THR A 160 -5.90 4.82 -16.88
N VAL A 161 -4.67 4.28 -16.82
CA VAL A 161 -3.57 5.04 -16.24
C VAL A 161 -3.48 6.37 -16.96
N GLY A 162 -3.33 7.46 -16.23
CA GLY A 162 -3.16 8.75 -16.86
C GLY A 162 -4.42 9.62 -16.80
N GLU A 163 -5.60 9.01 -16.62
CA GLU A 163 -6.85 9.76 -16.61
C GLU A 163 -7.11 10.33 -15.22
N LEU A 164 -7.60 11.58 -15.15
CA LEU A 164 -8.01 12.16 -13.87
C LEU A 164 -9.09 11.26 -13.25
N GLY A 165 -9.07 11.08 -11.93
CA GLY A 165 -10.05 10.24 -11.29
C GLY A 165 -10.77 10.96 -10.15
N ASP A 166 -11.90 10.40 -9.74
CA ASP A 166 -12.69 10.91 -8.63
C ASP A 166 -12.59 9.89 -7.48
N VAL A 167 -12.23 10.37 -6.27
CA VAL A 167 -12.09 9.46 -5.14
C VAL A 167 -13.44 8.83 -4.74
N ARG A 168 -14.48 9.67 -4.63
CA ARG A 168 -15.80 9.21 -4.24
C ARG A 168 -16.28 8.10 -5.18
N GLU A 169 -16.02 8.28 -6.49
CA GLU A 169 -16.46 7.31 -7.47
C GLU A 169 -15.66 6.02 -7.30
N THR A 170 -14.36 6.14 -6.98
CA THR A 170 -13.49 4.98 -6.84
C THR A 170 -13.94 4.17 -5.62
N MET A 171 -14.17 4.88 -4.51
CA MET A 171 -14.60 4.25 -3.28
C MET A 171 -15.93 3.50 -3.50
N SER A 172 -16.85 4.16 -4.22
CA SER A 172 -18.14 3.60 -4.51
C SER A 172 -18.02 2.27 -5.27
N TYR A 173 -17.19 2.20 -6.32
CA TYR A 173 -17.01 1.00 -7.11
C TYR A 173 -16.33 -0.09 -6.29
N LEU A 174 -15.31 0.29 -5.54
CA LEU A 174 -14.64 -0.68 -4.71
C LEU A 174 -15.61 -1.23 -3.68
N PHE A 175 -16.47 -0.36 -3.12
CA PHE A 175 -17.42 -0.74 -2.10
C PHE A 175 -18.39 -1.79 -2.63
N GLN A 176 -18.70 -1.75 -3.94
CA GLN A 176 -19.56 -2.76 -4.55
C GLN A 176 -18.94 -4.14 -4.33
N HIS A 177 -17.61 -4.22 -4.21
CA HIS A 177 -16.93 -5.50 -4.10
C HIS A 177 -16.57 -5.83 -2.67
N ALA A 178 -17.02 -4.98 -1.75
CA ALA A 178 -16.74 -5.20 -0.33
C ALA A 178 -17.94 -5.84 0.36
N ASN A 179 -17.66 -6.57 1.45
CA ASN A 179 -18.73 -7.13 2.25
C ASN A 179 -19.24 -6.05 3.19
N LEU A 180 -20.35 -5.42 2.80
CA LEU A 180 -20.95 -4.36 3.58
C LEU A 180 -22.40 -4.73 3.87
N ASP A 181 -22.71 -6.03 3.80
CA ASP A 181 -24.09 -6.51 3.84
C ASP A 181 -24.73 -6.23 5.20
N SER A 182 -23.95 -6.27 6.28
CA SER A 182 -24.49 -5.97 7.60
C SER A 182 -24.70 -4.46 7.81
N CYS A 183 -24.14 -3.60 6.96
CA CYS A 183 -24.21 -2.18 7.26
C CYS A 183 -25.66 -1.69 7.07
N LYS A 184 -26.16 -0.96 8.07
CA LYS A 184 -27.54 -0.55 8.08
C LYS A 184 -27.62 0.91 8.48
N ARG A 185 -28.46 1.65 7.73
CA ARG A 185 -28.74 3.06 8.01
C ARG A 185 -30.26 3.25 8.05
N VAL A 186 -30.73 3.94 9.09
CA VAL A 186 -32.14 4.34 9.20
C VAL A 186 -32.22 5.86 9.21
N LEU A 187 -33.04 6.42 8.30
CA LEU A 187 -33.23 7.86 8.13
C LEU A 187 -34.68 8.23 8.43
N ASN A 188 -34.88 9.47 8.87
CA ASN A 188 -36.21 10.05 8.99
C ASN A 188 -36.23 11.37 8.25
N VAL A 189 -37.31 11.59 7.48
CA VAL A 189 -37.57 12.87 6.82
C VAL A 189 -38.91 13.39 7.34
N VAL A 190 -38.93 14.60 7.90
CA VAL A 190 -40.11 15.10 8.60
C VAL A 190 -40.55 16.42 7.96
N CYS A 191 -41.84 16.49 7.61
CA CYS A 191 -42.53 17.65 7.03
C CYS A 191 -43.63 18.04 8.02
N LYS A 192 -43.76 19.35 8.29
CA LYS A 192 -44.74 19.88 9.23
C LYS A 192 -46.16 19.56 8.72
N THR A 193 -46.26 19.38 7.39
CA THR A 193 -47.47 19.13 6.62
C THR A 193 -47.61 17.64 6.29
N CYS A 194 -46.60 17.06 5.63
CA CYS A 194 -46.70 15.76 4.98
C CYS A 194 -46.55 14.62 5.99
N GLY A 195 -45.86 14.86 7.12
CA GLY A 195 -45.64 13.87 8.17
C GLY A 195 -44.18 13.39 8.22
N GLN A 196 -44.00 12.18 8.76
CA GLN A 196 -42.66 11.63 8.96
C GLN A 196 -42.52 10.35 8.14
N GLN A 197 -41.46 10.29 7.32
CA GLN A 197 -41.21 9.15 6.45
C GLN A 197 -39.81 8.60 6.73
N GLN A 198 -39.78 7.32 7.06
CA GLN A 198 -38.59 6.61 7.50
C GLN A 198 -38.06 5.71 6.38
N THR A 199 -36.74 5.62 6.24
CA THR A 199 -36.10 4.84 5.18
C THR A 199 -35.00 3.98 5.81
N THR A 200 -34.95 2.69 5.42
CA THR A 200 -33.85 1.82 5.82
C THR A 200 -33.01 1.49 4.59
N LEU A 201 -31.69 1.68 4.71
CA LEU A 201 -30.76 1.31 3.67
C LEU A 201 -29.78 0.29 4.23
N LYS A 202 -29.34 -0.62 3.36
CA LYS A 202 -28.38 -1.66 3.66
C LYS A 202 -27.26 -1.62 2.61
N GLY A 203 -26.05 -2.02 2.98
CA GLY A 203 -24.97 -2.17 2.02
C GLY A 203 -24.24 -0.85 1.75
N VAL A 204 -23.77 -0.71 0.51
CA VAL A 204 -22.98 0.46 0.13
C VAL A 204 -23.77 1.72 0.45
N GLU A 205 -25.06 1.72 0.11
CA GLU A 205 -25.87 2.90 0.33
C GLU A 205 -25.97 3.24 1.81
N ALA A 206 -25.59 2.33 2.71
CA ALA A 206 -25.73 2.64 4.13
C ALA A 206 -24.55 3.45 4.68
N VAL A 207 -23.44 3.51 3.93
CA VAL A 207 -22.23 4.14 4.44
C VAL A 207 -21.86 5.39 3.64
N MET A 208 -22.71 5.80 2.68
CA MET A 208 -22.36 6.90 1.78
C MET A 208 -23.40 8.01 1.83
N TYR A 209 -22.94 9.25 1.71
CA TYR A 209 -23.86 10.38 1.69
C TYR A 209 -23.24 11.48 0.82
N MET A 210 -24.05 12.11 -0.02
CA MET A 210 -23.57 13.21 -0.85
C MET A 210 -24.39 14.46 -0.56
N GLY A 211 -23.71 15.50 -0.04
CA GLY A 211 -24.38 16.76 0.18
C GLY A 211 -23.86 17.53 1.40
N THR A 212 -23.29 16.84 2.39
CA THR A 212 -22.64 17.51 3.52
C THR A 212 -21.43 16.70 3.98
N LEU A 213 -20.38 17.42 4.43
CA LEU A 213 -19.17 16.77 4.94
C LEU A 213 -19.33 16.38 6.41
N SER A 214 -20.25 17.05 7.13
CA SER A 214 -20.30 16.92 8.58
C SER A 214 -21.20 15.76 9.00
N TYR A 215 -20.64 14.79 9.73
CA TYR A 215 -21.45 13.70 10.23
C TYR A 215 -22.39 14.20 11.33
N GLU A 216 -21.90 15.16 12.12
CA GLU A 216 -22.69 15.78 13.16
C GLU A 216 -23.93 16.43 12.56
N GLN A 217 -23.73 17.16 11.45
CA GLN A 217 -24.82 17.86 10.81
C GLN A 217 -25.90 16.87 10.36
N PHE A 218 -25.48 15.70 9.87
CA PHE A 218 -26.42 14.68 9.45
C PHE A 218 -27.18 14.12 10.64
N LYS A 219 -26.54 14.03 11.80
CA LYS A 219 -27.21 13.56 13.01
C LYS A 219 -28.24 14.58 13.48
N LYS A 220 -27.90 15.88 13.41
CA LYS A 220 -28.72 16.97 13.88
C LYS A 220 -29.91 17.17 12.95
N GLY A 221 -29.71 17.01 11.65
CA GLY A 221 -30.75 17.25 10.66
C GLY A 221 -30.29 18.23 9.58
N VAL A 222 -30.70 17.96 8.33
CA VAL A 222 -30.31 18.72 7.15
C VAL A 222 -31.61 19.01 6.39
N GLN A 223 -31.71 20.24 5.86
CA GLN A 223 -32.92 20.68 5.17
C GLN A 223 -32.91 20.16 3.75
N ILE A 224 -34.03 19.60 3.29
CA ILE A 224 -34.20 19.17 1.91
C ILE A 224 -35.65 19.40 1.48
N PRO A 225 -35.92 19.59 0.16
CA PRO A 225 -37.30 19.62 -0.33
C PRO A 225 -38.10 18.37 0.02
N CYS A 226 -39.38 18.56 0.34
CA CYS A 226 -40.38 17.50 0.46
C CYS A 226 -41.15 17.42 -0.85
N THR A 227 -41.87 16.31 -1.08
CA THR A 227 -42.83 16.25 -2.18
C THR A 227 -43.79 17.45 -2.09
N CYS A 228 -44.05 17.96 -0.86
CA CYS A 228 -44.96 19.10 -0.69
C CYS A 228 -44.48 20.34 -1.43
N GLY A 229 -43.20 20.37 -1.82
CA GLY A 229 -42.63 21.56 -2.42
C GLY A 229 -41.88 22.41 -1.39
N LYS A 230 -42.20 22.23 -0.09
CA LYS A 230 -41.61 23.02 0.99
C LYS A 230 -40.50 22.20 1.67
N GLN A 231 -39.84 22.81 2.68
CA GLN A 231 -38.57 22.32 3.21
C GLN A 231 -38.82 21.32 4.35
N ALA A 232 -38.17 20.16 4.29
CA ALA A 232 -38.33 19.11 5.30
C ALA A 232 -37.00 18.88 6.00
N THR A 233 -37.00 18.12 7.11
CA THR A 233 -35.75 17.80 7.77
C THR A 233 -35.46 16.30 7.63
N LYS A 234 -34.26 15.99 7.14
CA LYS A 234 -33.72 14.63 7.08
C LYS A 234 -32.66 14.47 8.15
N TYR A 235 -32.75 13.41 8.96
CA TYR A 235 -31.79 13.19 10.01
C TYR A 235 -31.56 11.70 10.21
N LEU A 236 -30.35 11.35 10.68
CA LEU A 236 -29.95 9.97 10.86
C LEU A 236 -30.57 9.46 12.16
N VAL A 237 -31.21 8.30 12.06
CA VAL A 237 -31.87 7.73 13.21
C VAL A 237 -30.98 6.64 13.79
N GLN A 238 -30.48 5.78 12.91
CA GLN A 238 -29.64 4.68 13.35
C GLN A 238 -28.58 4.36 12.32
N GLN A 239 -27.38 4.01 12.80
CA GLN A 239 -26.28 3.65 11.93
C GLN A 239 -25.57 2.44 12.52
N GLU A 240 -25.40 1.39 11.72
CA GLU A 240 -24.60 0.25 12.14
C GLU A 240 -23.62 -0.06 11.03
N SER A 241 -22.37 0.38 11.21
CA SER A 241 -21.29 0.20 10.24
C SER A 241 -19.97 0.60 10.91
N PRO A 242 -18.82 0.03 10.50
CA PRO A 242 -17.54 0.43 11.10
C PRO A 242 -17.05 1.83 10.73
N PHE A 243 -17.64 2.42 9.68
CA PHE A 243 -17.27 3.75 9.24
C PHE A 243 -18.43 4.33 8.46
N VAL A 244 -18.35 5.62 8.16
CA VAL A 244 -19.25 6.30 7.25
C VAL A 244 -18.38 7.24 6.41
N MET A 245 -18.81 7.46 5.15
CA MET A 245 -18.20 8.42 4.25
C MET A 245 -19.21 9.52 3.92
N MET A 246 -18.85 10.77 4.25
CA MET A 246 -19.66 11.94 3.93
C MET A 246 -18.95 12.74 2.84
N SER A 247 -19.65 12.98 1.71
CA SER A 247 -19.09 13.68 0.56
C SER A 247 -19.91 14.94 0.24
N ALA A 248 -19.26 15.87 -0.47
CA ALA A 248 -19.91 17.09 -0.92
C ALA A 248 -19.03 17.77 -1.97
N PRO A 249 -19.61 18.58 -2.89
CA PRO A 249 -18.80 19.25 -3.92
C PRO A 249 -17.72 20.03 -3.17
N PRO A 250 -16.46 20.03 -3.65
CA PRO A 250 -15.38 20.67 -2.92
C PRO A 250 -15.74 22.10 -2.49
N ALA A 251 -15.51 22.40 -1.20
CA ALA A 251 -15.70 23.72 -0.61
C ALA A 251 -14.70 23.89 0.56
N GLN A 252 -14.27 25.14 0.79
CA GLN A 252 -13.43 25.48 1.95
C GLN A 252 -14.09 24.97 3.22
N TYR A 253 -13.33 24.23 4.04
CA TYR A 253 -13.85 23.57 5.22
C TYR A 253 -12.70 23.43 6.22
N GLU A 254 -13.06 23.48 7.51
CA GLU A 254 -12.08 23.35 8.57
C GLU A 254 -12.15 21.94 9.15
N LEU A 255 -11.02 21.22 9.09
CA LEU A 255 -10.88 19.92 9.73
C LEU A 255 -10.32 20.12 11.14
N LYS A 256 -11.10 19.71 12.15
CA LYS A 256 -10.64 19.79 13.54
C LYS A 256 -10.02 18.44 13.93
N HIS A 257 -8.82 18.52 14.51
CA HIS A 257 -8.08 17.38 15.00
C HIS A 257 -8.93 16.52 15.92
N GLY A 258 -8.96 15.21 15.62
CA GLY A 258 -9.63 14.20 16.42
C GLY A 258 -11.15 14.17 16.27
N THR A 259 -11.71 14.88 15.28
CA THR A 259 -13.14 14.89 15.04
C THR A 259 -13.51 14.04 13.82
N PHE A 260 -12.52 13.39 13.17
CA PHE A 260 -12.74 12.58 11.99
C PHE A 260 -11.52 11.68 11.82
N THR A 261 -11.56 10.69 10.91
CA THR A 261 -10.40 9.84 10.67
C THR A 261 -9.55 10.39 9.53
N CYS A 262 -10.10 10.50 8.32
CA CYS A 262 -9.31 11.04 7.22
C CYS A 262 -10.26 11.76 6.25
N ALA A 263 -9.66 12.53 5.33
CA ALA A 263 -10.41 13.38 4.43
C ALA A 263 -9.68 13.54 3.09
N SER A 264 -10.47 13.82 2.04
CA SER A 264 -9.94 14.17 0.73
C SER A 264 -10.03 15.67 0.53
N GLU A 265 -8.90 16.27 0.13
CA GLU A 265 -8.87 17.62 -0.39
C GLU A 265 -8.79 17.60 -1.93
N TYR A 266 -9.67 18.37 -2.59
CA TYR A 266 -9.64 18.51 -4.05
C TYR A 266 -9.50 19.98 -4.47
N THR A 267 -8.38 20.30 -5.13
CA THR A 267 -8.19 21.59 -5.80
C THR A 267 -8.32 21.37 -7.30
N GLY A 268 -9.26 22.08 -7.94
CA GLY A 268 -9.48 21.97 -9.38
C GLY A 268 -10.97 21.83 -9.72
N ASN A 269 -11.25 21.30 -10.92
CA ASN A 269 -12.61 21.08 -11.38
C ASN A 269 -12.67 19.72 -12.07
N TYR A 270 -13.65 19.53 -12.97
CA TYR A 270 -13.84 18.27 -13.65
C TYR A 270 -12.77 18.03 -14.70
N GLN A 271 -12.11 19.10 -15.14
CA GLN A 271 -11.21 18.95 -16.27
C GLN A 271 -9.76 18.76 -15.79
N SER A 272 -9.44 19.28 -14.60
CA SER A 272 -8.09 19.23 -14.04
C SER A 272 -8.14 19.52 -12.54
N GLY A 273 -7.20 18.92 -11.80
CA GLY A 273 -7.09 19.23 -10.39
C GLY A 273 -6.19 18.23 -9.69
N HIS A 274 -6.11 18.34 -8.36
CA HIS A 274 -5.16 17.55 -7.59
C HIS A 274 -5.79 17.23 -6.24
N TYR A 275 -5.64 15.97 -5.81
CA TYR A 275 -6.12 15.56 -4.51
C TYR A 275 -4.95 15.58 -3.53
N LYS A 276 -5.26 15.93 -2.28
CA LYS A 276 -4.39 15.64 -1.15
C LYS A 276 -5.21 14.92 -0.07
N HIS A 277 -4.51 14.23 0.82
CA HIS A 277 -5.12 13.41 1.85
C HIS A 277 -4.80 13.99 3.23
N ILE A 278 -5.82 14.21 4.06
CA ILE A 278 -5.57 14.69 5.41
C ILE A 278 -6.04 13.62 6.39
N THR A 279 -5.15 13.24 7.31
CA THR A 279 -5.47 12.23 8.30
C THR A 279 -5.29 12.79 9.71
N SER A 280 -6.19 12.39 10.63
CA SER A 280 -6.08 12.73 12.03
C SER A 280 -5.38 11.64 12.82
N LYS A 281 -4.17 11.94 13.33
CA LYS A 281 -3.41 11.05 14.18
C LYS A 281 -3.15 11.78 15.50
N GLU A 282 -1.90 11.85 15.94
CA GLU A 282 -1.56 12.64 17.12
C GLU A 282 -1.70 14.14 16.83
N THR A 283 -1.60 14.49 15.55
CA THR A 283 -1.90 15.81 15.04
C THR A 283 -2.43 15.63 13.62
N LEU A 284 -2.62 16.71 12.87
CA LEU A 284 -3.10 16.62 11.49
C LEU A 284 -1.93 16.42 10.53
N TYR A 285 -2.03 15.34 9.74
CA TYR A 285 -1.07 15.05 8.71
C TYR A 285 -1.72 15.30 7.35
N CYS A 286 -0.95 15.94 6.47
CA CYS A 286 -1.34 16.16 5.09
C CYS A 286 -0.39 15.36 4.22
N ILE A 287 -0.89 14.26 3.67
CA ILE A 287 -0.13 13.40 2.79
C ILE A 287 -0.41 13.76 1.32
N ASP A 288 0.64 14.24 0.62
CA ASP A 288 0.54 14.62 -0.77
C ASP A 288 1.45 13.71 -1.59
N GLY A 289 0.97 12.53 -1.93
CA GLY A 289 1.84 11.55 -2.59
C GLY A 289 3.01 11.18 -1.67
N ALA A 290 4.24 11.62 -1.99
CA ALA A 290 5.42 11.28 -1.20
C ALA A 290 5.74 12.36 -0.16
N LEU A 291 5.02 13.49 -0.19
CA LEU A 291 5.33 14.61 0.68
C LEU A 291 4.40 14.63 1.90
N LEU A 292 4.94 14.99 3.07
CA LEU A 292 4.17 14.97 4.30
C LEU A 292 4.35 16.30 5.04
N THR A 293 3.23 16.91 5.43
CA THR A 293 3.29 18.12 6.25
C THR A 293 2.36 17.92 7.45
N LYS A 294 2.76 18.48 8.61
CA LYS A 294 1.97 18.38 9.82
C LYS A 294 1.48 19.78 10.18
N SER A 295 0.33 19.85 10.88
CA SER A 295 -0.26 21.10 11.34
C SER A 295 -1.25 20.79 12.46
N SER A 296 -1.54 21.78 13.32
CA SER A 296 -2.56 21.64 14.35
C SER A 296 -3.96 21.88 13.77
N GLU A 297 -4.04 22.77 12.77
CA GLU A 297 -5.30 23.07 12.12
C GLU A 297 -5.18 22.84 10.61
N TYR A 298 -6.34 22.70 9.92
CA TYR A 298 -6.37 22.53 8.48
C TYR A 298 -7.68 23.09 7.95
N LYS A 299 -7.55 23.94 6.93
CA LYS A 299 -8.67 24.58 6.23
C LYS A 299 -8.34 24.49 4.75
N GLY A 300 -9.27 23.91 3.98
CA GLY A 300 -9.00 23.69 2.56
C GLY A 300 -10.27 23.24 1.83
N PRO A 301 -10.20 23.02 0.51
CA PRO A 301 -11.37 22.52 -0.24
C PRO A 301 -11.52 21.00 -0.02
N ILE A 302 -12.33 20.64 0.96
CA ILE A 302 -12.53 19.25 1.32
C ILE A 302 -13.74 18.72 0.56
N THR A 303 -13.69 17.43 0.16
CA THR A 303 -14.73 16.87 -0.67
C THR A 303 -15.28 15.55 -0.11
N ASP A 304 -14.48 14.85 0.71
CA ASP A 304 -14.88 13.63 1.40
C ASP A 304 -14.32 13.63 2.81
N VAL A 305 -15.13 13.19 3.78
CA VAL A 305 -14.62 12.96 5.12
C VAL A 305 -15.05 11.57 5.58
N PHE A 306 -14.14 10.85 6.23
CA PHE A 306 -14.42 9.52 6.75
C PHE A 306 -14.41 9.57 8.28
N TYR A 307 -15.45 8.99 8.89
CA TYR A 307 -15.61 8.93 10.34
C TYR A 307 -15.73 7.47 10.75
N LYS A 308 -15.22 7.18 11.96
CA LYS A 308 -15.37 5.87 12.57
C LYS A 308 -16.78 5.75 13.16
N GLU A 309 -17.30 4.53 13.18
CA GLU A 309 -18.59 4.29 13.79
C GLU A 309 -18.62 2.86 14.30
N ASN A 310 -19.58 2.53 15.15
CA ASN A 310 -19.86 1.15 15.49
C ASN A 310 -21.38 0.96 15.44
N SER A 311 -22.07 1.58 16.40
CA SER A 311 -23.51 1.48 16.46
C SER A 311 -24.02 2.77 17.08
N TYR A 312 -24.84 3.51 16.32
CA TYR A 312 -25.35 4.79 16.76
C TYR A 312 -26.87 4.79 16.69
N THR A 313 -27.49 5.27 17.77
CA THR A 313 -28.92 5.52 17.84
C THR A 313 -29.16 6.99 18.20
N THR A 314 -30.10 7.64 17.52
CA THR A 314 -30.39 9.04 17.80
C THR A 314 -30.97 9.19 19.20
N THR A 315 -30.84 10.39 19.76
CA THR A 315 -31.54 10.74 20.99
C THR A 315 -32.76 11.60 20.66
N ILE A 316 -32.91 12.02 19.39
CA ILE A 316 -34.08 12.77 18.95
C ILE A 316 -35.34 11.91 19.12
N LYS A 317 -36.37 12.48 19.75
CA LYS A 317 -37.73 11.94 19.72
C LYS A 317 -38.49 12.85 18.76
N PRO A 318 -39.05 12.31 17.65
CA PRO A 318 -39.29 13.09 16.43
C PRO A 318 -39.82 14.52 16.61
N MET B 1 20.21 -38.64 28.42
CA MET B 1 19.72 -38.37 27.06
C MET B 1 19.26 -36.91 26.98
N ARG B 2 19.13 -36.40 25.75
CA ARG B 2 18.75 -35.02 25.51
C ARG B 2 17.83 -34.98 24.30
N GLU B 3 16.68 -34.30 24.42
CA GLU B 3 15.79 -34.11 23.27
C GLU B 3 15.99 -32.70 22.74
N VAL B 4 16.34 -32.59 21.45
CA VAL B 4 16.79 -31.32 20.89
C VAL B 4 15.94 -31.01 19.65
N ARG B 5 15.50 -29.75 19.49
CA ARG B 5 14.85 -29.31 18.25
C ARG B 5 15.93 -28.69 17.34
N THR B 6 16.00 -29.13 16.06
CA THR B 6 17.14 -28.81 15.22
C THR B 6 16.68 -28.32 13.86
N ILE B 7 17.52 -27.47 13.22
CA ILE B 7 17.38 -27.16 11.79
C ILE B 7 18.69 -27.51 11.07
N LYS B 8 18.61 -27.60 9.74
CA LYS B 8 19.79 -27.71 8.89
C LYS B 8 20.14 -26.34 8.33
N VAL B 9 21.43 -25.95 8.49
CA VAL B 9 21.96 -24.75 7.88
C VAL B 9 23.28 -25.07 7.18
N PHE B 10 23.83 -24.11 6.43
CA PHE B 10 25.14 -24.23 5.82
C PHE B 10 26.08 -23.17 6.40
N THR B 11 27.30 -23.60 6.76
CA THR B 11 28.35 -22.65 7.13
C THR B 11 29.32 -22.52 5.97
N THR B 12 30.03 -21.37 5.93
CA THR B 12 30.95 -21.09 4.84
C THR B 12 31.89 -19.98 5.27
N VAL B 13 33.02 -19.90 4.57
CA VAL B 13 33.92 -18.76 4.63
C VAL B 13 33.96 -18.06 3.28
N ASP B 14 33.50 -18.74 2.22
CA ASP B 14 33.70 -18.23 0.87
C ASP B 14 32.40 -18.07 0.08
N ASN B 15 31.31 -18.66 0.56
CA ASN B 15 30.00 -18.62 -0.07
C ASN B 15 29.94 -19.52 -1.31
N ILE B 16 30.94 -20.39 -1.48
CA ILE B 16 30.98 -21.29 -2.61
C ILE B 16 31.00 -22.71 -2.07
N ASN B 17 31.86 -22.95 -1.07
CA ASN B 17 31.86 -24.22 -0.39
C ASN B 17 30.96 -24.12 0.84
N LEU B 18 29.80 -24.81 0.76
CA LEU B 18 28.81 -24.85 1.83
C LEU B 18 29.04 -26.12 2.66
N HIS B 19 29.06 -25.99 3.98
CA HIS B 19 29.24 -27.13 4.86
C HIS B 19 27.98 -27.32 5.70
N THR B 20 27.31 -28.46 5.48
CA THR B 20 26.07 -28.83 6.16
C THR B 20 26.28 -28.84 7.67
N GLN B 21 25.38 -28.14 8.40
CA GLN B 21 25.35 -28.25 9.84
C GLN B 21 23.94 -28.59 10.29
N VAL B 22 23.84 -29.28 11.43
CA VAL B 22 22.57 -29.48 12.10
C VAL B 22 22.69 -28.72 13.41
N VAL B 23 21.81 -27.76 13.66
CA VAL B 23 22.01 -26.88 14.80
C VAL B 23 20.89 -27.08 15.82
N ASP B 24 21.23 -26.84 17.09
CA ASP B 24 20.27 -26.90 18.18
C ASP B 24 19.62 -25.52 18.33
N MET B 25 18.29 -25.47 18.38
CA MET B 25 17.57 -24.21 18.46
C MET B 25 17.56 -23.68 19.90
N SER B 26 18.07 -24.47 20.84
CA SER B 26 18.07 -24.05 22.24
C SER B 26 19.29 -23.16 22.55
N MET B 27 20.41 -23.42 21.85
CA MET B 27 21.65 -22.69 22.07
C MET B 27 21.80 -21.57 21.01
N THR B 28 22.72 -20.63 21.23
CA THR B 28 22.98 -19.56 20.27
C THR B 28 23.91 -20.11 19.19
N TYR B 29 23.94 -19.40 18.05
CA TYR B 29 24.91 -19.71 16.99
C TYR B 29 26.32 -19.59 17.56
N GLY B 30 26.54 -18.52 18.36
CA GLY B 30 27.77 -18.28 19.09
C GLY B 30 28.26 -19.54 19.79
N GLN B 31 27.41 -20.13 20.64
CA GLN B 31 27.79 -21.32 21.37
C GLN B 31 28.12 -22.47 20.42
N GLN B 32 27.64 -22.43 19.18
CA GLN B 32 27.80 -23.62 18.33
C GLN B 32 28.93 -23.47 17.34
N PHE B 33 29.16 -22.25 16.84
CA PHE B 33 30.06 -22.07 15.70
C PHE B 33 31.15 -21.05 16.03
N GLY B 34 31.00 -20.32 17.14
CA GLY B 34 31.77 -19.11 17.39
C GLY B 34 31.10 -17.94 16.69
N PRO B 35 31.81 -16.81 16.39
CA PRO B 35 31.19 -15.72 15.65
C PRO B 35 30.52 -16.18 14.36
N THR B 36 29.25 -15.81 14.21
CA THR B 36 28.45 -16.25 13.07
C THR B 36 27.77 -15.03 12.48
N TYR B 37 27.68 -15.01 11.15
CA TYR B 37 27.04 -13.90 10.44
C TYR B 37 26.04 -14.43 9.41
N LEU B 38 24.90 -13.73 9.28
CA LEU B 38 23.92 -14.01 8.24
C LEU B 38 23.72 -12.74 7.43
N ASP B 39 24.23 -12.76 6.20
CA ASP B 39 24.10 -11.65 5.26
C ASP B 39 24.67 -10.35 5.83
N GLY B 40 25.81 -10.42 6.51
CA GLY B 40 26.39 -9.21 7.08
C GLY B 40 26.09 -9.05 8.56
N ALA B 41 24.85 -9.40 8.95
CA ALA B 41 24.39 -9.25 10.33
C ALA B 41 25.09 -10.25 11.25
N ASP B 42 25.57 -9.75 12.39
CA ASP B 42 26.16 -10.59 13.43
C ASP B 42 25.05 -11.35 14.16
N VAL B 43 25.03 -12.68 14.03
CA VAL B 43 23.97 -13.46 14.66
C VAL B 43 24.59 -14.33 15.75
N THR B 44 25.79 -13.94 16.21
CA THR B 44 26.55 -14.70 17.21
C THR B 44 25.67 -14.97 18.44
N LYS B 45 24.88 -13.96 18.86
CA LYS B 45 24.11 -13.99 20.09
C LYS B 45 22.62 -14.30 19.85
N ILE B 46 22.23 -14.64 18.60
CA ILE B 46 20.89 -15.05 18.25
C ILE B 46 20.78 -16.57 18.33
N LYS B 47 19.55 -17.07 18.59
CA LYS B 47 19.24 -18.49 18.60
C LYS B 47 18.68 -18.93 17.24
N PRO B 48 19.04 -20.12 16.71
CA PRO B 48 18.52 -20.61 15.44
C PRO B 48 17.00 -20.53 15.37
N HIS B 49 16.46 -20.17 14.20
CA HIS B 49 15.02 -19.99 14.10
C HIS B 49 14.56 -20.70 12.84
N ASN B 50 13.26 -21.04 12.82
CA ASN B 50 12.64 -21.76 11.73
C ASN B 50 12.97 -21.14 10.38
N SER B 51 12.98 -19.79 10.34
CA SER B 51 13.17 -19.07 9.09
C SER B 51 14.60 -19.22 8.58
N HIS B 52 15.51 -19.70 9.44
CA HIS B 52 16.92 -19.87 9.13
C HIS B 52 17.19 -21.17 8.37
N GLU B 53 16.20 -22.06 8.32
CA GLU B 53 16.44 -23.39 7.77
C GLU B 53 16.91 -23.24 6.33
N GLY B 54 18.06 -23.81 6.01
CA GLY B 54 18.54 -23.83 4.63
C GLY B 54 19.44 -22.65 4.25
N LYS B 55 19.57 -21.64 5.13
CA LYS B 55 20.34 -20.46 4.78
C LYS B 55 21.83 -20.73 4.96
N THR B 56 22.64 -19.84 4.37
CA THR B 56 24.09 -19.89 4.49
C THR B 56 24.52 -18.89 5.54
N PHE B 57 25.35 -19.34 6.49
CA PHE B 57 25.97 -18.47 7.47
C PHE B 57 27.48 -18.47 7.28
N TYR B 58 28.11 -17.31 7.43
CA TYR B 58 29.56 -17.16 7.50
C TYR B 58 30.02 -17.44 8.92
N VAL B 59 31.18 -18.11 9.04
CA VAL B 59 31.84 -18.37 10.32
C VAL B 59 33.33 -18.04 10.16
N LEU B 60 34.05 -17.90 11.28
CA LEU B 60 35.47 -17.66 11.24
C LEU B 60 36.15 -18.98 10.89
N PRO B 61 37.29 -18.96 10.15
CA PRO B 61 37.99 -20.21 9.80
C PRO B 61 38.75 -20.75 11.01
N ASN B 62 38.16 -21.75 11.66
CA ASN B 62 38.61 -22.25 12.96
C ASN B 62 38.99 -23.72 12.84
N ASP B 63 39.02 -24.24 11.61
CA ASP B 63 39.51 -25.59 11.29
C ASP B 63 40.37 -25.53 10.03
N ASP B 64 41.04 -26.64 9.70
CA ASP B 64 41.99 -26.66 8.60
C ASP B 64 41.26 -26.49 7.26
N THR B 65 40.12 -27.16 7.09
CA THR B 65 39.38 -27.03 5.83
C THR B 65 39.04 -25.56 5.56
N LEU B 66 38.53 -24.89 6.59
CA LEU B 66 38.05 -23.53 6.47
C LEU B 66 39.20 -22.57 6.22
N ARG B 67 40.35 -22.79 6.88
CA ARG B 67 41.55 -21.99 6.66
C ARG B 67 42.00 -22.05 5.19
N VAL B 68 41.93 -23.24 4.60
CA VAL B 68 42.38 -23.42 3.23
C VAL B 68 41.39 -22.70 2.28
N GLU B 69 40.09 -22.93 2.50
CA GLU B 69 39.06 -22.26 1.75
C GLU B 69 39.18 -20.74 1.88
N ALA B 70 39.37 -20.26 3.10
CA ALA B 70 39.46 -18.82 3.32
C ALA B 70 40.66 -18.24 2.57
N PHE B 71 41.79 -18.97 2.61
CA PHE B 71 42.99 -18.52 1.95
C PHE B 71 42.77 -18.49 0.43
N GLU B 72 42.14 -19.55 -0.09
CA GLU B 72 41.96 -19.67 -1.52
C GLU B 72 41.03 -18.59 -2.05
N TYR B 73 40.16 -18.11 -1.16
CA TYR B 73 39.14 -17.15 -1.55
C TYR B 73 39.70 -15.72 -1.40
N TYR B 74 40.43 -15.45 -0.31
CA TYR B 74 40.77 -14.08 0.07
C TYR B 74 42.26 -13.80 -0.12
N HIS B 75 43.07 -14.86 -0.23
CA HIS B 75 44.51 -14.75 -0.36
C HIS B 75 45.14 -14.10 0.89
N THR B 76 44.55 -14.36 2.06
CA THR B 76 45.13 -13.85 3.29
C THR B 76 44.94 -14.91 4.35
N THR B 77 45.85 -14.91 5.31
CA THR B 77 45.84 -15.86 6.42
C THR B 77 45.36 -15.16 7.68
N ASP B 78 45.36 -13.82 7.66
CA ASP B 78 45.07 -12.96 8.79
C ASP B 78 43.81 -13.44 9.51
N PRO B 79 43.93 -13.95 10.76
CA PRO B 79 42.78 -14.46 11.52
C PRO B 79 41.67 -13.44 11.76
N SER B 80 42.01 -12.14 11.73
CA SER B 80 41.04 -11.06 11.98
C SER B 80 40.25 -10.68 10.72
N PHE B 81 40.69 -11.18 9.55
CA PHE B 81 40.20 -10.66 8.29
C PHE B 81 38.69 -10.81 8.18
N LEU B 82 38.21 -12.04 8.32
CA LEU B 82 36.80 -12.30 8.07
C LEU B 82 35.95 -11.46 9.01
N GLY B 83 36.39 -11.36 10.28
CA GLY B 83 35.72 -10.55 11.28
C GLY B 83 35.60 -9.08 10.85
N ARG B 84 36.72 -8.52 10.38
CA ARG B 84 36.79 -7.13 9.97
C ARG B 84 35.94 -6.88 8.73
N TYR B 85 35.93 -7.86 7.79
CA TYR B 85 35.14 -7.79 6.57
C TYR B 85 33.65 -7.75 6.91
N MET B 86 33.21 -8.73 7.71
CA MET B 86 31.84 -8.81 8.13
C MET B 86 31.40 -7.53 8.82
N SER B 87 32.28 -7.02 9.69
CA SER B 87 32.00 -5.79 10.42
C SER B 87 31.79 -4.62 9.47
N ALA B 88 32.68 -4.50 8.49
CA ALA B 88 32.59 -3.47 7.47
C ALA B 88 31.32 -3.68 6.63
N LEU B 89 31.04 -4.94 6.25
CA LEU B 89 29.92 -5.23 5.38
C LEU B 89 28.61 -4.74 6.01
N ASN B 90 28.51 -4.92 7.33
CA ASN B 90 27.35 -4.53 8.10
C ASN B 90 27.03 -3.04 7.90
N HIS B 91 28.08 -2.22 7.66
CA HIS B 91 27.88 -0.80 7.40
C HIS B 91 27.69 -0.53 5.91
N THR B 92 28.50 -1.18 5.05
CA THR B 92 28.54 -0.80 3.64
C THR B 92 27.23 -1.23 2.98
N LYS B 93 26.59 -2.29 3.51
CA LYS B 93 25.36 -2.78 2.91
C LYS B 93 24.24 -1.75 3.11
N LYS B 94 24.47 -0.74 3.92
CA LYS B 94 23.47 0.29 4.18
C LYS B 94 23.77 1.56 3.38
N TRP B 95 24.90 1.59 2.67
CA TRP B 95 25.24 2.78 1.90
C TRP B 95 24.45 2.77 0.58
N LYS B 96 24.34 3.93 -0.07
CA LYS B 96 23.72 4.02 -1.38
C LYS B 96 24.80 4.12 -2.47
N TYR B 97 24.57 3.39 -3.57
CA TYR B 97 25.52 3.37 -4.67
C TYR B 97 24.89 3.91 -5.95
N PRO B 98 24.70 5.24 -6.09
CA PRO B 98 24.08 5.79 -7.30
C PRO B 98 24.98 5.54 -8.51
N GLN B 99 24.38 5.28 -9.67
CA GLN B 99 25.08 5.42 -10.95
C GLN B 99 25.24 6.92 -11.24
N VAL B 100 26.48 7.35 -11.42
CA VAL B 100 26.74 8.73 -11.78
C VAL B 100 27.59 8.74 -13.05
N ASN B 101 27.01 9.27 -14.14
CA ASN B 101 27.71 9.38 -15.41
C ASN B 101 28.19 8.00 -15.88
N GLY B 102 27.37 6.97 -15.66
CA GLY B 102 27.70 5.61 -16.06
C GLY B 102 28.63 4.87 -15.10
N LEU B 103 29.05 5.50 -14.00
CA LEU B 103 29.97 4.90 -13.03
C LEU B 103 29.25 4.68 -11.70
N THR B 104 29.57 3.58 -11.02
CA THR B 104 29.08 3.33 -9.67
C THR B 104 29.84 4.21 -8.69
N SER B 105 29.11 5.09 -8.00
CA SER B 105 29.67 5.92 -6.93
C SER B 105 29.10 5.50 -5.56
N ILE B 106 29.43 6.29 -4.52
CA ILE B 106 28.84 6.09 -3.20
C ILE B 106 28.35 7.44 -2.67
N LYS B 107 27.09 7.47 -2.20
CA LYS B 107 26.61 8.66 -1.52
C LYS B 107 27.37 8.84 -0.21
N TRP B 108 27.77 10.07 0.08
CA TRP B 108 28.59 10.35 1.26
C TRP B 108 27.95 9.78 2.53
N ALA B 109 28.76 9.06 3.32
CA ALA B 109 28.41 8.53 4.62
C ALA B 109 29.72 8.11 5.29
N ASP B 110 29.82 8.33 6.60
CA ASP B 110 30.88 7.75 7.41
C ASP B 110 32.27 8.04 6.84
N ASN B 111 32.50 9.27 6.37
CA ASN B 111 33.80 9.68 5.84
C ASN B 111 34.24 8.79 4.68
N ASN B 112 33.33 8.39 3.81
CA ASN B 112 33.70 7.45 2.78
C ASN B 112 34.19 8.13 1.49
N SER B 113 34.45 9.45 1.50
CA SER B 113 34.87 10.11 0.27
C SER B 113 36.09 9.44 -0.37
N TYR B 114 37.01 8.89 0.43
CA TYR B 114 38.20 8.31 -0.16
C TYR B 114 37.83 7.02 -0.89
N LEU B 115 36.86 6.29 -0.35
CA LEU B 115 36.44 5.03 -0.97
C LEU B 115 35.64 5.29 -2.25
N ALA B 116 34.83 6.35 -2.25
CA ALA B 116 34.11 6.66 -3.47
C ALA B 116 35.13 6.97 -4.55
N THR B 117 36.17 7.77 -4.22
CA THR B 117 37.15 8.17 -5.21
C THR B 117 37.87 6.94 -5.72
N ALA B 118 38.23 6.02 -4.83
CA ALA B 118 38.98 4.85 -5.25
C ALA B 118 38.09 3.96 -6.14
N LEU B 119 36.83 3.79 -5.73
CA LEU B 119 35.87 2.98 -6.48
C LEU B 119 35.69 3.53 -7.91
N LEU B 120 35.53 4.85 -8.05
CA LEU B 120 35.38 5.45 -9.36
C LEU B 120 36.63 5.23 -10.22
N THR B 121 37.82 5.37 -9.59
CA THR B 121 39.08 5.21 -10.30
C THR B 121 39.19 3.78 -10.81
N LEU B 122 38.85 2.83 -9.94
CA LEU B 122 39.01 1.44 -10.28
C LEU B 122 38.14 1.05 -11.47
N GLN B 123 37.10 1.86 -11.76
CA GLN B 123 36.26 1.52 -12.91
C GLN B 123 36.85 2.11 -14.19
N GLN B 124 37.99 2.80 -14.14
CA GLN B 124 38.41 3.49 -15.35
C GLN B 124 39.82 3.12 -15.78
N ILE B 125 40.49 2.22 -15.05
CA ILE B 125 41.82 1.78 -15.43
C ILE B 125 41.78 0.26 -15.51
N GLU B 126 42.74 -0.31 -16.23
CA GLU B 126 42.72 -1.73 -16.50
C GLU B 126 43.41 -2.48 -15.37
N LEU B 127 42.65 -3.32 -14.67
CA LEU B 127 43.24 -4.00 -13.53
C LEU B 127 42.47 -5.30 -13.28
N LYS B 128 43.21 -6.38 -13.04
CA LYS B 128 42.59 -7.65 -12.71
C LYS B 128 43.11 -8.08 -11.33
N PHE B 129 42.20 -8.54 -10.45
CA PHE B 129 42.62 -8.90 -9.10
C PHE B 129 42.86 -10.41 -9.02
N ASN B 130 43.86 -10.80 -8.22
CA ASN B 130 44.19 -12.21 -8.03
C ASN B 130 43.20 -12.88 -7.10
N PRO B 131 42.86 -12.35 -5.89
CA PRO B 131 41.97 -13.07 -4.98
C PRO B 131 40.59 -13.23 -5.61
N PRO B 132 40.02 -14.47 -5.72
CA PRO B 132 38.65 -14.62 -6.21
C PRO B 132 37.64 -13.69 -5.51
N ALA B 133 37.80 -13.50 -4.20
CA ALA B 133 36.88 -12.63 -3.47
C ALA B 133 36.91 -11.22 -4.05
N LEU B 134 38.10 -10.65 -4.28
CA LEU B 134 38.23 -9.29 -4.80
C LEU B 134 37.68 -9.19 -6.20
N GLN B 135 38.00 -10.17 -7.06
CA GLN B 135 37.61 -10.10 -8.47
C GLN B 135 36.10 -10.23 -8.60
N ASP B 136 35.53 -11.24 -7.90
CA ASP B 136 34.08 -11.40 -7.83
C ASP B 136 33.46 -10.08 -7.44
N ALA B 137 33.93 -9.50 -6.33
CA ALA B 137 33.31 -8.30 -5.78
C ALA B 137 33.45 -7.12 -6.74
N TYR B 138 34.59 -7.03 -7.46
CA TYR B 138 34.82 -5.93 -8.39
C TYR B 138 33.85 -6.01 -9.56
N TYR B 139 33.62 -7.22 -10.07
CA TYR B 139 32.67 -7.40 -11.15
C TYR B 139 31.27 -6.97 -10.73
N ARG B 140 30.87 -7.29 -9.50
CA ARG B 140 29.54 -6.94 -9.05
C ARG B 140 29.45 -5.42 -8.86
N ALA B 141 30.55 -4.81 -8.41
CA ALA B 141 30.58 -3.38 -8.19
C ALA B 141 30.45 -2.66 -9.52
N ARG B 142 31.10 -3.18 -10.56
CA ARG B 142 31.00 -2.64 -11.92
C ARG B 142 29.53 -2.72 -12.36
N ALA B 143 28.81 -3.74 -11.88
CA ALA B 143 27.44 -3.93 -12.31
C ALA B 143 26.49 -3.12 -11.42
N GLY B 144 27.00 -2.48 -10.37
CA GLY B 144 26.16 -1.62 -9.53
C GLY B 144 26.05 -2.06 -8.07
N GLU B 145 26.31 -3.35 -7.74
CA GLU B 145 26.25 -3.85 -6.37
C GLU B 145 27.63 -3.69 -5.73
N ALA B 146 27.92 -2.54 -5.11
CA ALA B 146 29.30 -2.32 -4.70
C ALA B 146 29.54 -2.56 -3.19
N ALA B 147 28.54 -2.98 -2.42
CA ALA B 147 28.64 -3.06 -0.98
C ALA B 147 29.75 -4.02 -0.52
N ASN B 148 29.82 -5.23 -1.12
CA ASN B 148 30.86 -6.19 -0.77
C ASN B 148 32.25 -5.67 -1.12
N PHE B 149 32.34 -5.10 -2.32
CA PHE B 149 33.61 -4.58 -2.79
C PHE B 149 34.16 -3.59 -1.76
N CYS B 150 33.33 -2.63 -1.33
CA CYS B 150 33.75 -1.61 -0.37
C CYS B 150 34.17 -2.26 0.96
N ALA B 151 33.44 -3.27 1.38
CA ALA B 151 33.75 -3.92 2.65
C ALA B 151 35.11 -4.64 2.56
N LEU B 152 35.37 -5.24 1.38
CA LEU B 152 36.61 -5.92 1.13
C LEU B 152 37.76 -4.92 1.04
N ILE B 153 37.57 -3.78 0.37
CA ILE B 153 38.61 -2.76 0.34
C ILE B 153 38.99 -2.35 1.77
N LEU B 154 37.99 -2.13 2.61
CA LEU B 154 38.24 -1.81 4.00
C LEU B 154 39.05 -2.93 4.67
N ALA B 155 38.63 -4.19 4.51
CA ALA B 155 39.28 -5.29 5.20
C ALA B 155 40.73 -5.45 4.73
N TYR B 156 40.97 -5.30 3.42
CA TYR B 156 42.32 -5.46 2.89
C TYR B 156 43.24 -4.30 3.31
N CYS B 157 42.69 -3.09 3.49
CA CYS B 157 43.54 -1.97 3.84
C CYS B 157 43.66 -1.80 5.36
N ASN B 158 43.02 -2.72 6.13
CA ASN B 158 42.98 -2.61 7.57
C ASN B 158 42.47 -1.22 7.98
N LYS B 159 41.31 -0.83 7.45
CA LYS B 159 40.61 0.39 7.85
C LYS B 159 39.24 0.04 8.41
N THR B 160 38.82 0.75 9.48
CA THR B 160 37.47 0.51 9.96
C THR B 160 36.56 1.63 9.43
N VAL B 161 35.28 1.28 9.20
CA VAL B 161 34.29 2.24 8.74
C VAL B 161 34.34 3.47 9.65
N GLY B 162 34.36 4.65 9.05
CA GLY B 162 34.32 5.88 9.82
C GLY B 162 35.67 6.59 9.85
N GLU B 163 36.77 5.88 9.63
CA GLU B 163 38.10 6.49 9.70
C GLU B 163 38.48 7.19 8.38
N LEU B 164 39.11 8.36 8.48
CA LEU B 164 39.65 9.03 7.31
C LEU B 164 40.58 8.07 6.56
N GLY B 165 40.54 8.10 5.22
CA GLY B 165 41.42 7.26 4.44
C GLY B 165 42.21 8.06 3.41
N ASP B 166 43.31 7.48 2.92
CA ASP B 166 44.13 8.04 1.89
C ASP B 166 43.95 7.22 0.61
N VAL B 167 43.66 7.87 -0.52
CA VAL B 167 43.42 7.16 -1.77
C VAL B 167 44.68 6.41 -2.26
N ARG B 168 45.82 7.12 -2.28
CA ARG B 168 47.07 6.57 -2.73
C ARG B 168 47.41 5.31 -1.94
N GLU B 169 47.15 5.36 -0.63
CA GLU B 169 47.48 4.24 0.24
C GLU B 169 46.55 3.07 -0.08
N THR B 170 45.27 3.37 -0.37
CA THR B 170 44.29 2.33 -0.63
C THR B 170 44.64 1.64 -1.94
N MET B 171 44.92 2.46 -2.97
CA MET B 171 45.29 1.94 -4.28
C MET B 171 46.52 1.02 -4.16
N SER B 172 47.50 1.46 -3.38
CA SER B 172 48.72 0.72 -3.18
C SER B 172 48.46 -0.67 -2.60
N TYR B 173 47.62 -0.78 -1.56
CA TYR B 173 47.30 -2.04 -0.91
C TYR B 173 46.52 -2.94 -1.88
N LEU B 174 45.55 -2.33 -2.59
CA LEU B 174 44.76 -3.11 -3.52
C LEU B 174 45.68 -3.63 -4.62
N PHE B 175 46.63 -2.77 -5.06
CA PHE B 175 47.55 -3.12 -6.13
C PHE B 175 48.37 -4.35 -5.77
N GLN B 176 48.68 -4.52 -4.48
CA GLN B 176 49.38 -5.72 -4.02
C GLN B 176 48.63 -6.97 -4.45
N HIS B 177 47.29 -6.88 -4.58
CA HIS B 177 46.49 -8.05 -4.87
C HIS B 177 46.13 -8.14 -6.34
N ALA B 178 46.68 -7.21 -7.13
CA ALA B 178 46.38 -7.20 -8.56
C ALA B 178 47.50 -7.90 -9.36
N ASN B 179 47.11 -8.48 -10.50
CA ASN B 179 48.06 -9.09 -11.41
C ASN B 179 48.71 -7.99 -12.25
N LEU B 180 49.91 -7.59 -11.85
CA LEU B 180 50.62 -6.52 -12.52
C LEU B 180 52.00 -7.02 -12.93
N ASP B 181 52.11 -8.34 -13.12
CA ASP B 181 53.39 -8.99 -13.32
C ASP B 181 54.05 -8.55 -14.62
N SER B 182 53.27 -8.29 -15.67
CA SER B 182 53.83 -7.78 -16.91
C SER B 182 54.27 -6.31 -16.82
N CYS B 183 53.83 -5.57 -15.81
CA CYS B 183 54.13 -4.14 -15.80
C CYS B 183 55.61 -3.91 -15.55
N LYS B 184 56.23 -3.11 -16.41
CA LYS B 184 57.66 -2.89 -16.36
C LYS B 184 57.90 -1.38 -16.49
N ARG B 185 58.82 -0.88 -15.66
CA ARG B 185 59.29 0.50 -15.71
C ARG B 185 60.81 0.50 -15.73
N VAL B 186 61.40 1.25 -16.67
CA VAL B 186 62.84 1.41 -16.76
C VAL B 186 63.16 2.89 -16.61
N LEU B 187 64.04 3.21 -15.64
CA LEU B 187 64.42 4.57 -15.28
C LEU B 187 65.91 4.77 -15.53
N ASN B 188 66.29 6.02 -15.81
CA ASN B 188 67.69 6.41 -15.89
C ASN B 188 67.93 7.58 -14.95
N VAL B 189 69.03 7.50 -14.19
CA VAL B 189 69.51 8.61 -13.37
C VAL B 189 70.91 9.00 -13.86
N VAL B 190 71.10 10.27 -14.24
CA VAL B 190 72.37 10.68 -14.83
C VAL B 190 72.96 11.84 -14.02
N CYS B 191 74.25 11.69 -13.70
CA CYS B 191 75.11 12.70 -13.07
C CYS B 191 76.30 12.93 -14.01
N LYS B 192 76.71 14.19 -14.21
CA LYS B 192 77.79 14.55 -15.10
C LYS B 192 79.10 13.91 -14.63
N THR B 193 79.18 13.65 -13.31
CA THR B 193 80.33 13.00 -12.67
C THR B 193 79.99 11.56 -12.28
N CYS B 194 78.96 11.41 -11.43
CA CYS B 194 78.70 10.12 -10.76
C CYS B 194 78.35 9.03 -11.78
N GLY B 195 77.90 9.42 -12.99
CA GLY B 195 77.65 8.48 -14.08
C GLY B 195 76.16 8.28 -14.40
N GLN B 196 75.88 7.22 -15.15
CA GLN B 196 74.52 6.90 -15.55
C GLN B 196 74.11 5.56 -14.93
N GLN B 197 72.99 5.56 -14.20
CA GLN B 197 72.51 4.33 -13.59
C GLN B 197 71.06 4.08 -14.01
N GLN B 198 70.83 2.88 -14.56
CA GLN B 198 69.53 2.43 -15.00
C GLN B 198 68.88 1.49 -13.96
N THR B 199 67.57 1.62 -13.76
CA THR B 199 66.83 0.75 -12.84
C THR B 199 65.61 0.17 -13.55
N THR B 200 65.40 -1.13 -13.40
CA THR B 200 64.17 -1.77 -13.89
C THR B 200 63.31 -2.21 -12.72
N LEU B 201 62.03 -1.81 -12.75
CA LEU B 201 61.06 -2.24 -11.75
C LEU B 201 59.93 -2.99 -12.45
N LYS B 202 59.38 -3.98 -11.74
CA LYS B 202 58.25 -4.76 -12.20
C LYS B 202 57.13 -4.73 -11.16
N GLY B 203 55.88 -4.85 -11.57
CA GLY B 203 54.75 -5.01 -10.66
C GLY B 203 54.25 -3.66 -10.12
N VAL B 204 53.83 -3.65 -8.85
CA VAL B 204 53.24 -2.45 -8.26
C VAL B 204 54.18 -1.27 -8.43
N GLU B 205 55.47 -1.49 -8.13
CA GLU B 205 56.47 -0.45 -8.19
C GLU B 205 56.56 0.13 -9.60
N ALA B 206 56.04 -0.57 -10.62
CA ALA B 206 56.22 -0.08 -11.98
C ALA B 206 55.17 0.97 -12.37
N VAL B 207 54.08 1.08 -11.59
CA VAL B 207 52.96 1.91 -12.00
C VAL B 207 52.73 3.08 -11.02
N MET B 208 53.63 3.24 -10.02
CA MET B 208 53.38 4.24 -8.98
C MET B 208 54.54 5.22 -8.87
N TYR B 209 54.23 6.48 -8.55
CA TYR B 209 55.27 7.48 -8.41
C TYR B 209 54.77 8.55 -7.46
N MET B 210 55.64 8.94 -6.52
CA MET B 210 55.27 9.98 -5.56
C MET B 210 56.26 11.15 -5.68
N GLY B 211 55.73 12.32 -6.06
CA GLY B 211 56.57 13.50 -6.10
C GLY B 211 56.15 14.51 -7.17
N THR B 212 55.52 14.02 -8.24
CA THR B 212 54.99 14.92 -9.28
C THR B 212 53.69 14.34 -9.85
N LEU B 213 52.75 15.22 -10.19
CA LEU B 213 51.49 14.84 -10.80
C LEU B 213 51.64 14.63 -12.30
N SER B 214 52.65 15.27 -12.92
CA SER B 214 52.73 15.34 -14.37
C SER B 214 53.49 14.14 -14.92
N TYR B 215 52.81 13.36 -15.80
CA TYR B 215 53.49 12.25 -16.44
C TYR B 215 54.53 12.79 -17.43
N GLU B 216 54.19 13.90 -18.09
CA GLU B 216 55.09 14.56 -19.04
C GLU B 216 56.40 14.92 -18.33
N GLN B 217 56.29 15.50 -17.12
CA GLN B 217 57.45 15.94 -16.37
C GLN B 217 58.37 14.76 -16.09
N PHE B 218 57.79 13.60 -15.76
CA PHE B 218 58.59 12.41 -15.50
C PHE B 218 59.28 11.94 -16.78
N LYS B 219 58.63 12.09 -17.93
CA LYS B 219 59.24 11.70 -19.20
C LYS B 219 60.43 12.61 -19.53
N LYS B 220 60.27 13.91 -19.27
CA LYS B 220 61.26 14.91 -19.61
C LYS B 220 62.45 14.81 -18.66
N GLY B 221 62.20 14.53 -17.38
CA GLY B 221 63.25 14.47 -16.38
C GLY B 221 62.89 15.31 -15.17
N VAL B 222 63.23 14.77 -13.97
CA VAL B 222 63.02 15.46 -12.72
C VAL B 222 64.34 15.46 -11.96
N GLN B 223 64.59 16.53 -11.21
CA GLN B 223 65.76 16.67 -10.36
C GLN B 223 65.57 15.83 -9.10
N ILE B 224 66.59 15.03 -8.76
CA ILE B 224 66.65 14.39 -7.44
C ILE B 224 68.09 14.40 -6.94
N PRO B 225 68.26 14.44 -5.60
CA PRO B 225 69.56 14.27 -4.94
C PRO B 225 70.30 13.02 -5.41
N CYS B 226 71.61 13.18 -5.63
CA CYS B 226 72.47 12.13 -6.14
C CYS B 226 73.29 11.59 -4.97
N THR B 227 73.99 10.48 -5.17
CA THR B 227 75.08 10.05 -4.29
C THR B 227 76.04 11.22 -4.01
N CYS B 228 76.18 12.20 -4.94
CA CYS B 228 77.06 13.35 -4.78
C CYS B 228 76.54 14.36 -3.76
N GLY B 229 75.24 14.34 -3.47
CA GLY B 229 74.66 15.31 -2.57
C GLY B 229 74.07 16.52 -3.29
N LYS B 230 74.42 16.71 -4.58
CA LYS B 230 73.79 17.70 -5.45
C LYS B 230 72.70 17.03 -6.29
N GLN B 231 72.09 17.80 -7.20
CA GLN B 231 70.93 17.37 -7.97
C GLN B 231 71.35 16.62 -9.25
N ALA B 232 70.75 15.45 -9.51
CA ALA B 232 70.94 14.68 -10.73
C ALA B 232 69.63 14.60 -11.50
N THR B 233 69.62 13.92 -12.68
CA THR B 233 68.39 13.88 -13.46
C THR B 233 67.86 12.44 -13.56
N LYS B 234 66.60 12.25 -13.16
CA LYS B 234 65.93 10.95 -13.26
C LYS B 234 64.81 11.07 -14.27
N TYR B 235 64.78 10.16 -15.26
CA TYR B 235 63.76 10.25 -16.31
C TYR B 235 63.31 8.86 -16.72
N LEU B 236 62.07 8.75 -17.21
CA LEU B 236 61.48 7.49 -17.63
C LEU B 236 62.04 7.08 -18.99
N VAL B 237 62.53 5.85 -19.07
CA VAL B 237 63.12 5.37 -20.30
C VAL B 237 62.08 4.51 -21.02
N GLN B 238 61.47 3.59 -20.27
CA GLN B 238 60.47 2.72 -20.85
C GLN B 238 59.37 2.42 -19.84
N GLN B 239 58.14 2.33 -20.34
CA GLN B 239 56.99 1.98 -19.52
C GLN B 239 56.15 0.98 -20.27
N GLU B 240 55.85 -0.14 -19.63
CA GLU B 240 54.91 -1.10 -20.21
C GLU B 240 53.86 -1.44 -19.15
N SER B 241 52.70 -0.77 -19.24
CA SER B 241 51.59 -0.98 -18.32
C SER B 241 50.34 -0.33 -18.90
N PRO B 242 49.12 -0.81 -18.57
CA PRO B 242 47.90 -0.18 -19.12
C PRO B 242 47.59 1.21 -18.54
N PHE B 243 48.24 1.56 -17.42
CA PHE B 243 48.05 2.85 -16.80
C PHE B 243 49.28 3.16 -15.95
N VAL B 244 49.36 4.42 -15.49
CA VAL B 244 50.33 4.83 -14.49
C VAL B 244 49.58 5.76 -13.54
N MET B 245 50.01 5.74 -12.25
CA MET B 245 49.49 6.62 -11.23
C MET B 245 50.61 7.56 -10.75
N MET B 246 50.39 8.88 -10.92
CA MET B 246 51.33 9.90 -10.47
C MET B 246 50.72 10.64 -9.29
N SER B 247 51.42 10.62 -8.14
CA SER B 247 50.94 11.23 -6.91
C SER B 247 51.90 12.30 -6.41
N ALA B 248 51.35 13.20 -5.58
CA ALA B 248 52.11 14.29 -4.97
C ALA B 248 51.31 14.90 -3.84
N PRO B 249 51.96 15.52 -2.82
CA PRO B 249 51.22 16.16 -1.73
C PRO B 249 50.23 17.12 -2.37
N PRO B 250 48.98 17.19 -1.90
CA PRO B 250 47.98 18.05 -2.52
C PRO B 250 48.50 19.47 -2.76
N ALA B 251 48.32 19.96 -4.00
CA ALA B 251 48.67 21.30 -4.46
C ALA B 251 47.70 21.74 -5.57
N GLN B 252 47.44 23.04 -5.66
CA GLN B 252 46.68 23.62 -6.76
C GLN B 252 47.29 23.19 -8.08
N TYR B 253 46.44 22.67 -8.97
CA TYR B 253 46.87 22.09 -10.23
C TYR B 253 45.74 22.22 -11.23
N GLU B 254 46.11 22.42 -12.50
CA GLU B 254 45.14 22.59 -13.55
C GLU B 254 45.05 21.31 -14.36
N LEU B 255 43.85 20.73 -14.39
CA LEU B 255 43.56 19.54 -15.19
C LEU B 255 43.03 19.95 -16.57
N LYS B 256 43.76 19.62 -17.64
CA LYS B 256 43.31 19.92 -18.99
C LYS B 256 42.55 18.72 -19.56
N HIS B 257 41.39 19.01 -20.13
CA HIS B 257 40.53 18.03 -20.78
C HIS B 257 41.30 17.18 -21.77
N GLY B 258 41.18 15.85 -21.63
CA GLY B 258 41.73 14.89 -22.57
C GLY B 258 43.23 14.67 -22.42
N THR B 259 43.85 15.17 -21.33
CA THR B 259 45.29 15.00 -21.10
C THR B 259 45.55 13.97 -19.99
N PHE B 260 44.50 13.38 -19.41
CA PHE B 260 44.64 12.42 -18.33
C PHE B 260 43.31 11.64 -18.27
N THR B 261 43.25 10.55 -17.49
CA THR B 261 41.99 9.81 -17.36
C THR B 261 41.17 10.31 -16.16
N CYS B 262 41.72 10.18 -14.95
CA CYS B 262 40.99 10.65 -13.79
C CYS B 262 42.01 11.13 -12.76
N ALA B 263 41.49 11.85 -11.75
CA ALA B 263 42.33 12.47 -10.75
C ALA B 263 41.59 12.55 -9.41
N SER B 264 42.39 12.57 -8.34
CA SER B 264 41.88 12.76 -6.98
C SER B 264 42.13 14.19 -6.53
N GLU B 265 41.08 14.85 -6.05
CA GLU B 265 41.19 16.14 -5.39
C GLU B 265 41.08 15.96 -3.87
N TYR B 266 42.01 16.54 -3.12
CA TYR B 266 42.01 16.48 -1.66
C TYR B 266 42.06 17.88 -1.03
N THR B 267 40.97 18.22 -0.31
CA THR B 267 40.94 19.40 0.54
C THR B 267 40.98 18.94 2.00
N GLY B 268 41.98 19.43 2.75
CA GLY B 268 42.12 19.07 4.17
C GLY B 268 43.58 18.74 4.52
N ASN B 269 43.78 18.01 5.63
CA ASN B 269 45.11 17.62 6.05
C ASN B 269 45.06 16.15 6.48
N TYR B 270 46.01 15.72 7.33
CA TYR B 270 46.09 14.34 7.76
C TYR B 270 44.98 14.00 8.75
N GLN B 271 44.40 15.03 9.39
CA GLN B 271 43.49 14.76 10.48
C GLN B 271 42.04 14.76 9.98
N SER B 272 41.75 15.54 8.93
CA SER B 272 40.46 15.46 8.24
C SER B 272 40.51 16.24 6.93
N GLY B 273 39.52 15.94 6.08
CA GLY B 273 39.47 16.50 4.75
C GLY B 273 38.50 15.70 3.90
N HIS B 274 38.45 16.04 2.62
CA HIS B 274 37.41 15.53 1.72
C HIS B 274 38.01 15.34 0.33
N TYR B 275 37.71 14.17 -0.24
CA TYR B 275 38.15 13.87 -1.59
C TYR B 275 37.01 14.16 -2.55
N LYS B 276 37.38 14.64 -3.74
CA LYS B 276 36.49 14.57 -4.90
C LYS B 276 37.24 13.93 -6.06
N HIS B 277 36.47 13.44 -7.03
CA HIS B 277 37.01 12.72 -8.17
C HIS B 277 36.76 13.52 -9.45
N ILE B 278 37.81 13.73 -10.25
CA ILE B 278 37.63 14.43 -11.52
C ILE B 278 38.00 13.47 -12.63
N THR B 279 37.06 13.29 -13.57
CA THR B 279 37.26 12.36 -14.67
C THR B 279 37.12 13.09 -16.00
N SER B 280 37.99 12.72 -16.96
CA SER B 280 37.97 13.30 -18.29
C SER B 280 37.19 12.38 -19.24
N LYS B 281 36.02 12.87 -19.68
CA LYS B 281 35.19 12.18 -20.65
C LYS B 281 35.05 13.07 -21.89
N GLU B 282 33.81 13.34 -22.33
CA GLU B 282 33.61 14.26 -23.43
C GLU B 282 33.86 15.69 -22.95
N THR B 283 33.78 15.91 -21.63
CA THR B 283 34.22 17.13 -20.96
C THR B 283 34.72 16.72 -19.58
N LEU B 284 35.01 17.69 -18.69
CA LEU B 284 35.47 17.36 -17.34
C LEU B 284 34.28 17.16 -16.40
N TYR B 285 34.23 15.99 -15.75
CA TYR B 285 33.23 15.70 -14.74
C TYR B 285 33.90 15.71 -13.36
N CYS B 286 33.20 16.31 -12.39
CA CYS B 286 33.57 16.26 -10.99
C CYS B 286 32.53 15.45 -10.23
N ILE B 287 32.90 14.23 -9.85
CA ILE B 287 32.04 13.34 -9.09
C ILE B 287 32.34 13.47 -7.59
N ASP B 288 31.35 13.92 -6.83
CA ASP B 288 31.48 14.13 -5.40
C ASP B 288 30.47 13.23 -4.70
N GLY B 289 30.80 11.97 -4.52
CA GLY B 289 29.81 11.05 -3.97
C GLY B 289 28.63 10.93 -4.93
N ALA B 290 27.44 11.44 -4.53
CA ALA B 290 26.24 11.33 -5.35
C ALA B 290 26.03 12.56 -6.23
N LEU B 291 26.87 13.59 -6.05
CA LEU B 291 26.71 14.84 -6.79
C LEU B 291 27.65 14.88 -7.99
N LEU B 292 27.16 15.46 -9.11
CA LEU B 292 27.93 15.53 -10.34
C LEU B 292 27.92 16.96 -10.88
N THR B 293 29.09 17.51 -11.21
CA THR B 293 29.13 18.79 -11.89
C THR B 293 30.08 18.68 -13.08
N LYS B 294 29.80 19.43 -14.16
CA LYS B 294 30.66 19.40 -15.34
C LYS B 294 31.24 20.78 -15.56
N SER B 295 32.40 20.86 -16.24
CA SER B 295 33.03 22.11 -16.63
C SER B 295 34.04 21.82 -17.75
N SER B 296 34.46 22.86 -18.49
CA SER B 296 35.49 22.75 -19.53
C SER B 296 36.88 22.77 -18.92
N GLU B 297 37.04 23.51 -17.79
CA GLU B 297 38.33 23.62 -17.12
C GLU B 297 38.21 23.17 -15.66
N TYR B 298 39.34 22.85 -15.02
CA TYR B 298 39.37 22.48 -13.62
C TYR B 298 40.73 22.82 -13.02
N LYS B 299 40.69 23.53 -11.88
CA LYS B 299 41.88 23.90 -11.12
C LYS B 299 41.53 23.65 -9.65
N GLY B 300 42.36 22.88 -8.95
CA GLY B 300 42.06 22.55 -7.57
C GLY B 300 43.23 21.82 -6.92
N PRO B 301 43.11 21.44 -5.64
CA PRO B 301 44.18 20.72 -4.96
C PRO B 301 44.17 19.23 -5.36
N ILE B 302 44.96 18.91 -6.37
CA ILE B 302 45.02 17.56 -6.89
C ILE B 302 46.15 16.80 -6.21
N THR B 303 45.98 15.49 -5.99
CA THR B 303 46.96 14.71 -5.24
C THR B 303 47.36 13.42 -5.98
N ASP B 304 46.48 12.93 -6.89
CA ASP B 304 46.75 11.78 -7.72
C ASP B 304 46.21 12.01 -9.12
N VAL B 305 46.98 11.61 -10.14
CA VAL B 305 46.48 11.64 -11.50
C VAL B 305 46.76 10.29 -12.13
N PHE B 306 45.77 9.77 -12.86
CA PHE B 306 45.91 8.50 -13.56
C PHE B 306 45.93 8.77 -15.06
N TYR B 307 46.92 8.17 -15.73
CA TYR B 307 47.07 8.27 -17.17
C TYR B 307 47.00 6.89 -17.80
N LYS B 308 46.44 6.83 -19.02
CA LYS B 308 46.46 5.62 -19.82
C LYS B 308 47.85 5.43 -20.43
N GLU B 309 48.24 4.16 -20.60
CA GLU B 309 49.50 3.86 -21.24
C GLU B 309 49.35 2.52 -21.94
N ASN B 310 50.27 2.21 -22.85
CA ASN B 310 50.36 0.87 -23.40
C ASN B 310 51.83 0.45 -23.40
N SER B 311 52.61 1.09 -24.27
CA SER B 311 54.03 0.83 -24.35
C SER B 311 54.72 2.12 -24.75
N TYR B 312 55.61 2.63 -23.90
CA TYR B 312 56.28 3.89 -24.15
C TYR B 312 57.79 3.69 -24.09
N THR B 313 58.48 4.24 -25.10
CA THR B 313 59.92 4.28 -25.16
C THR B 313 60.37 5.74 -25.30
N THR B 314 61.40 6.15 -24.56
CA THR B 314 61.87 7.53 -24.62
C THR B 314 62.51 7.78 -25.99
N THR B 315 62.55 9.06 -26.38
CA THR B 315 63.32 9.47 -27.54
C THR B 315 64.65 10.09 -27.09
N ILE B 316 64.83 10.31 -25.77
CA ILE B 316 66.08 10.83 -25.23
C ILE B 316 67.19 9.81 -25.46
N LYS B 317 68.34 10.26 -25.98
CA LYS B 317 69.59 9.49 -25.95
C LYS B 317 70.46 10.11 -24.86
N PRO B 318 71.04 9.33 -23.90
CA PRO B 318 71.31 9.81 -22.53
C PRO B 318 71.22 11.31 -22.13
N VAL C 4 27.05 34.05 35.11
CA VAL C 4 28.26 33.63 34.33
C VAL C 4 28.08 32.15 33.98
N ARG C 5 28.35 31.81 32.71
CA ARG C 5 28.18 30.51 32.04
C ARG C 5 26.79 29.85 32.21
N THR C 6 25.94 30.12 31.22
CA THR C 6 24.57 29.60 31.20
C THR C 6 24.26 29.05 29.81
N ILE C 7 23.35 28.05 29.73
CA ILE C 7 22.67 27.70 28.49
C ILE C 7 21.16 27.79 28.66
N LYS C 8 20.45 27.85 27.53
CA LYS C 8 19.00 27.75 27.49
C LYS C 8 18.56 26.32 27.19
N VAL C 9 17.68 25.76 28.02
CA VAL C 9 17.11 24.43 27.82
C VAL C 9 15.61 24.50 28.06
N PHE C 10 14.90 23.39 27.79
CA PHE C 10 13.47 23.31 28.09
C PHE C 10 13.24 22.20 29.12
N THR C 11 12.38 22.50 30.12
CA THR C 11 11.86 21.45 30.98
C THR C 11 10.42 21.13 30.56
N THR C 12 9.97 19.90 30.87
CA THR C 12 8.63 19.47 30.50
C THR C 12 8.24 18.29 31.37
N VAL C 13 6.94 18.02 31.42
CA VAL C 13 6.43 16.76 31.93
C VAL C 13 5.76 15.98 30.80
N ASP C 14 5.36 16.68 29.72
CA ASP C 14 4.50 16.05 28.73
C ASP C 14 5.10 16.04 27.33
N ASN C 15 6.19 16.80 27.13
CA ASN C 15 6.90 16.91 25.86
C ASN C 15 6.10 17.74 24.85
N ILE C 16 5.06 18.44 25.30
CA ILE C 16 4.20 19.25 24.45
C ILE C 16 4.28 20.69 24.94
N ASN C 17 4.18 20.88 26.25
CA ASN C 17 4.42 22.18 26.84
C ASN C 17 5.87 22.22 27.29
N LEU C 18 6.68 23.04 26.59
CA LEU C 18 8.08 23.25 26.94
C LEU C 18 8.20 24.50 27.78
N HIS C 19 8.99 24.45 28.86
CA HIS C 19 9.19 25.60 29.71
C HIS C 19 10.64 26.03 29.64
N THR C 20 10.87 27.22 29.05
CA THR C 20 12.21 27.74 28.82
C THR C 20 12.95 27.93 30.14
N GLN C 21 14.17 27.38 30.27
CA GLN C 21 14.99 27.59 31.44
C GLN C 21 16.34 28.13 31.00
N VAL C 22 16.95 28.92 31.89
CA VAL C 22 18.35 29.28 31.77
C VAL C 22 19.08 28.55 32.88
N VAL C 23 20.07 27.72 32.54
CA VAL C 23 20.73 26.90 33.55
C VAL C 23 22.17 27.36 33.74
N ASP C 24 22.64 27.16 34.97
CA ASP C 24 24.01 27.48 35.37
C ASP C 24 24.85 26.24 35.11
N MET C 25 25.99 26.43 34.43
CA MET C 25 26.85 25.33 34.05
C MET C 25 27.61 24.78 35.27
N SER C 26 27.60 25.52 36.38
CA SER C 26 28.44 25.15 37.51
C SER C 26 27.71 24.17 38.44
N MET C 27 26.36 24.15 38.39
CA MET C 27 25.55 23.24 39.21
C MET C 27 25.02 22.08 38.37
N THR C 28 24.66 20.96 39.02
CA THR C 28 24.04 19.82 38.35
C THR C 28 22.61 20.18 37.97
N TYR C 29 22.03 19.40 37.06
CA TYR C 29 20.61 19.51 36.74
C TYR C 29 19.80 19.26 38.01
N GLY C 30 20.22 18.24 38.77
CA GLY C 30 19.66 17.92 40.08
C GLY C 30 19.50 19.15 40.97
N GLN C 31 20.60 19.89 41.19
CA GLN C 31 20.54 21.08 42.03
C GLN C 31 19.57 22.11 41.46
N GLN C 32 19.27 22.05 40.15
CA GLN C 32 18.51 23.14 39.57
C GLN C 32 17.04 22.79 39.37
N PHE C 33 16.73 21.52 39.09
CA PHE C 33 15.39 21.16 38.67
C PHE C 33 14.82 20.06 39.56
N GLY C 34 15.66 19.44 40.40
CA GLY C 34 15.33 18.19 41.04
C GLY C 34 15.62 17.04 40.09
N PRO C 35 14.98 15.85 40.25
CA PRO C 35 15.25 14.73 39.34
C PRO C 35 15.03 15.14 37.88
N THR C 36 16.03 14.89 37.04
CA THR C 36 15.97 15.33 35.66
C THR C 36 16.33 14.15 34.76
N TYR C 37 15.63 14.07 33.62
CA TYR C 37 15.89 13.02 32.64
C TYR C 37 16.04 13.62 31.25
N LEU C 38 16.95 13.03 30.47
CA LEU C 38 17.12 13.37 29.07
C LEU C 38 16.90 12.10 28.26
N ASP C 39 15.74 12.04 27.61
CA ASP C 39 15.35 10.90 26.80
C ASP C 39 15.41 9.58 27.58
N GLY C 40 14.89 9.59 28.82
CA GLY C 40 14.87 8.36 29.60
C GLY C 40 16.05 8.26 30.58
N ALA C 41 17.24 8.72 30.14
CA ALA C 41 18.45 8.68 30.95
C ALA C 41 18.34 9.67 32.12
N ASP C 42 18.72 9.21 33.31
CA ASP C 42 18.75 10.06 34.50
C ASP C 42 19.97 10.98 34.45
N VAL C 43 19.73 12.29 34.36
CA VAL C 43 20.83 13.24 34.26
C VAL C 43 20.84 14.11 35.52
N THR C 44 20.22 13.60 36.61
CA THR C 44 20.07 14.35 37.85
C THR C 44 21.44 14.84 38.33
N LYS C 45 22.46 13.98 38.22
CA LYS C 45 23.79 14.22 38.77
C LYS C 45 24.80 14.56 37.65
N ILE C 46 24.32 14.86 36.43
CA ILE C 46 25.13 15.39 35.35
C ILE C 46 25.13 16.92 35.44
N LYS C 47 26.24 17.51 34.99
CA LYS C 47 26.39 18.97 34.91
C LYS C 47 26.12 19.40 33.47
N PRO C 48 25.44 20.55 33.24
CA PRO C 48 25.13 20.97 31.87
C PRO C 48 26.37 21.00 30.98
N HIS C 49 26.18 20.68 29.71
CA HIS C 49 27.24 20.92 28.75
C HIS C 49 26.69 21.81 27.65
N ASN C 50 27.59 22.55 27.01
CA ASN C 50 27.21 23.50 25.98
C ASN C 50 26.39 22.81 24.89
N SER C 51 26.72 21.54 24.61
CA SER C 51 26.07 20.64 23.67
C SER C 51 24.58 20.45 23.99
N HIS C 52 24.16 20.72 25.25
CA HIS C 52 22.82 20.47 25.77
C HIS C 52 21.86 21.60 25.38
N GLU C 53 22.41 22.71 24.86
CA GLU C 53 21.60 23.90 24.64
C GLU C 53 20.44 23.54 23.72
N GLY C 54 19.22 23.82 24.17
CA GLY C 54 18.04 23.69 23.32
C GLY C 54 17.37 22.32 23.45
N LYS C 55 17.95 21.41 24.24
CA LYS C 55 17.34 20.10 24.41
C LYS C 55 16.17 20.21 25.40
N THR C 56 15.27 19.22 25.33
CA THR C 56 14.17 19.11 26.27
C THR C 56 14.54 18.12 27.37
N PHE C 57 14.38 18.51 28.63
CA PHE C 57 14.55 17.60 29.75
C PHE C 57 13.21 17.42 30.47
N TYR C 58 12.93 16.17 30.88
CA TYR C 58 11.78 15.85 31.71
C TYR C 58 12.14 16.09 33.18
N VAL C 59 11.17 16.62 33.95
CA VAL C 59 11.33 16.86 35.36
C VAL C 59 10.07 16.36 36.08
N LEU C 60 10.16 16.15 37.40
CA LEU C 60 9.00 15.78 38.18
C LEU C 60 8.08 17.00 38.33
N PRO C 61 6.74 16.80 38.37
CA PRO C 61 5.82 17.93 38.52
C PRO C 61 5.82 18.44 39.97
N ASN C 62 6.53 19.55 40.18
CA ASN C 62 6.83 20.07 41.51
C ASN C 62 6.18 21.44 41.70
N ASP C 63 5.44 21.90 40.69
CA ASP C 63 4.70 23.16 40.75
C ASP C 63 3.30 22.95 40.16
N ASP C 64 2.42 23.94 40.31
CA ASP C 64 1.03 23.81 39.93
C ASP C 64 0.90 23.61 38.42
N THR C 65 1.65 24.38 37.64
CA THR C 65 1.56 24.30 36.19
C THR C 65 1.89 22.87 35.74
N LEU C 66 2.98 22.33 36.30
CA LEU C 66 3.48 21.03 35.89
C LEU C 66 2.52 19.93 36.30
N ARG C 67 1.93 20.05 37.50
CA ARG C 67 0.95 19.09 38.00
C ARG C 67 -0.24 19.01 37.06
N VAL C 68 -0.69 20.18 36.56
CA VAL C 68 -1.86 20.24 35.71
C VAL C 68 -1.53 19.60 34.37
N GLU C 69 -0.38 19.99 33.79
CA GLU C 69 0.09 19.43 32.54
C GLU C 69 0.24 17.91 32.66
N ALA C 70 0.87 17.46 33.76
CA ALA C 70 1.11 16.04 33.94
C ALA C 70 -0.21 15.28 33.99
N PHE C 71 -1.18 15.86 34.72
CA PHE C 71 -2.46 15.22 34.92
C PHE C 71 -3.21 15.15 33.60
N GLU C 72 -3.19 16.26 32.85
CA GLU C 72 -3.96 16.34 31.63
C GLU C 72 -3.40 15.36 30.61
N TYR C 73 -2.10 15.08 30.72
CA TYR C 73 -1.43 14.29 29.72
C TYR C 73 -1.51 12.80 30.07
N TYR C 74 -1.32 12.46 31.35
CA TYR C 74 -1.13 11.08 31.74
C TYR C 74 -2.35 10.53 32.48
N HIS C 75 -3.19 11.46 32.98
CA HIS C 75 -4.35 11.12 33.79
C HIS C 75 -3.89 10.47 35.10
N THR C 76 -2.72 10.82 35.60
CA THR C 76 -2.29 10.39 36.94
C THR C 76 -1.46 11.50 37.55
N THR C 77 -1.40 11.57 38.88
CA THR C 77 -0.47 12.50 39.49
C THR C 77 0.54 11.74 40.35
N ASP C 78 0.40 10.41 40.42
CA ASP C 78 1.33 9.51 41.11
C ASP C 78 2.78 9.92 40.83
N PRO C 79 3.51 10.41 41.86
CA PRO C 79 4.88 10.93 41.67
C PRO C 79 5.86 9.91 41.09
N SER C 80 5.58 8.61 41.34
CA SER C 80 6.44 7.54 40.88
C SER C 80 6.20 7.17 39.40
N PHE C 81 5.11 7.64 38.81
CA PHE C 81 4.77 7.25 37.46
C PHE C 81 5.84 7.75 36.49
N LEU C 82 6.14 9.04 36.53
CA LEU C 82 7.11 9.62 35.62
C LEU C 82 8.44 8.90 35.73
N GLY C 83 8.85 8.61 36.97
CA GLY C 83 10.09 7.90 37.26
C GLY C 83 10.10 6.52 36.61
N ARG C 84 9.01 5.77 36.75
CA ARG C 84 8.87 4.43 36.20
C ARG C 84 8.86 4.46 34.67
N TYR C 85 8.23 5.49 34.08
CA TYR C 85 8.17 5.65 32.63
C TYR C 85 9.57 5.91 32.07
N MET C 86 10.28 6.87 32.66
CA MET C 86 11.63 7.20 32.24
C MET C 86 12.55 5.97 32.35
N SER C 87 12.46 5.22 33.47
CA SER C 87 13.24 4.01 33.68
C SER C 87 12.98 2.98 32.59
N ALA C 88 11.70 2.76 32.28
CA ALA C 88 11.31 1.87 31.20
C ALA C 88 11.81 2.43 29.86
N LEU C 89 11.64 3.75 29.65
CA LEU C 89 11.99 4.35 28.37
C LEU C 89 13.49 4.16 28.12
N ASN C 90 14.27 4.27 29.18
CA ASN C 90 15.70 4.11 29.14
C ASN C 90 16.08 2.75 28.56
N HIS C 91 15.23 1.72 28.75
CA HIS C 91 15.46 0.40 28.17
C HIS C 91 14.82 0.29 26.78
N THR C 92 13.58 0.79 26.63
CA THR C 92 12.81 0.52 25.42
C THR C 92 13.42 1.30 24.26
N LYS C 93 14.05 2.44 24.55
CA LYS C 93 14.61 3.28 23.49
C LYS C 93 15.79 2.58 22.84
N LYS C 94 16.26 1.48 23.45
CA LYS C 94 17.39 0.75 22.91
C LYS C 94 16.94 -0.49 22.17
N TRP C 95 15.63 -0.78 22.19
CA TRP C 95 15.11 -1.93 21.46
C TRP C 95 15.00 -1.57 19.99
N LYS C 96 14.93 -2.60 19.14
CA LYS C 96 14.71 -2.44 17.71
C LYS C 96 13.25 -2.72 17.39
N TYR C 97 12.68 -1.89 16.52
CA TYR C 97 11.30 -2.05 16.09
C TYR C 97 11.23 -2.29 14.59
N PRO C 98 11.57 -3.50 14.08
CA PRO C 98 11.52 -3.74 12.63
C PRO C 98 10.07 -3.71 12.17
N GLN C 99 9.84 -3.23 10.95
CA GLN C 99 8.60 -3.47 10.23
C GLN C 99 8.58 -4.92 9.76
N VAL C 100 7.55 -5.67 10.16
CA VAL C 100 7.40 -7.04 9.69
C VAL C 100 6.01 -7.17 9.10
N ASN C 101 5.95 -7.43 7.77
CA ASN C 101 4.70 -7.58 7.05
C ASN C 101 3.81 -6.33 7.24
N GLY C 102 4.40 -5.14 7.24
CA GLY C 102 3.67 -3.90 7.39
C GLY C 102 3.28 -3.56 8.84
N LEU C 103 3.68 -4.39 9.81
CA LEU C 103 3.39 -4.16 11.22
C LEU C 103 4.68 -3.84 11.97
N THR C 104 4.60 -2.92 12.94
CA THR C 104 5.71 -2.63 13.82
C THR C 104 5.79 -3.76 14.86
N SER C 105 6.93 -4.46 14.86
CA SER C 105 7.23 -5.48 15.85
C SER C 105 8.36 -5.02 16.78
N ILE C 106 8.80 -5.92 17.66
CA ILE C 106 9.99 -5.68 18.48
C ILE C 106 10.94 -6.87 18.39
N LYS C 107 12.21 -6.59 18.11
CA LYS C 107 13.23 -7.63 18.17
C LYS C 107 13.37 -8.13 19.61
N TRP C 108 13.46 -9.45 19.78
CA TRP C 108 13.53 -10.00 21.12
C TRP C 108 14.64 -9.37 21.97
N ALA C 109 14.27 -8.98 23.19
CA ALA C 109 15.18 -8.46 24.21
C ALA C 109 14.42 -8.41 25.53
N ASP C 110 15.10 -8.74 26.64
CA ASP C 110 14.56 -8.54 27.98
C ASP C 110 13.19 -9.20 28.14
N ASN C 111 12.99 -10.41 27.59
CA ASN C 111 11.73 -11.12 27.73
C ASN C 111 10.55 -10.29 27.22
N ASN C 112 10.72 -9.60 26.10
CA ASN C 112 9.68 -8.71 25.66
C ASN C 112 8.69 -9.39 24.72
N SER C 113 8.71 -10.73 24.59
CA SER C 113 7.82 -11.38 23.64
C SER C 113 6.35 -11.03 23.89
N TYR C 114 5.94 -10.83 25.15
CA TYR C 114 4.55 -10.54 25.41
C TYR C 114 4.21 -9.14 24.90
N LEU C 115 5.15 -8.21 25.00
CA LEU C 115 4.95 -6.83 24.54
C LEU C 115 4.91 -6.77 23.02
N ALA C 116 5.75 -7.57 22.36
CA ALA C 116 5.72 -7.59 20.92
C ALA C 116 4.34 -8.07 20.49
N THR C 117 3.84 -9.14 21.13
CA THR C 117 2.56 -9.71 20.73
C THR C 117 1.46 -8.69 20.96
N ALA C 118 1.50 -7.98 22.09
CA ALA C 118 0.44 -7.03 22.38
C ALA C 118 0.50 -5.86 21.40
N LEU C 119 1.72 -5.39 21.12
CA LEU C 119 1.94 -4.31 20.18
C LEU C 119 1.38 -4.66 18.80
N LEU C 120 1.68 -5.86 18.30
CA LEU C 120 1.18 -6.30 17.00
C LEU C 120 -0.35 -6.35 16.99
N THR C 121 -0.94 -6.86 18.09
CA THR C 121 -2.38 -7.00 18.19
C THR C 121 -3.02 -5.62 18.14
N LEU C 122 -2.45 -4.69 18.91
CA LEU C 122 -3.01 -3.36 19.02
C LEU C 122 -3.03 -2.68 17.66
N GLN C 123 -2.20 -3.11 16.71
CA GLN C 123 -2.22 -2.47 15.40
C GLN C 123 -3.30 -3.08 14.51
N GLN C 124 -4.08 -4.04 15.00
CA GLN C 124 -5.01 -4.71 14.09
C GLN C 124 -6.46 -4.63 14.57
N ILE C 125 -6.72 -3.99 15.72
CA ILE C 125 -8.08 -3.88 16.21
C ILE C 125 -8.36 -2.41 16.44
N GLU C 126 -9.64 -2.04 16.45
CA GLU C 126 -10.05 -0.66 16.63
C GLU C 126 -10.11 -0.33 18.12
N LEU C 127 -9.27 0.61 18.57
CA LEU C 127 -9.23 0.94 19.97
C LEU C 127 -8.73 2.37 20.15
N LYS C 128 -9.38 3.16 21.01
CA LYS C 128 -8.89 4.51 21.29
C LYS C 128 -8.60 4.59 22.79
N PHE C 129 -7.46 5.16 23.19
CA PHE C 129 -7.12 5.28 24.61
C PHE C 129 -7.52 6.65 25.17
N ASN C 130 -7.94 6.69 26.44
CA ASN C 130 -8.39 7.93 27.06
C ASN C 130 -7.24 8.89 27.42
N PRO C 131 -6.15 8.48 28.10
CA PRO C 131 -5.07 9.42 28.37
C PRO C 131 -4.38 9.84 27.06
N PRO C 132 -4.25 11.17 26.79
CA PRO C 132 -3.53 11.64 25.59
C PRO C 132 -2.14 11.01 25.43
N ALA C 133 -1.42 10.81 26.53
CA ALA C 133 -0.12 10.17 26.45
C ALA C 133 -0.18 8.81 25.75
N LEU C 134 -1.13 7.95 26.14
CA LEU C 134 -1.26 6.63 25.54
C LEU C 134 -1.67 6.72 24.06
N GLN C 135 -2.64 7.58 23.76
CA GLN C 135 -3.16 7.69 22.39
C GLN C 135 -2.05 8.24 21.46
N ASP C 136 -1.42 9.34 21.88
CA ASP C 136 -0.31 9.89 21.12
C ASP C 136 0.73 8.82 20.86
N ALA C 137 1.14 8.08 21.91
CA ALA C 137 2.19 7.08 21.78
C ALA C 137 1.75 5.97 20.84
N TYR C 138 0.46 5.60 20.88
CA TYR C 138 -0.06 4.53 20.02
C TYR C 138 0.03 4.94 18.54
N TYR C 139 -0.34 6.19 18.25
CA TYR C 139 -0.25 6.71 16.89
C TYR C 139 1.20 6.66 16.37
N ARG C 140 2.16 7.01 17.22
CA ARG C 140 3.54 7.01 16.77
C ARG C 140 4.03 5.58 16.57
N ALA C 141 3.55 4.67 17.41
CA ALA C 141 3.95 3.27 17.32
C ALA C 141 3.43 2.68 16.00
N ARG C 142 2.21 3.07 15.60
CA ARG C 142 1.66 2.70 14.30
C ARG C 142 2.59 3.18 13.19
N ALA C 143 3.24 4.31 13.40
CA ALA C 143 4.07 4.89 12.37
C ALA C 143 5.48 4.32 12.43
N GLY C 144 5.80 3.52 13.47
CA GLY C 144 7.11 2.90 13.56
C GLY C 144 7.93 3.30 14.79
N GLU C 145 7.62 4.45 15.43
CA GLU C 145 8.31 4.90 16.64
C GLU C 145 7.61 4.35 17.89
N ALA C 146 7.97 3.14 18.29
CA ALA C 146 7.16 2.44 19.28
C ALA C 146 7.79 2.46 20.68
N ALA C 147 8.97 3.07 20.85
CA ALA C 147 9.69 2.99 22.13
C ALA C 147 8.88 3.61 23.26
N ASN C 148 8.28 4.80 23.03
CA ASN C 148 7.48 5.45 24.06
C ASN C 148 6.25 4.64 24.42
N PHE C 149 5.59 4.14 23.39
CA PHE C 149 4.40 3.34 23.60
C PHE C 149 4.70 2.19 24.57
N CYS C 150 5.77 1.44 24.28
CA CYS C 150 6.12 0.29 25.09
C CYS C 150 6.43 0.73 26.52
N ALA C 151 7.14 1.87 26.66
CA ALA C 151 7.51 2.35 27.98
C ALA C 151 6.27 2.75 28.77
N LEU C 152 5.28 3.34 28.08
CA LEU C 152 4.03 3.74 28.69
C LEU C 152 3.19 2.53 29.09
N ILE C 153 3.13 1.50 28.24
CA ILE C 153 2.41 0.28 28.62
C ILE C 153 3.02 -0.27 29.90
N LEU C 154 4.35 -0.31 29.97
CA LEU C 154 5.03 -0.77 31.19
C LEU C 154 4.62 0.09 32.39
N ALA C 155 4.66 1.42 32.25
CA ALA C 155 4.43 2.30 33.37
C ALA C 155 2.99 2.17 33.84
N TYR C 156 2.04 2.07 32.89
CA TYR C 156 0.64 2.01 33.27
C TYR C 156 0.29 0.65 33.89
N CYS C 157 0.99 -0.42 33.50
CA CYS C 157 0.65 -1.72 34.04
C CYS C 157 1.46 -2.04 35.29
N ASN C 158 2.31 -1.12 35.76
CA ASN C 158 3.27 -1.39 36.81
CA ASN C 158 3.30 -1.37 36.80
C ASN C 158 4.03 -2.70 36.53
N LYS C 159 4.69 -2.77 35.38
CA LYS C 159 5.59 -3.88 35.04
C LYS C 159 7.01 -3.35 34.82
N THR C 160 8.00 -4.10 35.32
CA THR C 160 9.36 -3.65 35.11
C THR C 160 9.97 -4.43 33.93
N VAL C 161 10.83 -3.73 33.18
CA VAL C 161 11.50 -4.29 32.04
C VAL C 161 12.18 -5.58 32.50
N GLY C 162 12.05 -6.66 31.74
CA GLY C 162 12.77 -7.87 32.08
C GLY C 162 11.88 -8.96 32.69
N GLU C 163 10.73 -8.56 33.26
CA GLU C 163 9.81 -9.51 33.86
C GLU C 163 8.92 -10.16 32.81
N LEU C 164 8.68 -11.47 32.98
CA LEU C 164 7.71 -12.18 32.18
C LEU C 164 6.36 -11.46 32.24
N GLY C 165 5.65 -11.39 31.10
CA GLY C 165 4.34 -10.77 31.09
C GLY C 165 3.33 -11.74 30.49
N ASP C 166 2.06 -11.47 30.79
CA ASP C 166 0.93 -12.18 30.23
C ASP C 166 0.19 -11.22 29.29
N VAL C 167 -0.11 -11.66 28.05
CA VAL C 167 -0.77 -10.79 27.09
C VAL C 167 -2.19 -10.44 27.53
N ARG C 168 -2.95 -11.47 27.93
CA ARG C 168 -4.33 -11.27 28.36
C ARG C 168 -4.38 -10.26 29.51
N GLU C 169 -3.43 -10.33 30.44
CA GLU C 169 -3.39 -9.46 31.58
C GLU C 169 -3.07 -8.04 31.12
N THR C 170 -2.18 -7.92 30.13
CA THR C 170 -1.77 -6.60 29.63
C THR C 170 -2.95 -5.95 28.94
N MET C 171 -3.61 -6.71 28.06
CA MET C 171 -4.76 -6.22 27.33
C MET C 171 -5.86 -5.75 28.29
N SER C 172 -6.09 -6.51 29.35
CA SER C 172 -7.10 -6.17 30.34
C SER C 172 -6.85 -4.79 30.98
N TYR C 173 -5.61 -4.55 31.40
CA TYR C 173 -5.22 -3.32 32.07
C TYR C 173 -5.28 -2.17 31.07
N LEU C 174 -4.79 -2.41 29.85
CA LEU C 174 -4.82 -1.37 28.84
C LEU C 174 -6.27 -1.06 28.53
N PHE C 175 -7.14 -2.08 28.48
CA PHE C 175 -8.55 -1.89 28.16
C PHE C 175 -9.23 -0.97 29.17
N GLN C 176 -8.80 -1.03 30.43
CA GLN C 176 -9.32 -0.12 31.44
C GLN C 176 -9.07 1.33 31.05
N HIS C 177 -8.04 1.58 30.24
CA HIS C 177 -7.67 2.94 29.89
C HIS C 177 -8.21 3.32 28.52
N ALA C 178 -8.95 2.39 27.90
CA ALA C 178 -9.47 2.60 26.57
C ALA C 178 -10.94 3.00 26.65
N ASN C 179 -11.41 3.69 25.63
CA ASN C 179 -12.83 3.99 25.51
C ASN C 179 -13.53 2.78 24.92
N LEU C 180 -14.12 1.95 25.78
CA LEU C 180 -14.93 0.82 25.35
C LEU C 180 -16.32 0.93 25.96
N ASP C 181 -16.71 2.15 26.34
CA ASP C 181 -17.89 2.37 27.16
C ASP C 181 -19.18 1.96 26.44
N SER C 182 -19.24 2.16 25.12
CA SER C 182 -20.42 1.75 24.35
C SER C 182 -20.46 0.24 24.10
N CYS C 183 -19.38 -0.50 24.34
CA CYS C 183 -19.40 -1.91 23.98
C CYS C 183 -20.44 -2.68 24.81
N LYS C 184 -21.26 -3.48 24.13
CA LYS C 184 -22.31 -4.20 24.81
C LYS C 184 -22.28 -5.66 24.38
N ARG C 185 -22.41 -6.54 25.38
CA ARG C 185 -22.60 -7.97 25.18
C ARG C 185 -23.85 -8.43 25.93
N VAL C 186 -24.71 -9.18 25.23
CA VAL C 186 -25.88 -9.77 25.86
C VAL C 186 -25.78 -11.29 25.73
N LEU C 187 -25.92 -12.02 26.83
CA LEU C 187 -25.78 -13.48 26.90
C LEU C 187 -27.07 -14.10 27.41
N ASN C 188 -27.32 -15.34 27.00
CA ASN C 188 -28.37 -16.14 27.60
C ASN C 188 -27.76 -17.45 28.11
N VAL C 189 -28.22 -17.85 29.31
CA VAL C 189 -28.00 -19.20 29.83
C VAL C 189 -29.36 -19.91 29.96
N VAL C 190 -29.46 -21.12 29.37
CA VAL C 190 -30.68 -21.89 29.46
C VAL C 190 -30.41 -23.21 30.15
N CYS C 191 -31.24 -23.53 31.16
CA CYS C 191 -31.26 -24.79 31.90
C CYS C 191 -32.57 -25.51 31.56
N LYS C 192 -32.48 -26.84 31.33
CA LYS C 192 -33.65 -27.64 30.95
C LYS C 192 -34.64 -27.69 32.12
N THR C 193 -34.13 -27.44 33.34
CA THR C 193 -34.89 -27.35 34.59
C THR C 193 -35.13 -25.90 35.01
N CYS C 194 -34.04 -25.10 35.13
CA CYS C 194 -34.03 -23.84 35.84
C CYS C 194 -34.66 -22.71 35.00
N GLY C 195 -34.62 -22.81 33.66
CA GLY C 195 -35.15 -21.81 32.75
C GLY C 195 -34.10 -20.94 32.06
N GLN C 196 -34.42 -19.67 31.80
CA GLN C 196 -33.55 -18.82 31.01
C GLN C 196 -33.14 -17.61 31.82
N GLN C 197 -31.83 -17.31 31.86
CA GLN C 197 -31.33 -16.10 32.49
C GLN C 197 -30.47 -15.34 31.48
N GLN C 198 -30.79 -14.05 31.30
CA GLN C 198 -30.05 -13.15 30.43
C GLN C 198 -29.09 -12.25 31.23
N THR C 199 -27.90 -11.96 30.67
CA THR C 199 -26.95 -11.06 31.30
C THR C 199 -26.47 -10.03 30.28
N THR C 200 -26.43 -8.75 30.70
CA THR C 200 -25.88 -7.69 29.87
C THR C 200 -24.57 -7.18 30.49
N LEU C 201 -23.53 -7.13 29.66
CA LEU C 201 -22.24 -6.60 30.10
C LEU C 201 -21.87 -5.43 29.20
N LYS C 202 -21.18 -4.44 29.80
CA LYS C 202 -20.80 -3.20 29.13
C LYS C 202 -19.33 -2.95 29.41
N GLY C 203 -18.61 -2.33 28.46
CA GLY C 203 -17.22 -1.98 28.68
C GLY C 203 -16.27 -3.15 28.47
N VAL C 204 -15.20 -3.19 29.27
CA VAL C 204 -14.15 -4.17 29.07
C VAL C 204 -14.77 -5.56 29.13
N GLU C 205 -15.68 -5.82 30.08
CA GLU C 205 -16.20 -7.17 30.16
C GLU C 205 -17.02 -7.54 28.93
N ALA C 206 -17.35 -6.57 28.07
CA ALA C 206 -18.15 -6.90 26.89
C ALA C 206 -17.29 -7.49 25.75
N VAL C 207 -15.96 -7.30 25.82
CA VAL C 207 -15.09 -7.71 24.74
C VAL C 207 -14.11 -8.81 25.17
N MET C 208 -14.25 -9.34 26.39
CA MET C 208 -13.32 -10.34 26.90
C MET C 208 -14.05 -11.61 27.31
N TYR C 209 -13.41 -12.75 27.09
CA TYR C 209 -13.98 -14.02 27.48
C TYR C 209 -12.84 -14.95 27.83
N MET C 210 -12.99 -15.71 28.92
CA MET C 210 -11.98 -16.68 29.30
C MET C 210 -12.62 -18.06 29.37
N GLY C 211 -12.16 -18.97 28.51
CA GLY C 211 -12.62 -20.35 28.61
C GLY C 211 -12.71 -21.06 27.27
N THR C 212 -12.89 -20.31 26.17
CA THR C 212 -12.88 -20.89 24.84
C THR C 212 -12.25 -19.91 23.85
N LEU C 213 -11.53 -20.45 22.85
CA LEU C 213 -10.89 -19.64 21.83
C LEU C 213 -11.86 -19.33 20.69
N SER C 214 -12.91 -20.16 20.54
CA SER C 214 -13.71 -20.11 19.32
C SER C 214 -14.87 -19.14 19.48
N TYR C 215 -14.94 -18.10 18.63
CA TYR C 215 -16.07 -17.18 18.71
C TYR C 215 -17.32 -17.87 18.19
N GLU C 216 -17.14 -18.75 17.18
CA GLU C 216 -18.23 -19.55 16.64
C GLU C 216 -18.88 -20.36 17.75
N GLN C 217 -18.04 -21.02 18.56
CA GLN C 217 -18.51 -21.89 19.63
C GLN C 217 -19.36 -21.08 20.62
N PHE C 218 -18.95 -19.85 20.90
CA PHE C 218 -19.69 -18.98 21.80
C PHE C 218 -21.03 -18.60 21.19
N LYS C 219 -21.09 -18.42 19.87
CA LYS C 219 -22.34 -18.10 19.20
C LYS C 219 -23.31 -19.29 19.23
N LYS C 220 -22.76 -20.50 19.04
CA LYS C 220 -23.55 -21.72 18.95
C LYS C 220 -24.04 -22.12 20.33
N GLY C 221 -23.22 -21.92 21.36
CA GLY C 221 -23.54 -22.32 22.71
C GLY C 221 -22.39 -23.13 23.32
N VAL C 222 -22.05 -22.85 24.58
CA VAL C 222 -21.06 -23.60 25.33
C VAL C 222 -21.72 -24.07 26.63
N GLN C 223 -21.32 -25.26 27.08
CA GLN C 223 -21.82 -25.86 28.31
C GLN C 223 -21.17 -25.22 29.51
N ILE C 224 -21.97 -24.84 30.51
CA ILE C 224 -21.47 -24.42 31.81
C ILE C 224 -22.35 -24.98 32.92
N PRO C 225 -21.82 -25.20 34.13
CA PRO C 225 -22.63 -25.61 35.28
C PRO C 225 -23.74 -24.63 35.59
N CYS C 226 -24.92 -25.17 35.95
CA CYS C 226 -26.01 -24.38 36.48
C CYS C 226 -26.03 -24.61 37.99
N THR C 227 -26.65 -23.66 38.71
CA THR C 227 -26.93 -23.90 40.12
C THR C 227 -27.73 -25.20 40.30
N CYS C 228 -28.48 -25.63 39.27
CA CYS C 228 -29.27 -26.88 39.24
C CYS C 228 -28.37 -28.08 39.56
N GLY C 229 -27.05 -27.95 39.35
CA GLY C 229 -26.18 -29.10 39.43
C GLY C 229 -25.97 -29.81 38.09
N LYS C 230 -26.78 -29.46 37.09
CA LYS C 230 -26.65 -29.98 35.73
C LYS C 230 -25.93 -28.93 34.88
N GLN C 231 -25.72 -29.29 33.61
CA GLN C 231 -25.06 -28.44 32.63
CA GLN C 231 -25.06 -28.43 32.63
C GLN C 231 -26.11 -27.56 31.97
N ALA C 232 -25.83 -26.25 31.87
CA ALA C 232 -26.68 -25.32 31.12
C ALA C 232 -25.99 -24.90 29.82
N THR C 233 -26.73 -24.22 28.93
CA THR C 233 -26.11 -23.69 27.73
C THR C 233 -26.06 -22.17 27.78
N LYS C 234 -24.85 -21.63 27.60
CA LYS C 234 -24.59 -20.20 27.49
C LYS C 234 -24.30 -19.86 26.03
N TYR C 235 -24.98 -18.85 25.49
CA TYR C 235 -24.77 -18.48 24.10
C TYR C 235 -24.90 -16.96 23.96
N LEU C 236 -24.21 -16.40 22.97
CA LEU C 236 -24.17 -14.97 22.75
C LEU C 236 -25.46 -14.55 22.05
N VAL C 237 -26.12 -13.52 22.58
CA VAL C 237 -27.36 -13.06 21.99
C VAL C 237 -27.07 -11.83 21.14
N GLN C 238 -26.29 -10.89 21.69
CA GLN C 238 -26.01 -9.67 20.95
C GLN C 238 -24.60 -9.18 21.30
N GLN C 239 -23.91 -8.68 20.28
CA GLN C 239 -22.57 -8.14 20.46
C GLN C 239 -22.46 -6.81 19.70
N GLU C 240 -22.08 -5.74 20.41
CA GLU C 240 -21.81 -4.49 19.75
C GLU C 240 -20.45 -3.98 20.21
N SER C 241 -19.45 -4.19 19.34
CA SER C 241 -18.07 -3.82 19.59
C SER C 241 -17.24 -4.03 18.32
N PRO C 242 -16.14 -3.29 18.11
CA PRO C 242 -15.37 -3.45 16.88
C PRO C 242 -14.53 -4.73 16.83
N PHE C 243 -14.36 -5.36 18.00
CA PHE C 243 -13.62 -6.62 18.09
C PHE C 243 -14.11 -7.36 19.32
N VAL C 244 -13.67 -8.63 19.42
CA VAL C 244 -13.82 -9.42 20.64
C VAL C 244 -12.50 -10.16 20.83
N MET C 245 -12.14 -10.40 22.10
CA MET C 245 -10.99 -11.21 22.48
C MET C 245 -11.48 -12.46 23.22
N MET C 246 -11.16 -13.63 22.67
CA MET C 246 -11.49 -14.92 23.27
C MET C 246 -10.20 -15.57 23.77
N SER C 247 -10.13 -15.89 25.06
CA SER C 247 -8.95 -16.42 25.71
C SER C 247 -9.25 -17.77 26.34
N ALA C 248 -8.17 -18.55 26.57
CA ALA C 248 -8.25 -19.85 27.23
C ALA C 248 -6.84 -20.27 27.65
N PRO C 249 -6.72 -21.18 28.66
CA PRO C 249 -5.42 -21.69 29.06
C PRO C 249 -4.74 -22.20 27.80
N PRO C 250 -3.43 -21.95 27.60
CA PRO C 250 -2.76 -22.40 26.38
C PRO C 250 -3.00 -23.88 26.10
N ALA C 251 -3.41 -24.22 24.87
CA ALA C 251 -3.71 -25.58 24.39
C ALA C 251 -3.53 -25.64 22.87
N GLN C 252 -3.10 -26.81 22.36
CA GLN C 252 -2.99 -27.05 20.93
C GLN C 252 -4.33 -26.70 20.29
N TYR C 253 -4.27 -25.90 19.23
CA TYR C 253 -5.45 -25.41 18.54
C TYR C 253 -5.08 -25.17 17.09
N GLU C 254 -6.04 -25.36 16.19
CA GLU C 254 -5.83 -25.14 14.77
C GLU C 254 -6.45 -23.80 14.39
N LEU C 255 -5.61 -22.87 13.89
CA LEU C 255 -6.09 -21.61 13.33
C LEU C 255 -6.36 -21.77 11.83
N LYS C 256 -7.61 -21.55 11.42
CA LYS C 256 -7.94 -21.59 9.98
C LYS C 256 -7.82 -20.17 9.39
N HIS C 257 -7.10 -20.08 8.27
CA HIS C 257 -6.92 -18.86 7.51
C HIS C 257 -8.25 -18.16 7.23
N GLY C 258 -8.30 -16.86 7.56
CA GLY C 258 -9.44 -16.01 7.27
C GLY C 258 -10.61 -16.16 8.24
N THR C 259 -10.47 -16.93 9.33
CA THR C 259 -11.55 -17.15 10.29
C THR C 259 -11.35 -16.32 11.56
N PHE C 260 -10.30 -15.51 11.65
CA PHE C 260 -9.98 -14.70 12.80
C PHE C 260 -9.03 -13.60 12.34
N THR C 261 -8.74 -12.59 13.18
CA THR C 261 -7.78 -11.55 12.80
C THR C 261 -6.36 -11.91 13.26
N CYS C 262 -6.16 -12.07 14.57
CA CYS C 262 -4.84 -12.43 15.05
C CYS C 262 -4.99 -13.26 16.33
N ALA C 263 -3.87 -13.89 16.75
CA ALA C 263 -3.87 -14.82 17.86
C ALA C 263 -2.53 -14.77 18.60
N SER C 264 -2.56 -15.11 19.89
CA SER C 264 -1.38 -15.27 20.72
C SER C 264 -1.09 -16.75 20.89
N GLU C 265 0.16 -17.14 20.57
CA GLU C 265 0.69 -18.45 20.92
C GLU C 265 1.59 -18.35 22.15
N TYR C 266 1.38 -19.23 23.14
CA TYR C 266 2.19 -19.30 24.35
C TYR C 266 2.78 -20.70 24.56
N THR C 267 4.12 -20.78 24.52
CA THR C 267 4.86 -21.96 24.93
C THR C 267 5.53 -21.69 26.27
N GLY C 268 5.22 -22.51 27.28
CA GLY C 268 5.79 -22.35 28.61
C GLY C 268 4.73 -22.48 29.70
N ASN C 269 5.03 -21.93 30.88
CA ASN C 269 4.10 -21.95 32.01
C ASN C 269 4.11 -20.57 32.65
N TYR C 270 3.75 -20.48 33.94
CA TYR C 270 3.63 -19.20 34.63
C TYR C 270 5.01 -18.63 34.94
N GLN C 271 6.03 -19.49 34.96
CA GLN C 271 7.32 -19.04 35.44
C GLN C 271 8.23 -18.67 34.27
N SER C 272 8.00 -19.27 33.09
CA SER C 272 8.84 -19.11 31.93
C SER C 272 8.11 -19.50 30.67
N GLY C 273 8.42 -18.83 29.56
CA GLY C 273 7.81 -19.16 28.29
C GLY C 273 7.98 -18.03 27.29
N HIS C 274 7.39 -18.22 26.12
CA HIS C 274 7.63 -17.39 24.96
C HIS C 274 6.33 -17.26 24.17
N TYR C 275 6.03 -16.01 23.79
CA TYR C 275 4.85 -15.75 22.98
C TYR C 275 5.29 -15.61 21.53
N LYS C 276 4.42 -16.07 20.63
CA LYS C 276 4.48 -15.71 19.22
C LYS C 276 3.10 -15.18 18.81
N HIS C 277 3.10 -14.44 17.70
CA HIS C 277 1.91 -13.78 17.20
C HIS C 277 1.53 -14.38 15.84
N ILE C 278 0.27 -14.80 15.69
CA ILE C 278 -0.18 -15.33 14.42
C ILE C 278 -1.25 -14.40 13.88
N THR C 279 -1.05 -13.90 12.65
CA THR C 279 -1.97 -12.96 12.05
C THR C 279 -2.44 -13.52 10.72
N SER C 280 -3.73 -13.34 10.45
CA SER C 280 -4.34 -13.82 9.22
C SER C 280 -4.42 -12.68 8.21
N LYS C 281 -3.62 -12.80 7.15
CA LYS C 281 -3.61 -11.83 6.06
C LYS C 281 -3.96 -12.58 4.78
N GLU C 282 -3.14 -12.46 3.73
CA GLU C 282 -3.40 -13.23 2.50
C GLU C 282 -3.04 -14.70 2.72
N THR C 283 -2.22 -14.97 3.74
CA THR C 283 -1.96 -16.29 4.27
C THR C 283 -1.72 -16.12 5.77
N LEU C 284 -1.31 -17.19 6.47
CA LEU C 284 -1.02 -17.12 7.90
C LEU C 284 0.44 -16.70 8.10
N TYR C 285 0.60 -15.59 8.86
CA TYR C 285 1.92 -15.12 9.23
C TYR C 285 2.12 -15.41 10.71
N CYS C 286 3.31 -15.91 11.01
CA CYS C 286 3.75 -16.11 12.37
C CYS C 286 4.89 -15.14 12.63
N ILE C 287 4.60 -14.09 13.39
CA ILE C 287 5.56 -13.05 13.71
C ILE C 287 6.16 -13.36 15.09
N ASP C 288 7.47 -13.59 15.11
CA ASP C 288 8.19 -13.92 16.32
C ASP C 288 9.25 -12.84 16.52
N GLY C 289 8.84 -11.73 17.13
CA GLY C 289 9.75 -10.61 17.28
C GLY C 289 10.13 -10.10 15.89
N ALA C 290 11.41 -10.28 15.49
CA ALA C 290 11.91 -9.74 14.24
C ALA C 290 11.76 -10.74 13.08
N LEU C 291 11.44 -12.00 13.42
CA LEU C 291 11.47 -13.08 12.45
C LEU C 291 10.05 -13.46 12.03
N LEU C 292 9.93 -13.91 10.79
CA LEU C 292 8.62 -14.14 10.19
C LEU C 292 8.61 -15.50 9.49
N THR C 293 7.57 -16.30 9.74
CA THR C 293 7.35 -17.48 8.92
C THR C 293 5.91 -17.47 8.39
N LYS C 294 5.70 -17.99 7.20
CA LYS C 294 4.38 -18.00 6.58
C LYS C 294 4.01 -19.45 6.35
N SER C 295 2.69 -19.72 6.35
CA SER C 295 2.16 -21.07 6.16
C SER C 295 0.69 -20.98 5.82
N SER C 296 0.13 -22.01 5.18
CA SER C 296 -1.29 -22.10 4.85
C SER C 296 -2.10 -22.55 6.05
N GLU C 297 -1.50 -23.37 6.92
CA GLU C 297 -2.16 -23.87 8.13
C GLU C 297 -1.33 -23.50 9.37
N TYR C 298 -1.97 -23.54 10.54
CA TYR C 298 -1.28 -23.31 11.79
C TYR C 298 -1.96 -24.10 12.90
N LYS C 299 -1.14 -24.85 13.64
CA LYS C 299 -1.55 -25.60 14.80
C LYS C 299 -0.50 -25.36 15.88
N GLY C 300 -0.93 -24.93 17.06
CA GLY C 300 0.03 -24.61 18.11
C GLY C 300 -0.69 -24.31 19.42
N PRO C 301 0.06 -24.03 20.51
CA PRO C 301 -0.57 -23.71 21.79
C PRO C 301 -1.09 -22.25 21.80
N ILE C 302 -2.36 -22.07 21.44
CA ILE C 302 -2.95 -20.75 21.33
C ILE C 302 -3.64 -20.42 22.65
N THR C 303 -3.62 -19.13 23.02
CA THR C 303 -4.15 -18.72 24.33
C THR C 303 -5.13 -17.54 24.20
N ASP C 304 -5.01 -16.76 23.12
CA ASP C 304 -5.92 -15.64 22.82
C ASP C 304 -6.19 -15.58 21.31
N VAL C 305 -7.44 -15.31 20.94
CA VAL C 305 -7.79 -15.10 19.56
C VAL C 305 -8.63 -13.83 19.47
N PHE C 306 -8.33 -12.97 18.48
CA PHE C 306 -9.04 -11.73 18.29
C PHE C 306 -9.82 -11.82 16.98
N TYR C 307 -11.11 -11.49 17.05
CA TYR C 307 -12.00 -11.49 15.89
C TYR C 307 -12.56 -10.08 15.70
N LYS C 308 -12.84 -9.74 14.44
CA LYS C 308 -13.48 -8.48 14.11
C LYS C 308 -14.98 -8.62 14.37
N GLU C 309 -15.63 -7.50 14.72
CA GLU C 309 -17.05 -7.51 14.91
C GLU C 309 -17.57 -6.11 14.58
N ASN C 310 -18.89 -5.99 14.36
CA ASN C 310 -19.51 -4.69 14.36
C ASN C 310 -20.78 -4.75 15.18
N SER C 311 -21.78 -5.43 14.62
CA SER C 311 -23.04 -5.61 15.33
C SER C 311 -23.59 -6.98 15.01
N TYR C 312 -23.75 -7.81 16.03
CA TYR C 312 -24.17 -9.19 15.84
C TYR C 312 -25.42 -9.47 16.67
N THR C 313 -26.42 -10.09 16.03
CA THR C 313 -27.61 -10.57 16.70
C THR C 313 -27.77 -12.06 16.42
N THR C 314 -28.09 -12.85 17.46
CA THR C 314 -28.27 -14.28 17.26
C THR C 314 -29.53 -14.53 16.42
N THR C 315 -29.57 -15.68 15.75
CA THR C 315 -30.81 -16.16 15.12
C THR C 315 -31.44 -17.25 15.99
N ILE C 316 -30.77 -17.68 17.06
CA ILE C 316 -31.36 -18.62 18.02
C ILE C 316 -32.60 -18.01 18.66
N LYS C 317 -33.69 -18.82 18.71
CA LYS C 317 -34.98 -18.43 19.24
C LYS C 317 -35.04 -18.74 20.75
N PRO C 318 -35.38 -17.74 21.60
CA PRO C 318 -35.37 -17.95 23.06
C PRO C 318 -36.72 -18.50 23.52
N LEU C 319 -36.93 -18.63 24.90
CA LEU C 319 -38.16 -19.32 25.38
C LEU C 319 -39.38 -18.39 25.27
N GLU C 320 -39.15 -17.06 25.02
CA GLU C 320 -40.27 -16.10 24.92
C GLU C 320 -40.65 -15.92 23.45
N HIS C 321 -40.27 -16.91 22.59
CA HIS C 321 -40.54 -16.78 21.13
C HIS C 321 -42.02 -17.02 20.84
N HIS C 322 -42.52 -16.21 19.78
CA HIS C 322 -43.90 -16.40 19.30
C HIS C 322 -43.85 -17.15 17.96
N THR D 6 -50.92 -31.05 -0.23
CA THR D 6 -49.76 -30.80 -1.13
C THR D 6 -50.22 -30.13 -2.43
N ILE D 7 -49.40 -29.21 -2.96
CA ILE D 7 -49.52 -28.72 -4.34
C ILE D 7 -48.16 -28.87 -5.04
N LYS D 8 -48.18 -28.82 -6.37
CA LYS D 8 -46.95 -28.80 -7.15
C LYS D 8 -46.66 -27.37 -7.62
N VAL D 9 -45.42 -26.90 -7.40
CA VAL D 9 -44.98 -25.59 -7.87
C VAL D 9 -43.62 -25.73 -8.55
N PHE D 10 -43.13 -24.64 -9.16
CA PHE D 10 -41.78 -24.62 -9.72
C PHE D 10 -40.94 -23.58 -8.97
N THR D 11 -39.70 -23.95 -8.64
CA THR D 11 -38.73 -22.98 -8.14
C THR D 11 -37.74 -22.68 -9.28
N THR D 12 -37.09 -21.51 -9.20
CA THR D 12 -36.16 -21.08 -10.24
C THR D 12 -35.27 -20.01 -9.65
N VAL D 13 -34.14 -19.79 -10.31
CA VAL D 13 -33.31 -18.62 -10.07
C VAL D 13 -33.30 -17.74 -11.32
N ASP D 14 -33.65 -18.31 -12.48
CA ASP D 14 -33.41 -17.61 -13.74
C ASP D 14 -34.69 -17.42 -14.57
N ASN D 15 -35.76 -18.12 -14.18
CA ASN D 15 -37.04 -18.07 -14.85
C ASN D 15 -37.01 -18.80 -16.21
N ILE D 16 -35.95 -19.58 -16.43
CA ILE D 16 -35.81 -20.35 -17.66
C ILE D 16 -35.75 -21.82 -17.29
N ASN D 17 -34.95 -22.14 -16.30
CA ASN D 17 -34.91 -23.50 -15.78
C ASN D 17 -35.83 -23.59 -14.57
N LEU D 18 -36.94 -24.32 -14.74
CA LEU D 18 -37.91 -24.54 -13.66
C LEU D 18 -37.64 -25.87 -12.98
N HIS D 19 -37.67 -25.88 -11.64
CA HIS D 19 -37.47 -27.10 -10.87
C HIS D 19 -38.74 -27.47 -10.13
N THR D 20 -39.33 -28.62 -10.48
CA THR D 20 -40.55 -29.13 -9.85
C THR D 20 -40.37 -29.28 -8.34
N GLN D 21 -41.32 -28.73 -7.56
CA GLN D 21 -41.37 -29.00 -6.13
C GLN D 21 -42.76 -29.44 -5.73
N VAL D 22 -42.83 -30.23 -4.66
CA VAL D 22 -44.08 -30.60 -4.02
C VAL D 22 -44.07 -29.92 -2.66
N VAL D 23 -45.08 -29.07 -2.38
CA VAL D 23 -45.07 -28.35 -1.12
C VAL D 23 -46.23 -28.80 -0.25
N ASP D 24 -46.02 -28.70 1.06
CA ASP D 24 -47.04 -28.96 2.06
C ASP D 24 -47.79 -27.65 2.31
N MET D 25 -49.13 -27.72 2.24
CA MET D 25 -49.94 -26.52 2.36
C MET D 25 -50.01 -26.02 3.81
N SER D 26 -49.55 -26.84 4.75
CA SER D 26 -49.70 -26.47 6.15
C SER D 26 -48.52 -25.61 6.65
N MET D 27 -47.37 -25.70 5.97
CA MET D 27 -46.17 -24.95 6.33
C MET D 27 -45.95 -23.78 5.37
N THR D 28 -45.16 -22.77 5.80
CA THR D 28 -44.88 -21.62 4.94
C THR D 28 -43.90 -22.03 3.85
N TYR D 29 -43.84 -21.22 2.78
CA TYR D 29 -42.82 -21.39 1.75
C TYR D 29 -41.44 -21.26 2.41
N GLY D 30 -41.32 -20.28 3.31
CA GLY D 30 -40.13 -20.06 4.12
C GLY D 30 -39.60 -21.34 4.74
N GLN D 31 -40.46 -22.04 5.48
CA GLN D 31 -40.07 -23.29 6.13
C GLN D 31 -39.61 -24.32 5.10
N GLN D 32 -40.05 -24.19 3.84
CA GLN D 32 -39.79 -25.26 2.91
C GLN D 32 -38.63 -24.97 1.96
N PHE D 33 -38.43 -23.70 1.60
CA PHE D 33 -37.47 -23.38 0.55
C PHE D 33 -36.44 -22.35 1.02
N GLY D 34 -36.66 -21.78 2.20
CA GLY D 34 -35.97 -20.56 2.60
C GLY D 34 -36.67 -19.35 1.97
N PRO D 35 -35.98 -18.19 1.80
CA PRO D 35 -36.61 -17.03 1.16
C PRO D 35 -37.23 -17.39 -0.19
N THR D 36 -38.52 -17.06 -0.35
CA THR D 36 -39.26 -17.41 -1.55
C THR D 36 -39.97 -16.16 -2.05
N TYR D 37 -40.04 -15.99 -3.37
CA TYR D 37 -40.69 -14.83 -3.96
C TYR D 37 -41.61 -15.27 -5.10
N LEU D 38 -42.77 -14.61 -5.20
CA LEU D 38 -43.71 -14.79 -6.30
C LEU D 38 -43.92 -13.45 -6.98
N ASP D 39 -43.38 -13.32 -8.19
CA ASP D 39 -43.45 -12.09 -8.96
C ASP D 39 -42.85 -10.91 -8.19
N GLY D 40 -41.73 -11.13 -7.48
CA GLY D 40 -41.11 -10.06 -6.72
C GLY D 40 -41.57 -9.98 -5.26
N ALA D 41 -42.85 -10.30 -5.01
CA ALA D 41 -43.41 -10.31 -3.66
C ALA D 41 -42.77 -11.40 -2.82
N ASP D 42 -42.37 -11.02 -1.60
CA ASP D 42 -41.80 -11.96 -0.65
C ASP D 42 -42.90 -12.83 -0.06
N VAL D 43 -42.86 -14.13 -0.36
CA VAL D 43 -43.90 -15.03 0.11
C VAL D 43 -43.28 -16.00 1.11
N THR D 44 -42.14 -15.59 1.70
CA THR D 44 -41.41 -16.40 2.67
C THR D 44 -42.35 -16.84 3.79
N LYS D 45 -43.23 -15.94 4.26
CA LYS D 45 -44.10 -16.18 5.41
C LYS D 45 -45.55 -16.44 4.99
N ILE D 46 -45.81 -16.64 3.70
CA ILE D 46 -47.12 -17.03 3.17
C ILE D 46 -47.21 -18.56 3.09
N LYS D 47 -48.44 -19.09 3.19
CA LYS D 47 -48.69 -20.53 3.14
C LYS D 47 -49.18 -20.90 1.73
N PRO D 48 -48.74 -22.04 1.15
CA PRO D 48 -49.21 -22.42 -0.19
C PRO D 48 -50.72 -22.43 -0.31
N HIS D 49 -51.23 -22.03 -1.46
CA HIS D 49 -52.65 -22.07 -1.70
C HIS D 49 -52.91 -22.81 -3.00
N ASN D 50 -54.11 -23.39 -3.14
CA ASN D 50 -54.47 -24.17 -4.30
C ASN D 50 -54.24 -23.37 -5.58
N SER D 51 -54.48 -22.05 -5.54
CA SER D 51 -54.34 -21.20 -6.71
C SER D 51 -52.86 -21.04 -7.14
N HIS D 52 -51.94 -21.45 -6.26
CA HIS D 52 -50.49 -21.37 -6.48
C HIS D 52 -49.98 -22.56 -7.31
N GLU D 53 -50.83 -23.58 -7.50
CA GLU D 53 -50.41 -24.78 -8.19
C GLU D 53 -49.90 -24.40 -9.57
N GLY D 54 -48.64 -24.75 -9.86
CA GLY D 54 -48.08 -24.58 -11.19
C GLY D 54 -47.45 -23.22 -11.44
N LYS D 55 -47.45 -22.33 -10.44
CA LYS D 55 -46.77 -21.05 -10.57
C LYS D 55 -45.28 -21.26 -10.37
N THR D 56 -44.50 -20.27 -10.88
CA THR D 56 -43.05 -20.25 -10.69
C THR D 56 -42.73 -19.35 -9.50
N PHE D 57 -41.92 -19.85 -8.57
CA PHE D 57 -41.39 -19.06 -7.47
C PHE D 57 -39.87 -18.95 -7.62
N TYR D 58 -39.31 -17.78 -7.31
CA TYR D 58 -37.87 -17.61 -7.19
C TYR D 58 -37.43 -18.01 -5.78
N VAL D 59 -36.25 -18.63 -5.70
CA VAL D 59 -35.60 -18.93 -4.43
C VAL D 59 -34.14 -18.49 -4.52
N LEU D 60 -33.45 -18.37 -3.37
CA LEU D 60 -32.03 -18.04 -3.38
C LEU D 60 -31.25 -19.27 -3.81
N PRO D 61 -30.10 -19.12 -4.51
CA PRO D 61 -29.30 -20.26 -4.93
C PRO D 61 -28.54 -20.88 -3.76
N ASN D 62 -29.07 -22.00 -3.25
CA ASN D 62 -28.60 -22.62 -2.02
C ASN D 62 -27.98 -24.00 -2.30
N ASP D 63 -27.93 -24.38 -3.58
CA ASP D 63 -27.35 -25.63 -4.03
C ASP D 63 -26.52 -25.40 -5.29
N ASP D 64 -25.77 -26.42 -5.72
CA ASP D 64 -24.83 -26.28 -6.82
C ASP D 64 -25.58 -26.00 -8.12
N THR D 65 -26.67 -26.69 -8.38
CA THR D 65 -27.42 -26.49 -9.63
C THR D 65 -27.84 -25.03 -9.73
N LEU D 66 -28.37 -24.49 -8.64
CA LEU D 66 -28.95 -23.16 -8.64
C LEU D 66 -27.86 -22.11 -8.77
N ARG D 67 -26.71 -22.34 -8.12
CA ARG D 67 -25.56 -21.44 -8.22
C ARG D 67 -25.07 -21.35 -9.66
N VAL D 68 -25.07 -22.48 -10.36
CA VAL D 68 -24.59 -22.52 -11.74
C VAL D 68 -25.56 -21.79 -12.65
N GLU D 69 -26.86 -22.10 -12.49
CA GLU D 69 -27.91 -21.41 -13.23
C GLU D 69 -27.86 -19.91 -12.98
N ALA D 70 -27.73 -19.54 -11.70
CA ALA D 70 -27.71 -18.14 -11.33
C ALA D 70 -26.53 -17.43 -12.00
N PHE D 71 -25.37 -18.09 -11.97
CA PHE D 71 -24.14 -17.54 -12.52
C PHE D 71 -24.29 -17.37 -14.02
N GLU D 72 -24.84 -18.39 -14.68
CA GLU D 72 -24.88 -18.37 -16.13
C GLU D 72 -25.83 -17.27 -16.60
N TYR D 73 -26.81 -16.96 -15.75
CA TYR D 73 -27.86 -16.04 -16.14
C TYR D 73 -27.45 -14.60 -15.82
N TYR D 74 -26.88 -14.40 -14.61
CA TYR D 74 -26.71 -13.05 -14.08
C TYR D 74 -25.22 -12.63 -14.10
N HIS D 75 -24.34 -13.63 -14.23
CA HIS D 75 -22.90 -13.43 -14.16
C HIS D 75 -22.50 -12.93 -12.77
N THR D 76 -23.22 -13.30 -11.71
CA THR D 76 -22.82 -12.83 -10.39
C THR D 76 -23.04 -13.91 -9.35
N THR D 77 -22.22 -13.88 -8.30
CA THR D 77 -22.44 -14.81 -7.18
C THR D 77 -22.68 -14.01 -5.90
N ASP D 78 -22.57 -12.66 -5.96
CA ASP D 78 -22.97 -11.76 -4.86
C ASP D 78 -24.28 -12.24 -4.23
N PRO D 79 -24.26 -12.73 -2.97
CA PRO D 79 -25.39 -13.52 -2.44
C PRO D 79 -26.68 -12.70 -2.31
N SER D 80 -26.51 -11.38 -2.16
CA SER D 80 -27.58 -10.43 -1.96
C SER D 80 -28.22 -9.99 -3.29
N PHE D 81 -27.68 -10.40 -4.43
CA PHE D 81 -28.15 -9.91 -5.71
C PHE D 81 -29.62 -10.29 -5.92
N LEU D 82 -29.91 -11.58 -5.81
CA LEU D 82 -31.25 -12.05 -6.07
C LEU D 82 -32.25 -11.36 -5.15
N GLY D 83 -31.85 -11.20 -3.89
CA GLY D 83 -32.64 -10.49 -2.88
C GLY D 83 -32.97 -9.05 -3.30
N ARG D 84 -31.95 -8.33 -3.77
CA ARG D 84 -32.07 -6.94 -4.19
C ARG D 84 -32.96 -6.83 -5.44
N TYR D 85 -32.82 -7.79 -6.37
CA TYR D 85 -33.60 -7.79 -7.61
C TYR D 85 -35.07 -7.99 -7.30
N MET D 86 -35.36 -9.01 -6.48
CA MET D 86 -36.72 -9.30 -6.06
C MET D 86 -37.34 -8.10 -5.32
N SER D 87 -36.59 -7.49 -4.40
CA SER D 87 -37.04 -6.32 -3.66
C SER D 87 -37.40 -5.19 -4.60
N ALA D 88 -36.53 -4.94 -5.57
CA ALA D 88 -36.79 -3.93 -6.59
C ALA D 88 -38.00 -4.35 -7.43
N LEU D 89 -38.05 -5.61 -7.84
CA LEU D 89 -39.08 -6.09 -8.75
C LEU D 89 -40.45 -5.89 -8.12
N ASN D 90 -40.53 -6.12 -6.81
CA ASN D 90 -41.74 -5.94 -6.03
C ASN D 90 -42.32 -4.53 -6.22
N HIS D 91 -41.45 -3.52 -6.42
CA HIS D 91 -41.88 -2.16 -6.64
C HIS D 91 -42.09 -1.89 -8.12
N THR D 92 -41.17 -2.36 -8.98
CA THR D 92 -41.20 -1.98 -10.38
C THR D 92 -42.40 -2.61 -11.07
N LYS D 93 -42.83 -3.80 -10.58
CA LYS D 93 -43.92 -4.51 -11.23
C LYS D 93 -45.22 -3.74 -11.00
N LYS D 94 -45.21 -2.74 -10.12
CA LYS D 94 -46.41 -1.97 -9.85
C LYS D 94 -46.39 -0.63 -10.58
N TRP D 95 -45.29 -0.32 -11.26
CA TRP D 95 -45.20 0.92 -11.99
C TRP D 95 -45.96 0.77 -13.32
N LYS D 96 -46.31 1.92 -13.93
CA LYS D 96 -46.91 1.92 -15.25
C LYS D 96 -45.85 2.28 -16.29
N TYR D 97 -45.87 1.59 -17.42
CA TYR D 97 -44.95 1.84 -18.50
C TYR D 97 -45.69 2.26 -19.76
N PRO D 98 -46.19 3.51 -19.84
CA PRO D 98 -46.92 3.96 -21.04
C PRO D 98 -45.96 4.00 -22.23
N GLN D 99 -46.48 3.70 -23.42
CA GLN D 99 -45.80 4.07 -24.66
C GLN D 99 -45.96 5.57 -24.86
N VAL D 100 -44.83 6.28 -24.99
CA VAL D 100 -44.88 7.71 -25.27
C VAL D 100 -44.02 7.94 -26.50
N ASN D 101 -44.68 8.37 -27.60
CA ASN D 101 -44.00 8.66 -28.85
C ASN D 101 -43.23 7.43 -29.33
N GLY D 102 -43.82 6.23 -29.15
CA GLY D 102 -43.19 4.98 -29.59
C GLY D 102 -42.05 4.48 -28.68
N LEU D 103 -41.81 5.15 -27.55
CA LEU D 103 -40.81 4.73 -26.57
C LEU D 103 -41.52 4.28 -25.30
N THR D 104 -41.00 3.23 -24.66
CA THR D 104 -41.49 2.80 -23.36
C THR D 104 -40.93 3.76 -22.33
N SER D 105 -41.84 4.45 -21.59
CA SER D 105 -41.50 5.31 -20.47
C SER D 105 -41.97 4.71 -19.14
N ILE D 106 -41.81 5.48 -18.05
CA ILE D 106 -42.37 5.08 -16.76
C ILE D 106 -43.14 6.26 -16.17
N LYS D 107 -44.39 6.01 -15.75
CA LYS D 107 -45.14 7.01 -15.01
C LYS D 107 -44.44 7.31 -13.68
N TRP D 108 -44.36 8.59 -13.33
CA TRP D 108 -43.63 8.97 -12.13
C TRP D 108 -44.14 8.24 -10.90
N ALA D 109 -43.21 7.69 -10.11
CA ALA D 109 -43.47 7.03 -8.84
C ALA D 109 -42.12 6.82 -8.16
N ASP D 110 -42.09 6.94 -6.83
CA ASP D 110 -40.92 6.56 -6.04
C ASP D 110 -39.64 7.23 -6.52
N ASN D 111 -39.67 8.49 -6.97
CA ASN D 111 -38.48 9.17 -7.45
C ASN D 111 -37.79 8.38 -8.57
N ASN D 112 -38.60 7.89 -9.50
CA ASN D 112 -38.01 7.08 -10.55
C ASN D 112 -37.65 7.93 -11.76
N SER D 113 -37.64 9.26 -11.65
CA SER D 113 -37.37 10.07 -12.84
C SER D 113 -36.05 9.72 -13.52
N TYR D 114 -35.03 9.35 -12.74
CA TYR D 114 -33.73 9.08 -13.32
C TYR D 114 -33.82 7.79 -14.13
N LEU D 115 -34.59 6.82 -13.63
CA LEU D 115 -34.73 5.54 -14.32
C LEU D 115 -35.55 5.68 -15.60
N ALA D 116 -36.58 6.54 -15.57
CA ALA D 116 -37.35 6.76 -16.78
C ALA D 116 -36.39 7.32 -17.82
N THR D 117 -35.56 8.31 -17.44
CA THR D 117 -34.70 8.96 -18.39
C THR D 117 -33.70 7.94 -18.95
N ALA D 118 -33.15 7.08 -18.09
CA ALA D 118 -32.16 6.12 -18.55
C ALA D 118 -32.81 5.11 -19.48
N LEU D 119 -34.02 4.64 -19.11
CA LEU D 119 -34.77 3.69 -19.91
C LEU D 119 -35.03 4.25 -21.31
N LEU D 120 -35.48 5.50 -21.40
CA LEU D 120 -35.75 6.13 -22.68
C LEU D 120 -34.46 6.22 -23.52
N THR D 121 -33.34 6.58 -22.87
CA THR D 121 -32.06 6.73 -23.55
C THR D 121 -31.63 5.38 -24.11
N LEU D 122 -31.75 4.35 -23.28
CA LEU D 122 -31.31 3.02 -23.66
C LEU D 122 -32.07 2.54 -24.89
N GLN D 123 -33.25 3.10 -25.19
CA GLN D 123 -33.97 2.66 -26.37
C GLN D 123 -33.49 3.40 -27.61
N GLN D 124 -32.50 4.29 -27.51
CA GLN D 124 -32.19 5.12 -28.66
C GLN D 124 -30.71 5.03 -29.05
N ILE D 125 -29.89 4.22 -28.36
CA ILE D 125 -28.48 4.09 -28.70
C ILE D 125 -28.19 2.61 -28.87
N GLU D 126 -27.10 2.29 -29.57
CA GLU D 126 -26.78 0.91 -29.86
C GLU D 126 -25.95 0.32 -28.72
N LEU D 127 -26.47 -0.71 -28.04
CA LEU D 127 -25.75 -1.25 -26.90
C LEU D 127 -26.18 -2.70 -26.66
N LYS D 128 -25.23 -3.60 -26.40
CA LYS D 128 -25.58 -4.98 -26.08
C LYS D 128 -24.97 -5.30 -24.71
N PHE D 129 -25.71 -5.97 -23.82
CA PHE D 129 -25.22 -6.29 -22.49
C PHE D 129 -24.67 -7.72 -22.44
N ASN D 130 -23.63 -7.95 -21.63
CA ASN D 130 -22.99 -9.25 -21.53
C ASN D 130 -23.83 -10.28 -20.75
N PRO D 131 -24.35 -9.99 -19.53
CA PRO D 131 -25.18 -10.98 -18.83
C PRO D 131 -26.48 -11.25 -19.59
N PRO D 132 -26.81 -12.54 -19.89
CA PRO D 132 -28.11 -12.88 -20.51
C PRO D 132 -29.31 -12.24 -19.84
N ALA D 133 -29.32 -12.18 -18.50
CA ALA D 133 -30.42 -11.55 -17.80
C ALA D 133 -30.65 -10.12 -18.26
N LEU D 134 -29.58 -9.30 -18.32
CA LEU D 134 -29.72 -7.91 -18.72
C LEU D 134 -30.20 -7.79 -20.19
N GLN D 135 -29.61 -8.58 -21.08
CA GLN D 135 -29.92 -8.47 -22.49
C GLN D 135 -31.37 -8.90 -22.73
N ASP D 136 -31.75 -10.06 -22.19
CA ASP D 136 -33.12 -10.54 -22.26
C ASP D 136 -34.06 -9.43 -21.80
N ALA D 137 -33.80 -8.85 -20.62
CA ALA D 137 -34.69 -7.87 -20.05
C ALA D 137 -34.75 -6.62 -20.93
N TYR D 138 -33.63 -6.25 -21.56
CA TYR D 138 -33.59 -5.06 -22.40
C TYR D 138 -34.47 -5.23 -23.64
N TYR D 139 -34.39 -6.43 -24.25
CA TYR D 139 -35.23 -6.75 -25.39
C TYR D 139 -36.71 -6.64 -25.01
N ARG D 140 -37.09 -7.12 -23.83
CA ARG D 140 -38.48 -7.13 -23.45
C ARG D 140 -38.94 -5.70 -23.14
N ALA D 141 -38.03 -4.88 -22.60
CA ALA D 141 -38.38 -3.50 -22.27
C ALA D 141 -38.64 -2.72 -23.56
N ARG D 142 -37.82 -3.01 -24.61
CA ARG D 142 -38.05 -2.44 -25.94
C ARG D 142 -39.45 -2.82 -26.44
N ALA D 143 -39.90 -4.02 -26.06
CA ALA D 143 -41.18 -4.49 -26.54
C ALA D 143 -42.32 -3.99 -25.64
N GLY D 144 -42.00 -3.35 -24.51
CA GLY D 144 -43.04 -2.78 -23.65
C GLY D 144 -43.08 -3.36 -22.24
N GLU D 145 -42.52 -4.58 -22.00
CA GLU D 145 -42.45 -5.20 -20.68
C GLU D 145 -41.19 -4.74 -19.94
N ALA D 146 -41.25 -3.61 -19.25
CA ALA D 146 -40.01 -3.01 -18.77
C ALA D 146 -39.77 -3.20 -17.27
N ALA D 147 -40.70 -3.85 -16.56
CA ALA D 147 -40.59 -3.98 -15.10
C ALA D 147 -39.33 -4.71 -14.66
N ASN D 148 -39.02 -5.84 -15.32
CA ASN D 148 -37.82 -6.59 -14.99
C ASN D 148 -36.55 -5.82 -15.31
N PHE D 149 -36.55 -5.18 -16.48
CA PHE D 149 -35.39 -4.41 -16.86
C PHE D 149 -35.04 -3.39 -15.76
N CYS D 150 -36.04 -2.62 -15.32
CA CYS D 150 -35.82 -1.61 -14.30
C CYS D 150 -35.32 -2.23 -13.00
N ALA D 151 -35.88 -3.39 -12.64
CA ALA D 151 -35.50 -4.05 -11.40
C ALA D 151 -34.03 -4.51 -11.49
N LEU D 152 -33.65 -4.97 -12.68
CA LEU D 152 -32.28 -5.43 -12.92
C LEU D 152 -31.31 -4.25 -12.93
N ILE D 153 -31.70 -3.11 -13.53
CA ILE D 153 -30.83 -1.93 -13.47
C ILE D 153 -30.58 -1.56 -12.00
N LEU D 154 -31.64 -1.58 -11.19
CA LEU D 154 -31.48 -1.29 -9.78
C LEU D 154 -30.53 -2.29 -9.12
N ALA D 155 -30.73 -3.60 -9.37
CA ALA D 155 -29.93 -4.61 -8.70
C ALA D 155 -28.47 -4.52 -9.14
N TYR D 156 -28.21 -4.26 -10.43
CA TYR D 156 -26.84 -4.21 -10.90
C TYR D 156 -26.14 -2.94 -10.40
N CYS D 157 -26.87 -1.86 -10.21
CA CYS D 157 -26.21 -0.62 -9.80
C CYS D 157 -26.20 -0.46 -8.27
N ASN D 158 -26.64 -1.50 -7.54
CA ASN D 158 -26.80 -1.43 -6.09
C ASN D 158 -27.53 -0.16 -5.66
N LYS D 159 -28.73 0.05 -6.21
CA LYS D 159 -29.59 1.17 -5.87
C LYS D 159 -30.94 0.67 -5.36
N THR D 160 -31.52 1.38 -4.40
CA THR D 160 -32.74 0.93 -3.76
C THR D 160 -33.87 1.78 -4.34
N VAL D 161 -35.03 1.16 -4.57
CA VAL D 161 -36.19 1.90 -5.03
C VAL D 161 -36.43 3.03 -4.04
N GLY D 162 -36.70 4.24 -4.56
CA GLY D 162 -37.03 5.34 -3.68
C GLY D 162 -35.89 6.33 -3.58
N GLU D 163 -34.64 5.87 -3.78
CA GLU D 163 -33.46 6.73 -3.61
C GLU D 163 -33.19 7.53 -4.87
N LEU D 164 -32.78 8.78 -4.69
CA LEU D 164 -32.40 9.66 -5.78
C LEU D 164 -31.29 8.98 -6.59
N GLY D 165 -31.37 9.10 -7.93
CA GLY D 165 -30.35 8.52 -8.76
C GLY D 165 -29.78 9.56 -9.70
N ASP D 166 -28.56 9.29 -10.16
CA ASP D 166 -27.86 10.09 -11.15
C ASP D 166 -27.84 9.31 -12.47
N VAL D 167 -28.27 9.93 -13.57
CA VAL D 167 -28.32 9.23 -14.85
C VAL D 167 -26.90 8.85 -15.35
N ARG D 168 -25.99 9.82 -15.29
CA ARG D 168 -24.61 9.60 -15.70
C ARG D 168 -23.98 8.43 -14.94
N GLU D 169 -24.27 8.36 -13.65
CA GLU D 169 -23.71 7.32 -12.81
C GLU D 169 -24.32 5.97 -13.21
N THR D 170 -25.62 5.97 -13.54
CA THR D 170 -26.32 4.74 -13.89
C THR D 170 -25.75 4.21 -15.21
N MET D 171 -25.62 5.12 -16.19
CA MET D 171 -25.11 4.76 -17.50
C MET D 171 -23.70 4.17 -17.37
N SER D 172 -22.89 4.81 -16.53
CA SER D 172 -21.53 4.38 -16.29
C SER D 172 -21.47 2.94 -15.81
N TYR D 173 -22.29 2.59 -14.81
CA TYR D 173 -22.29 1.27 -14.20
C TYR D 173 -22.81 0.25 -15.22
N LEU D 174 -23.90 0.62 -15.91
CA LEU D 174 -24.47 -0.28 -16.90
C LEU D 174 -23.43 -0.51 -17.99
N PHE D 175 -22.67 0.52 -18.37
CA PHE D 175 -21.69 0.43 -19.44
C PHE D 175 -20.61 -0.62 -19.10
N GLN D 176 -20.29 -0.75 -17.82
CA GLN D 176 -19.33 -1.78 -17.39
C GLN D 176 -19.84 -3.16 -17.79
N HIS D 177 -21.16 -3.33 -17.92
CA HIS D 177 -21.74 -4.64 -18.17
C HIS D 177 -22.06 -4.83 -19.65
N ALA D 178 -21.71 -3.79 -20.44
CA ALA D 178 -22.02 -3.81 -21.86
C ALA D 178 -20.77 -4.16 -22.66
N ASN D 179 -20.98 -4.71 -23.86
CA ASN D 179 -19.88 -4.98 -24.76
C ASN D 179 -19.54 -3.68 -25.50
N LEU D 180 -18.52 -2.97 -24.99
CA LEU D 180 -18.03 -1.75 -25.61
C LEU D 180 -16.54 -1.88 -25.86
N ASP D 181 -16.08 -3.15 -25.99
CA ASP D 181 -14.66 -3.46 -25.96
C ASP D 181 -13.94 -2.85 -27.16
N SER D 182 -14.58 -2.85 -28.33
CA SER D 182 -13.98 -2.29 -29.54
C SER D 182 -14.01 -0.76 -29.55
N CYS D 183 -14.77 -0.10 -28.66
CA CYS D 183 -14.90 1.34 -28.81
C CYS D 183 -13.54 2.04 -28.58
N LYS D 184 -13.19 2.95 -29.47
CA LYS D 184 -11.90 3.61 -29.39
C LYS D 184 -12.06 5.13 -29.52
N ARG D 185 -11.35 5.85 -28.64
CA ARG D 185 -11.26 7.31 -28.70
C ARG D 185 -9.79 7.72 -28.71
N VAL D 186 -9.43 8.60 -29.65
CA VAL D 186 -8.08 9.16 -29.70
C VAL D 186 -8.20 10.68 -29.56
N LEU D 187 -7.45 11.24 -28.58
CA LEU D 187 -7.46 12.66 -28.24
C LEU D 187 -6.08 13.24 -28.48
N ASN D 188 -6.04 14.54 -28.79
CA ASN D 188 -4.81 15.30 -28.79
C ASN D 188 -4.97 16.50 -27.87
N VAL D 189 -3.93 16.76 -27.07
CA VAL D 189 -3.79 17.98 -26.30
C VAL D 189 -2.57 18.76 -26.81
N VAL D 190 -2.79 20.03 -27.18
CA VAL D 190 -1.72 20.85 -27.74
C VAL D 190 -1.52 22.08 -26.85
N CYS D 191 -0.25 22.30 -26.45
CA CYS D 191 0.22 23.44 -25.70
C CYS D 191 1.11 24.27 -26.64
N LYS D 192 0.87 25.60 -26.61
CA LYS D 192 1.62 26.51 -27.46
C LYS D 192 3.09 26.54 -26.99
N THR D 193 3.34 26.08 -25.77
CA THR D 193 4.65 25.92 -25.13
C THR D 193 5.14 24.46 -25.18
N CYS D 194 4.33 23.53 -24.62
CA CYS D 194 4.76 22.20 -24.26
C CYS D 194 4.76 21.25 -25.46
N GLY D 195 3.95 21.50 -26.49
CA GLY D 195 3.84 20.61 -27.65
C GLY D 195 2.55 19.79 -27.68
N GLN D 196 2.59 18.59 -28.29
CA GLN D 196 1.38 17.81 -28.49
C GLN D 196 1.50 16.47 -27.76
N GLN D 197 0.46 16.09 -27.02
CA GLN D 197 0.36 14.75 -26.46
C GLN D 197 -0.96 14.10 -26.86
N GLN D 198 -0.88 12.88 -27.39
CA GLN D 198 -2.02 12.07 -27.78
C GLN D 198 -2.38 11.02 -26.72
N THR D 199 -3.68 10.75 -26.55
CA THR D 199 -4.16 9.70 -25.65
C THR D 199 -5.14 8.80 -26.40
N THR D 200 -4.97 7.48 -26.21
CA THR D 200 -5.96 6.52 -26.69
C THR D 200 -6.72 5.90 -25.52
N LEU D 201 -8.06 5.89 -25.63
CA LEU D 201 -8.88 5.22 -24.65
C LEU D 201 -9.73 4.18 -25.36
N LYS D 202 -10.02 3.10 -24.63
CA LYS D 202 -10.81 1.98 -25.14
C LYS D 202 -11.89 1.63 -24.14
N GLY D 203 -13.03 1.12 -24.62
CA GLY D 203 -14.08 0.64 -23.72
C GLY D 203 -14.95 1.79 -23.22
N VAL D 204 -15.42 1.68 -21.97
CA VAL D 204 -16.36 2.64 -21.42
C VAL D 204 -15.78 4.04 -21.55
N GLU D 205 -14.48 4.20 -21.22
CA GLU D 205 -13.89 5.52 -21.26
C GLU D 205 -13.90 6.10 -22.66
N ALA D 206 -14.15 5.28 -23.68
CA ALA D 206 -14.12 5.81 -25.04
C ALA D 206 -15.42 6.52 -25.44
N VAL D 207 -16.50 6.29 -24.67
CA VAL D 207 -17.79 6.83 -25.05
C VAL D 207 -18.31 7.87 -24.04
N MET D 208 -17.49 8.22 -23.04
CA MET D 208 -17.95 9.10 -21.98
C MET D 208 -17.07 10.33 -21.85
N TYR D 209 -17.68 11.45 -21.50
CA TYR D 209 -16.93 12.68 -21.31
C TYR D 209 -17.65 13.51 -20.26
N MET D 210 -16.88 14.11 -19.34
CA MET D 210 -17.45 14.98 -18.34
C MET D 210 -16.80 16.36 -18.45
N GLY D 211 -17.59 17.38 -18.78
CA GLY D 211 -17.07 18.74 -18.79
C GLY D 211 -17.70 19.64 -19.85
N THR D 212 -18.19 19.04 -20.95
CA THR D 212 -18.89 19.79 -21.98
C THR D 212 -20.03 18.95 -22.57
N LEU D 213 -21.15 19.62 -22.89
CA LEU D 213 -22.29 18.96 -23.48
C LEU D 213 -22.14 18.83 -25.00
N SER D 214 -21.32 19.71 -25.59
CA SER D 214 -21.31 19.87 -27.05
C SER D 214 -20.31 18.91 -27.69
N TYR D 215 -20.77 18.01 -28.56
CA TYR D 215 -19.85 17.12 -29.24
C TYR D 215 -19.06 17.91 -30.28
N GLU D 216 -19.71 18.92 -30.87
CA GLU D 216 -19.06 19.81 -31.82
C GLU D 216 -17.87 20.49 -31.14
N GLN D 217 -18.10 21.01 -29.93
CA GLN D 217 -17.09 21.73 -29.19
C GLN D 217 -15.89 20.82 -28.94
N PHE D 218 -16.13 19.54 -28.62
CA PHE D 218 -15.06 18.59 -28.41
C PHE D 218 -14.29 18.33 -29.70
N LYS D 219 -14.99 18.35 -30.85
CA LYS D 219 -14.33 18.17 -32.14
C LYS D 219 -13.44 19.37 -32.48
N LYS D 220 -13.94 20.57 -32.18
CA LYS D 220 -13.26 21.83 -32.50
C LYS D 220 -12.07 22.04 -31.56
N GLY D 221 -12.23 21.66 -30.29
CA GLY D 221 -11.21 21.91 -29.28
C GLY D 221 -11.80 22.60 -28.04
N VAL D 222 -11.43 22.12 -26.85
CA VAL D 222 -11.83 22.71 -25.58
C VAL D 222 -10.57 23.03 -24.78
N GLN D 223 -10.61 24.14 -24.06
CA GLN D 223 -9.48 24.65 -23.29
C GLN D 223 -9.41 23.89 -21.98
N ILE D 224 -8.20 23.43 -21.62
CA ILE D 224 -7.93 22.87 -20.31
C ILE D 224 -6.55 23.31 -19.85
N PRO D 225 -6.30 23.38 -18.52
CA PRO D 225 -4.95 23.63 -18.00
C PRO D 225 -3.92 22.63 -18.47
N CYS D 226 -2.71 23.12 -18.76
CA CYS D 226 -1.54 22.30 -19.04
C CYS D 226 -0.67 22.30 -17.79
N THR D 227 0.16 21.25 -17.66
CA THR D 227 1.25 21.25 -16.70
C THR D 227 2.09 22.53 -16.83
N CYS D 228 2.15 23.16 -18.03
CA CYS D 228 2.90 24.40 -18.29
C CYS D 228 2.48 25.49 -17.29
N GLY D 229 1.25 25.39 -16.74
CA GLY D 229 0.63 26.54 -16.11
C GLY D 229 -0.21 27.37 -17.09
N LYS D 230 -0.09 27.09 -18.39
CA LYS D 230 -0.85 27.79 -19.43
C LYS D 230 -2.05 26.94 -19.84
N GLN D 231 -2.88 27.46 -20.75
CA GLN D 231 -4.06 26.78 -21.26
C GLN D 231 -3.69 25.95 -22.49
N ALA D 232 -4.14 24.69 -22.53
CA ALA D 232 -3.93 23.82 -23.70
C ALA D 232 -5.26 23.58 -24.43
N THR D 233 -5.17 23.04 -25.65
CA THR D 233 -6.38 22.67 -26.38
C THR D 233 -6.45 21.16 -26.52
N LYS D 234 -7.59 20.59 -26.10
CA LYS D 234 -7.89 19.17 -26.25
C LYS D 234 -8.95 19.01 -27.34
N TYR D 235 -8.68 18.12 -28.31
CA TYR D 235 -9.63 17.95 -29.40
C TYR D 235 -9.65 16.47 -29.82
N LEU D 236 -10.82 16.05 -30.34
CA LEU D 236 -11.04 14.66 -30.69
C LEU D 236 -10.36 14.38 -32.03
N VAL D 237 -9.55 13.34 -32.08
CA VAL D 237 -8.83 13.02 -33.30
C VAL D 237 -9.57 11.90 -34.02
N GLN D 238 -9.94 10.86 -33.27
CA GLN D 238 -10.65 9.73 -33.84
C GLN D 238 -11.63 9.12 -32.86
N GLN D 239 -12.78 8.69 -33.38
CA GLN D 239 -13.82 8.11 -32.54
C GLN D 239 -14.40 6.92 -33.29
N GLU D 240 -14.39 5.74 -32.66
CA GLU D 240 -15.05 4.59 -33.22
C GLU D 240 -15.98 4.00 -32.15
N SER D 241 -17.28 4.30 -32.27
CA SER D 241 -18.31 3.82 -31.37
C SER D 241 -19.67 4.16 -31.95
N PRO D 242 -20.76 3.41 -31.62
CA PRO D 242 -22.07 3.73 -32.20
C PRO D 242 -22.73 4.99 -31.63
N PHE D 243 -22.20 5.46 -30.49
CA PHE D 243 -22.72 6.65 -29.85
C PHE D 243 -21.61 7.24 -28.99
N VAL D 244 -21.86 8.47 -28.50
CA VAL D 244 -21.04 9.08 -27.46
C VAL D 244 -22.02 9.74 -26.49
N MET D 245 -21.62 9.79 -25.21
CA MET D 245 -22.32 10.51 -24.16
C MET D 245 -21.44 11.65 -23.65
N MET D 246 -21.94 12.89 -23.78
CA MET D 246 -21.26 14.08 -23.28
C MET D 246 -22.02 14.62 -22.07
N SER D 247 -21.35 14.73 -20.92
CA SER D 247 -21.96 15.16 -19.66
C SER D 247 -21.29 16.42 -19.13
N ALA D 248 -22.01 17.12 -18.25
CA ALA D 248 -21.52 18.31 -17.57
C ALA D 248 -22.43 18.65 -16.39
N PRO D 249 -21.94 19.36 -15.36
CA PRO D 249 -22.79 19.79 -14.26
C PRO D 249 -23.99 20.50 -14.87
N PRO D 250 -25.23 20.24 -14.37
CA PRO D 250 -26.42 20.85 -14.97
C PRO D 250 -26.27 22.37 -15.12
N ALA D 251 -26.58 22.89 -16.33
CA ALA D 251 -26.52 24.29 -16.69
C ALA D 251 -27.49 24.58 -17.84
N GLN D 252 -28.05 25.80 -17.86
CA GLN D 252 -28.88 26.26 -18.96
C GLN D 252 -28.15 26.04 -20.27
N TYR D 253 -28.84 25.42 -21.23
CA TYR D 253 -28.26 25.04 -22.50
C TYR D 253 -29.39 24.96 -23.52
N GLU D 254 -29.05 25.29 -24.78
CA GLU D 254 -30.02 25.26 -25.85
C GLU D 254 -29.79 24.00 -26.68
N LEU D 255 -30.82 23.13 -26.77
CA LEU D 255 -30.78 21.95 -27.62
C LEU D 255 -31.36 22.30 -29.00
N LYS D 256 -30.54 22.17 -30.06
CA LYS D 256 -31.04 22.43 -31.41
C LYS D 256 -31.55 21.15 -32.06
N HIS D 257 -32.76 21.25 -32.64
CA HIS D 257 -33.42 20.15 -33.33
C HIS D 257 -32.50 19.50 -34.35
N GLY D 258 -32.37 18.17 -34.26
CA GLY D 258 -31.67 17.37 -35.25
C GLY D 258 -30.16 17.37 -35.06
N THR D 259 -29.65 17.96 -33.97
CA THR D 259 -28.20 18.06 -33.77
C THR D 259 -27.70 17.06 -32.71
N PHE D 260 -28.58 16.22 -32.19
CA PHE D 260 -28.26 15.25 -31.14
C PHE D 260 -29.35 14.19 -31.15
N THR D 261 -29.18 13.09 -30.41
CA THR D 261 -30.25 12.08 -30.32
C THR D 261 -31.17 12.36 -29.14
N CYS D 262 -30.63 12.34 -27.92
CA CYS D 262 -31.46 12.60 -26.75
C CYS D 262 -30.59 13.23 -25.68
N ALA D 263 -31.24 13.75 -24.62
CA ALA D 263 -30.57 14.50 -23.58
C ALA D 263 -31.30 14.33 -22.25
N SER D 264 -30.54 14.52 -21.16
CA SER D 264 -31.08 14.55 -19.81
C SER D 264 -31.16 15.99 -19.32
N GLU D 265 -32.34 16.38 -18.84
CA GLU D 265 -32.51 17.61 -18.09
C GLU D 265 -32.59 17.32 -16.59
N TYR D 266 -31.80 18.06 -15.78
CA TYR D 266 -31.82 17.93 -14.32
C TYR D 266 -32.13 19.27 -13.62
N THR D 267 -33.26 19.31 -12.91
CA THR D 267 -33.59 20.42 -12.00
C THR D 267 -33.44 19.92 -10.57
N GLY D 268 -32.58 20.58 -9.79
CA GLY D 268 -32.35 20.21 -8.39
C GLY D 268 -30.88 20.21 -8.03
N ASN D 269 -30.53 19.48 -6.95
CA ASN D 269 -29.14 19.37 -6.52
C ASN D 269 -28.88 17.91 -6.14
N TYR D 270 -27.88 17.68 -5.27
CA TYR D 270 -27.47 16.33 -4.88
C TYR D 270 -28.49 15.71 -3.94
N GLN D 271 -29.31 16.53 -3.29
CA GLN D 271 -30.17 15.99 -2.26
C GLN D 271 -31.57 15.72 -2.81
N SER D 272 -31.98 16.48 -3.84
CA SER D 272 -33.33 16.43 -4.38
C SER D 272 -33.36 17.04 -5.77
N GLY D 273 -34.25 16.51 -6.63
CA GLY D 273 -34.41 17.08 -7.95
C GLY D 273 -35.18 16.13 -8.86
N HIS D 274 -35.30 16.51 -10.13
CA HIS D 274 -36.17 15.83 -11.07
C HIS D 274 -35.51 15.83 -12.44
N TYR D 275 -35.52 14.67 -13.08
CA TYR D 275 -35.00 14.55 -14.43
C TYR D 275 -36.16 14.59 -15.41
N LYS D 276 -35.91 15.18 -16.58
CA LYS D 276 -36.75 15.02 -17.75
C LYS D 276 -35.86 14.61 -18.92
N HIS D 277 -36.50 14.02 -19.93
CA HIS D 277 -35.82 13.50 -21.10
C HIS D 277 -36.20 14.30 -22.34
N ILE D 278 -35.22 14.78 -23.10
CA ILE D 278 -35.52 15.48 -24.33
C ILE D 278 -34.96 14.67 -25.49
N THR D 279 -35.83 14.34 -26.46
CA THR D 279 -35.43 13.50 -27.58
C THR D 279 -35.71 14.26 -28.88
N SER D 280 -34.79 14.10 -29.84
CA SER D 280 -34.90 14.77 -31.12
C SER D 280 -35.46 13.80 -32.15
N LYS D 281 -36.71 14.05 -32.56
CA LYS D 281 -37.38 13.26 -33.58
C LYS D 281 -37.72 14.18 -34.74
N GLU D 282 -38.99 14.18 -35.19
CA GLU D 282 -39.37 15.11 -36.25
C GLU D 282 -39.47 16.52 -35.68
N THR D 283 -39.60 16.61 -34.35
CA THR D 283 -39.46 17.86 -33.61
C THR D 283 -38.87 17.49 -32.25
N LEU D 284 -38.78 18.45 -31.32
CA LEU D 284 -38.23 18.18 -29.98
C LEU D 284 -39.35 17.70 -29.06
N TYR D 285 -39.15 16.50 -28.50
CA TYR D 285 -40.07 15.95 -27.53
C TYR D 285 -39.44 16.03 -26.15
N CYS D 286 -40.25 16.47 -25.19
CA CYS D 286 -39.88 16.45 -23.79
C CYS D 286 -40.74 15.42 -23.08
N ILE D 287 -40.13 14.26 -22.76
CA ILE D 287 -40.83 13.16 -22.12
C ILE D 287 -40.55 13.23 -20.63
N ASP D 288 -41.64 13.44 -19.87
CA ASP D 288 -41.54 13.61 -18.43
C ASP D 288 -42.40 12.51 -17.82
N GLY D 289 -41.80 11.32 -17.66
CA GLY D 289 -42.56 10.18 -17.20
C GLY D 289 -43.63 9.84 -18.22
N ALA D 290 -44.91 10.04 -17.84
CA ALA D 290 -46.02 9.65 -18.71
C ALA D 290 -46.46 10.79 -19.63
N LEU D 291 -45.97 12.01 -19.36
CA LEU D 291 -46.50 13.22 -19.96
C LEU D 291 -45.50 13.72 -21.00
N LEU D 292 -46.05 14.34 -22.05
CA LEU D 292 -45.25 14.67 -23.23
C LEU D 292 -45.55 16.10 -23.67
N THR D 293 -44.49 16.89 -23.92
CA THR D 293 -44.70 18.15 -24.61
C THR D 293 -43.77 18.23 -25.82
N LYS D 294 -44.21 18.94 -26.87
CA LYS D 294 -43.43 19.09 -28.08
C LYS D 294 -43.12 20.58 -28.22
N SER D 295 -42.01 20.89 -28.90
CA SER D 295 -41.62 22.26 -29.20
C SER D 295 -40.55 22.26 -30.29
N SER D 296 -40.38 23.38 -31.00
CA SER D 296 -39.34 23.48 -32.02
C SER D 296 -38.01 23.90 -31.42
N GLU D 297 -38.02 24.58 -30.27
CA GLU D 297 -36.79 24.93 -29.56
C GLU D 297 -36.82 24.35 -28.14
N TYR D 298 -35.64 24.22 -27.50
CA TYR D 298 -35.57 23.79 -26.12
C TYR D 298 -34.36 24.41 -25.44
N LYS D 299 -34.61 25.02 -24.27
CA LYS D 299 -33.57 25.63 -23.45
C LYS D 299 -33.86 25.23 -21.99
N GLY D 300 -32.87 24.68 -21.30
CA GLY D 300 -33.11 24.20 -19.94
C GLY D 300 -31.81 23.72 -19.29
N PRO D 301 -31.86 23.25 -18.03
CA PRO D 301 -30.66 22.75 -17.36
C PRO D 301 -30.32 21.33 -17.82
N ILE D 302 -29.49 21.23 -18.85
CA ILE D 302 -29.14 19.94 -19.43
C ILE D 302 -27.85 19.44 -18.78
N THR D 303 -27.73 18.12 -18.62
CA THR D 303 -26.60 17.54 -17.90
C THR D 303 -25.92 16.42 -18.69
N ASP D 304 -26.65 15.80 -19.63
CA ASP D 304 -26.13 14.76 -20.51
C ASP D 304 -26.71 14.92 -21.91
N VAL D 305 -25.87 14.74 -22.93
CA VAL D 305 -26.37 14.72 -24.31
C VAL D 305 -25.78 13.50 -25.00
N PHE D 306 -26.62 12.80 -25.76
CA PHE D 306 -26.20 11.60 -26.48
C PHE D 306 -26.25 11.86 -27.97
N TYR D 307 -25.16 11.55 -28.68
CA TYR D 307 -25.04 11.72 -30.11
C TYR D 307 -24.72 10.37 -30.76
N LYS D 308 -25.19 10.20 -31.99
CA LYS D 308 -24.87 9.04 -32.82
C LYS D 308 -23.45 9.21 -33.39
N GLU D 309 -22.80 8.07 -33.61
CA GLU D 309 -21.49 8.08 -34.20
C GLU D 309 -21.33 6.76 -34.94
N ASN D 310 -20.35 6.68 -35.84
CA ASN D 310 -19.89 5.38 -36.31
C ASN D 310 -18.37 5.41 -36.35
N SER D 311 -17.84 6.24 -37.25
CA SER D 311 -16.40 6.36 -37.38
C SER D 311 -16.07 7.79 -37.75
N TYR D 312 -15.34 8.48 -36.89
CA TYR D 312 -15.01 9.86 -37.12
C TYR D 312 -13.50 10.07 -37.08
N THR D 313 -13.01 10.79 -38.10
CA THR D 313 -11.62 11.23 -38.16
C THR D 313 -11.59 12.76 -38.27
N THR D 314 -10.72 13.41 -37.50
CA THR D 314 -10.64 14.87 -37.56
C THR D 314 -10.11 15.33 -38.92
N THR D 315 -10.43 16.58 -39.28
CA THR D 315 -9.79 17.22 -40.41
C THR D 315 -8.70 18.20 -39.93
N ILE D 316 -8.57 18.39 -38.62
CA ILE D 316 -7.50 19.21 -38.05
C ILE D 316 -6.16 18.56 -38.37
N LYS D 317 -5.21 19.40 -38.85
CA LYS D 317 -3.88 18.97 -39.24
C LYS D 317 -2.95 19.06 -38.02
N PRO D 318 -2.36 17.93 -37.57
CA PRO D 318 -1.55 17.92 -36.35
C PRO D 318 -0.14 18.52 -36.53
N LEU D 319 0.67 18.51 -35.46
CA LEU D 319 2.07 18.94 -35.53
C LEU D 319 2.90 18.04 -36.45
N GLU D 320 2.58 16.73 -36.52
CA GLU D 320 3.28 15.80 -37.39
C GLU D 320 2.90 16.02 -38.86
N HIS D 321 1.97 16.94 -39.15
CA HIS D 321 1.34 17.03 -40.47
C HIS D 321 2.31 17.52 -41.54
N HIS D 322 2.34 16.81 -42.69
CA HIS D 322 3.23 17.07 -43.81
C HIS D 322 2.49 17.72 -44.99
N HIS D 323 3.19 18.54 -45.80
CA HIS D 323 2.82 18.74 -47.21
C HIS D 323 3.41 17.61 -48.06
C10 A1ARL E . -14.71 15.12 -9.13
C01 A1ARL E . -16.81 18.91 -8.50
C02 A1ARL E . -18.37 17.74 -7.36
C03 A1ARL E . -16.65 16.57 -8.37
C04 A1ARL E . -16.11 17.78 -8.83
C05 A1ARL E . -15.02 18.21 -9.60
C06 A1ARL E . -16.47 21.34 -8.95
C07 A1ARL E . -12.11 14.68 -9.98
C08 A1ARL E . -13.17 14.55 -10.88
C09 A1ARL E . -14.48 14.78 -10.45
C11 A1ARL E . -13.65 15.25 -8.22
C12 A1ARL E . -12.35 15.02 -8.65
N01 A1ARL E . -17.94 18.92 -7.75
N02 A1ARL E . -17.75 16.56 -7.64
N03 A1ARL E . -16.03 15.36 -8.65
N04 A1ARL E . -15.01 19.51 -9.73
N05 A1ARL E . -16.12 19.94 -9.05
CL01 A1ARL E . -13.94 15.68 -6.56
ZN ZN F . -43.23 18.23 2.72
C10 A1ARL G . 46.93 12.24 2.57
C01 A1ARL G . 49.29 15.88 3.01
C02 A1ARL G . 50.86 14.91 1.70
C03 A1ARL G . 48.98 13.68 2.21
C04 A1ARL G . 48.50 14.78 2.97
C05 A1ARL G . 47.37 15.08 3.75
C06 A1ARL G . 49.09 18.11 4.12
C07 A1ARL G . 44.34 11.77 3.42
C08 A1ARL G . 45.41 11.41 4.23
C09 A1ARL G . 46.71 11.65 3.81
C11 A1ARL G . 45.86 12.61 1.75
C12 A1ARL G . 44.57 12.37 2.19
N01 A1ARL G . 50.49 15.97 2.39
N02 A1ARL G . 50.14 13.77 1.59
N03 A1ARL G . 48.25 12.51 2.11
N04 A1ARL G . 47.44 16.28 4.25
N05 A1ARL G . 48.64 16.78 3.79
CL01 A1ARL G . 46.13 13.35 0.20
ZN ZN H . 75.20 13.86 -7.78
CL CL I . 39.92 8.65 -21.05
CL CL J . 38.73 -0.19 -19.59
CL CL K . 47.26 -25.31 -0.28
CL CL L . 37.61 -8.34 -17.97
C10 A1ARL M . 0.00 -16.87 31.14
C01 A1ARL M . -1.32 -20.97 31.92
C02 A1ARL M . -3.44 -20.18 31.87
C03 A1ARL M . -1.73 -18.70 31.40
C04 A1ARL M . -0.80 -19.75 31.59
C05 A1ARL M . 0.60 -19.93 31.53
C06 A1ARL M . -0.31 -23.21 32.38
C07 A1ARL M . 2.55 -15.76 31.20
C08 A1ARL M . 1.89 -16.06 32.39
C09 A1ARL M . 0.62 -16.60 32.36
C11 A1ARL M . 0.66 -16.57 29.94
C12 A1ARL M . 1.93 -16.02 29.98
N01 A1ARL M . -2.64 -21.21 32.07
N02 A1ARL M . -3.02 -18.93 31.55
N03 A1ARL M . -1.31 -17.43 31.06
N04 A1ARL M . 0.93 -21.15 31.80
N05 A1ARL M . -0.25 -21.80 32.03
CL01 A1ARL M . -0.10 -16.89 28.40
ZN ZN N . -30.78 -24.39 36.16
CL CL O . -8.69 8.02 13.97
CL CL P . -9.05 15.46 32.64
C10 A1ARL Q . -26.27 14.63 -10.08
C01 A1ARL Q . -24.66 18.69 -9.67
C02 A1ARL Q . -22.93 18.04 -10.99
C03 A1ARL Q . -24.56 16.48 -10.47
C04 A1ARL Q . -25.24 17.46 -9.72
C05 A1ARL Q . -26.40 17.57 -8.93
C06 A1ARL Q . -25.24 20.85 -8.56
C07 A1ARL Q . -28.65 13.56 -9.14
C08 A1ARL Q . -27.53 13.58 -8.32
C09 A1ARL Q . -26.33 14.11 -8.79
C11 A1ARL Q . -27.41 14.63 -10.90
C12 A1ARL Q . -28.59 14.09 -10.42
N01 A1ARL Q . -23.50 19.01 -10.30
N02 A1ARL Q . -23.44 16.79 -11.09
N03 A1ARL Q . -25.06 15.19 -10.59
N04 A1ARL Q . -26.55 18.75 -8.43
N05 A1ARL Q . -25.47 19.46 -8.89
CL01 A1ARL Q . -27.34 15.28 -12.51
ZN ZN R . 2.97 25.05 -21.74
#